data_5V0J
# 
_entry.id   5V0J 
# 
_audit_conform.dict_name       mmcif_pdbx.dic 
_audit_conform.dict_version    5.379 
_audit_conform.dict_location   http://mmcif.pdb.org/dictionaries/ascii/mmcif_pdbx.dic 
# 
loop_
_database_2.database_id 
_database_2.database_code 
_database_2.pdbx_database_accession 
_database_2.pdbx_DOI 
PDB   5V0J         pdb_00005v0j 10.2210/pdb5v0j/pdb 
WWPDB D_1000226712 ?            ?                   
# 
loop_
_pdbx_database_related.content_type 
_pdbx_database_related.db_id 
_pdbx_database_related.db_name 
_pdbx_database_related.details 
unspecified 5V0O PDB . 
unspecified 5UX3 PDB . 
unspecified 5UZ6 PDB . 
unspecified 5V0H PDB . 
unspecified 5V0K PDB . 
# 
_pdbx_database_status.status_code                     REL 
_pdbx_database_status.status_code_sf                  REL 
_pdbx_database_status.status_code_mr                  ? 
_pdbx_database_status.entry_id                        5V0J 
_pdbx_database_status.recvd_initial_deposition_date   2017-02-28 
_pdbx_database_status.SG_entry                        N 
_pdbx_database_status.deposit_site                    RCSB 
_pdbx_database_status.process_site                    RCSB 
_pdbx_database_status.status_code_cs                  ? 
_pdbx_database_status.methods_development_category    ? 
_pdbx_database_status.pdb_format_compatible           Y 
_pdbx_database_status.status_code_nmr_data            ? 
# 
loop_
_audit_author.name 
_audit_author.pdbx_ordinal 
_audit_author.identifier_ORCID 
'Zhang, W.'     1 ? 
'Tam, C.P.'     2 ? 
'Szostak, J.W.' 3 ? 
# 
_citation.abstract                  ? 
_citation.abstract_id_CAS           ? 
_citation.book_id_ISBN              ? 
_citation.book_publisher            ? 
_citation.book_publisher_city       ? 
_citation.book_title                ? 
_citation.coordinate_linkage        ? 
_citation.country                   US 
_citation.database_id_Medline       ? 
_citation.details                   ? 
_citation.id                        primary 
_citation.journal_abbrev            'J. Am. Chem. Soc.' 
_citation.journal_id_ASTM           JACSAT 
_citation.journal_id_CSD            ? 
_citation.journal_id_ISSN           1520-5126 
_citation.journal_full              ? 
_citation.journal_issue             ? 
_citation.journal_volume            140 
_citation.language                  ? 
_citation.page_first                2829 
_citation.page_last                 2840 
_citation.title                     
'Structural Rationale for the Enhanced Catalysis of Nonenzymatic RNA Primer Extension by a Downstream Oligonucleotide.' 
_citation.year                      2018 
_citation.database_id_CSD           ? 
_citation.pdbx_database_id_DOI      10.1021/jacs.7b11750 
_citation.pdbx_database_id_PubMed   29411978 
_citation.unpublished_flag          ? 
# 
loop_
_citation_author.citation_id 
_citation_author.name 
_citation_author.ordinal 
_citation_author.identifier_ORCID 
primary 'Zhang, W.'     1 ? 
primary 'Tam, C.P.'     2 ? 
primary 'Zhou, L.'      3 ? 
primary 'Oh, S.S.'      4 ? 
primary 'Wang, J.'      5 ? 
primary 'Szostak, J.W.' 6 ? 
# 
_cell.angle_alpha                  90.00 
_cell.angle_alpha_esd              ? 
_cell.angle_beta                   90.00 
_cell.angle_beta_esd               ? 
_cell.angle_gamma                  120.00 
_cell.angle_gamma_esd              ? 
_cell.entry_id                     5V0J 
_cell.details                      ? 
_cell.formula_units_Z              ? 
_cell.length_a                     43.388 
_cell.length_a_esd                 ? 
_cell.length_b                     43.388 
_cell.length_b_esd                 ? 
_cell.length_c                     253.851 
_cell.length_c_esd                 ? 
_cell.volume                       ? 
_cell.volume_esd                   ? 
_cell.Z_PDB                        36 
_cell.reciprocal_angle_alpha       ? 
_cell.reciprocal_angle_beta        ? 
_cell.reciprocal_angle_gamma       ? 
_cell.reciprocal_angle_alpha_esd   ? 
_cell.reciprocal_angle_beta_esd    ? 
_cell.reciprocal_angle_gamma_esd   ? 
_cell.reciprocal_length_a          ? 
_cell.reciprocal_length_b          ? 
_cell.reciprocal_length_c          ? 
_cell.reciprocal_length_a_esd      ? 
_cell.reciprocal_length_b_esd      ? 
_cell.reciprocal_length_c_esd      ? 
_cell.pdbx_unique_axis             ? 
# 
_symmetry.entry_id                         5V0J 
_symmetry.cell_setting                     ? 
_symmetry.Int_Tables_number                155 
_symmetry.space_group_name_Hall            ? 
_symmetry.space_group_name_H-M             'H 3 2' 
_symmetry.pdbx_full_space_group_name_H-M   ? 
# 
loop_
_entity.id 
_entity.type 
_entity.src_method 
_entity.pdbx_description 
_entity.formula_weight 
_entity.pdbx_number_of_molecules 
_entity.pdbx_ec 
_entity.pdbx_mutation 
_entity.pdbx_fragment 
_entity.details 
1 polymer     syn 
;RNA (5'-R(*(LCC)P*(LCC)P*(LCA)P*(LCG)P*AP*CP*UP*UP*AP*AP*GP*UP*CP*U)-3')
;
4483.762 2  ? ? ? ? 
2 non-polymer syn "5'-O-[(S)-hydroxy(4-methyl-1H-imidazol-5-yl)phosphoryl]guanosine"         427.309  4  ? ? ? ? 
3 non-polymer syn 'MAGNESIUM ION'                                                            24.305   1  ? ? ? ? 
4 water       nat water                                                                      18.015   50 ? ? ? ? 
# 
_entity_poly.entity_id                      1 
_entity_poly.type                           polyribonucleotide 
_entity_poly.nstd_linkage                   no 
_entity_poly.nstd_monomer                   yes 
_entity_poly.pdbx_seq_one_letter_code       '(LCC)(LCC)(LCA)(LCG)ACUUAAGUCU' 
_entity_poly.pdbx_seq_one_letter_code_can   NNAGACUUAAGUCU 
_entity_poly.pdbx_strand_id                 A,B 
_entity_poly.pdbx_target_identifier         ? 
# 
loop_
_entity_poly_seq.entity_id 
_entity_poly_seq.num 
_entity_poly_seq.mon_id 
_entity_poly_seq.hetero 
1 1  LCC n 
1 2  LCC n 
1 3  LCA n 
1 4  LCG n 
1 5  A   n 
1 6  C   n 
1 7  U   n 
1 8  U   n 
1 9  A   n 
1 10 A   n 
1 11 G   n 
1 12 U   n 
1 13 C   n 
1 14 U   n 
# 
_pdbx_entity_src_syn.entity_id              1 
_pdbx_entity_src_syn.pdbx_src_id            1 
_pdbx_entity_src_syn.pdbx_alt_source_flag   sample 
_pdbx_entity_src_syn.pdbx_beg_seq_num       1 
_pdbx_entity_src_syn.pdbx_end_seq_num       14 
_pdbx_entity_src_syn.organism_scientific    'synthetic construct' 
_pdbx_entity_src_syn.organism_common_name   ? 
_pdbx_entity_src_syn.ncbi_taxonomy_id       32630 
_pdbx_entity_src_syn.details                ? 
# 
_struct_ref.id                         1 
_struct_ref.db_name                    PDB 
_struct_ref.db_code                    5V0J 
_struct_ref.pdbx_db_accession          5V0J 
_struct_ref.pdbx_db_isoform            ? 
_struct_ref.entity_id                  1 
_struct_ref.pdbx_seq_one_letter_code   ? 
_struct_ref.pdbx_align_begin           1 
# 
loop_
_struct_ref_seq.align_id 
_struct_ref_seq.ref_id 
_struct_ref_seq.pdbx_PDB_id_code 
_struct_ref_seq.pdbx_strand_id 
_struct_ref_seq.seq_align_beg 
_struct_ref_seq.pdbx_seq_align_beg_ins_code 
_struct_ref_seq.seq_align_end 
_struct_ref_seq.pdbx_seq_align_end_ins_code 
_struct_ref_seq.pdbx_db_accession 
_struct_ref_seq.db_align_beg 
_struct_ref_seq.pdbx_db_align_beg_ins_code 
_struct_ref_seq.db_align_end 
_struct_ref_seq.pdbx_db_align_end_ins_code 
_struct_ref_seq.pdbx_auth_seq_align_beg 
_struct_ref_seq.pdbx_auth_seq_align_end 
1 1 5V0J A 1 ? 14 ? 5V0J 1 ? 14 ? 1 14 
2 1 5V0J B 1 ? 14 ? 5V0J 1 ? 14 ? 1 14 
# 
loop_
_chem_comp.id 
_chem_comp.type 
_chem_comp.mon_nstd_flag 
_chem_comp.name 
_chem_comp.pdbx_synonyms 
_chem_comp.formula 
_chem_comp.formula_weight 
8OS 'RNA linking' n "5'-O-[(S)-hydroxy(4-methyl-1H-imidazol-5-yl)phosphoryl]guanosine" ? 'C14 H18 N7 O7 P' 427.309 
A   'RNA linking' y "ADENOSINE-5'-MONOPHOSPHATE" ? 'C10 H14 N5 O7 P' 347.221 
C   'RNA linking' y "CYTIDINE-5'-MONOPHOSPHATE" ? 'C9 H14 N3 O8 P'  323.197 
G   'RNA linking' y "GUANOSINE-5'-MONOPHOSPHATE" ? 'C10 H14 N5 O8 P' 363.221 
HOH non-polymer   . WATER ? 'H2 O'            18.015  
LCA 'RNA linking' n '[(1R,3R,4R,7S)-7-HYDROXY-3-(ADENIN-9-YL)-2,5-DIOXABICYCLO[2.2.1]HEPT-1-YL]METHYL DIHYDROGEN PHOSPHATE' ? 
'C11 H14 N5 O7 P' 359.232 
LCC 'RNA linking' . 
'[(1R,3R,4R,7S)-7-HYDROXY-3-(5-METHYLCYTOSIN-1-YL)-2,5-DIOXABICYCLO[2.2.1]HEPT-1-YL]METHYL DIHYDROGEN PHOSPHATE' ? 
'C11 H16 N3 O8 P' 349.234 
LCG 'RNA linking' n '[(1R,3R,4R,7S)-7-HYDROXY-3-(GUANIN-9-YL)-2,5-DIOXABICYCLO[2.2.1]HEPT-1-YL]METHYL DIHYDROGEN PHOSPHATE' ? 
'C11 H14 N5 O8 P' 375.231 
MG  non-polymer   . 'MAGNESIUM ION' ? 'Mg 2'            24.305  
U   'RNA linking' y "URIDINE-5'-MONOPHOSPHATE" ? 'C9 H13 N2 O9 P'  324.181 
# 
_exptl.absorpt_coefficient_mu     ? 
_exptl.absorpt_correction_T_max   ? 
_exptl.absorpt_correction_T_min   ? 
_exptl.absorpt_correction_type    ? 
_exptl.absorpt_process_details    ? 
_exptl.entry_id                   5V0J 
_exptl.crystals_number            1 
_exptl.details                    ? 
_exptl.method                     'X-RAY DIFFRACTION' 
_exptl.method_details             ? 
# 
_exptl_crystal.colour                      ? 
_exptl_crystal.density_diffrn              ? 
_exptl_crystal.density_Matthews            2.56 
_exptl_crystal.density_method              ? 
_exptl_crystal.density_percent_sol         52.03 
_exptl_crystal.description                 ? 
_exptl_crystal.F_000                       ? 
_exptl_crystal.id                          1 
_exptl_crystal.preparation                 ? 
_exptl_crystal.size_max                    ? 
_exptl_crystal.size_mid                    ? 
_exptl_crystal.size_min                    ? 
_exptl_crystal.size_rad                    ? 
_exptl_crystal.colour_lustre               ? 
_exptl_crystal.colour_modifier             ? 
_exptl_crystal.colour_primary              ? 
_exptl_crystal.density_meas                ? 
_exptl_crystal.density_meas_esd            ? 
_exptl_crystal.density_meas_gt             ? 
_exptl_crystal.density_meas_lt             ? 
_exptl_crystal.density_meas_temp           ? 
_exptl_crystal.density_meas_temp_esd       ? 
_exptl_crystal.density_meas_temp_gt        ? 
_exptl_crystal.density_meas_temp_lt        ? 
_exptl_crystal.pdbx_crystal_image_url      ? 
_exptl_crystal.pdbx_crystal_image_format   ? 
_exptl_crystal.pdbx_mosaicity              ? 
_exptl_crystal.pdbx_mosaicity_esd          ? 
# 
_exptl_crystal_grow.apparatus       ? 
_exptl_crystal_grow.atmosphere      ? 
_exptl_crystal_grow.crystal_id      1 
_exptl_crystal_grow.details         ? 
_exptl_crystal_grow.method          'VAPOR DIFFUSION, SITTING DROP' 
_exptl_crystal_grow.method_ref      ? 
_exptl_crystal_grow.pH              7.0 
_exptl_crystal_grow.pressure        ? 
_exptl_crystal_grow.pressure_esd    ? 
_exptl_crystal_grow.seeding         ? 
_exptl_crystal_grow.seeding_ref     ? 
_exptl_crystal_grow.temp            291 
_exptl_crystal_grow.temp_details    ? 
_exptl_crystal_grow.temp_esd        ? 
_exptl_crystal_grow.time            ? 
_exptl_crystal_grow.pdbx_details    
'10% MPD, 0.040 M sodium cacodylate pH7.0, 0.012 M spermine tetrahydrochloride, 0.08 M sodium chloride, 0.02 M magnesium chloride' 
_exptl_crystal_grow.pdbx_pH_range   ? 
# 
_diffrn.ambient_environment    ? 
_diffrn.ambient_temp           99 
_diffrn.ambient_temp_details   ? 
_diffrn.ambient_temp_esd       ? 
_diffrn.crystal_id             1 
_diffrn.crystal_support        ? 
_diffrn.crystal_treatment      ? 
_diffrn.details                ? 
_diffrn.id                     1 
_diffrn.ambient_pressure       ? 
_diffrn.ambient_pressure_esd   ? 
_diffrn.ambient_pressure_gt    ? 
_diffrn.ambient_pressure_lt    ? 
_diffrn.ambient_temp_gt        ? 
_diffrn.ambient_temp_lt        ? 
# 
_diffrn_detector.details                      ? 
_diffrn_detector.detector                     CCD 
_diffrn_detector.diffrn_id                    1 
_diffrn_detector.type                         'ADSC QUANTUM 315' 
_diffrn_detector.area_resol_mean              ? 
_diffrn_detector.dtime                        ? 
_diffrn_detector.pdbx_frames_total            ? 
_diffrn_detector.pdbx_collection_time_total   ? 
_diffrn_detector.pdbx_collection_date         2016-04-02 
# 
_diffrn_radiation.collimation                      ? 
_diffrn_radiation.diffrn_id                        1 
_diffrn_radiation.filter_edge                      ? 
_diffrn_radiation.inhomogeneity                    ? 
_diffrn_radiation.monochromator                    ? 
_diffrn_radiation.polarisn_norm                    ? 
_diffrn_radiation.polarisn_ratio                   ? 
_diffrn_radiation.probe                            ? 
_diffrn_radiation.type                             ? 
_diffrn_radiation.xray_symbol                      ? 
_diffrn_radiation.wavelength_id                    1 
_diffrn_radiation.pdbx_monochromatic_or_laue_m_l   M 
_diffrn_radiation.pdbx_wavelength_list             ? 
_diffrn_radiation.pdbx_wavelength                  ? 
_diffrn_radiation.pdbx_diffrn_protocol             'SINGLE WAVELENGTH' 
_diffrn_radiation.pdbx_analyzer                    ? 
_diffrn_radiation.pdbx_scattering_type             x-ray 
# 
_diffrn_radiation_wavelength.id           1 
_diffrn_radiation_wavelength.wavelength   1 
_diffrn_radiation_wavelength.wt           1.0 
# 
_diffrn_source.current                     ? 
_diffrn_source.details                     ? 
_diffrn_source.diffrn_id                   1 
_diffrn_source.power                       ? 
_diffrn_source.size                        ? 
_diffrn_source.source                      SYNCHROTRON 
_diffrn_source.target                      ? 
_diffrn_source.type                        'ALS BEAMLINE 8.2.2' 
_diffrn_source.voltage                     ? 
_diffrn_source.take-off_angle              ? 
_diffrn_source.pdbx_wavelength_list        1 
_diffrn_source.pdbx_wavelength             ? 
_diffrn_source.pdbx_synchrotron_beamline   8.2.2 
_diffrn_source.pdbx_synchrotron_site       ALS 
# 
_reflns.B_iso_Wilson_estimate            ? 
_reflns.entry_id                         5V0J 
_reflns.data_reduction_details           ? 
_reflns.data_reduction_method            ? 
_reflns.d_resolution_high                1.50 
_reflns.d_resolution_low                 100 
_reflns.details                          ? 
_reflns.limit_h_max                      ? 
_reflns.limit_h_min                      ? 
_reflns.limit_k_max                      ? 
_reflns.limit_k_min                      ? 
_reflns.limit_l_max                      ? 
_reflns.limit_l_min                      ? 
_reflns.number_all                       ? 
_reflns.number_obs                       15290 
_reflns.observed_criterion               ? 
_reflns.observed_criterion_F_max         ? 
_reflns.observed_criterion_F_min         ? 
_reflns.observed_criterion_I_max         ? 
_reflns.observed_criterion_I_min         ? 
_reflns.observed_criterion_sigma_F       ? 
_reflns.observed_criterion_sigma_I       ? 
_reflns.percent_possible_obs             99.4 
_reflns.R_free_details                   ? 
_reflns.Rmerge_F_all                     ? 
_reflns.Rmerge_F_obs                     ? 
_reflns.Friedel_coverage                 ? 
_reflns.number_gt                        ? 
_reflns.threshold_expression             ? 
_reflns.pdbx_redundancy                  6.3 
_reflns.pdbx_Rmerge_I_obs                0.041 
_reflns.pdbx_Rmerge_I_all                ? 
_reflns.pdbx_Rsym_value                  0.045 
_reflns.pdbx_netI_over_av_sigmaI         ? 
_reflns.pdbx_netI_over_sigmaI            35.37 
_reflns.pdbx_res_netI_over_av_sigmaI_2   ? 
_reflns.pdbx_res_netI_over_sigmaI_2      ? 
_reflns.pdbx_chi_squared                 0.821 
_reflns.pdbx_scaling_rejects             ? 
_reflns.pdbx_d_res_high_opt              ? 
_reflns.pdbx_d_res_low_opt               ? 
_reflns.pdbx_d_res_opt_method            ? 
_reflns.phase_calculation_details        ? 
_reflns.pdbx_Rrim_I_all                  ? 
_reflns.pdbx_Rpim_I_all                  ? 
_reflns.pdbx_d_opt                       ? 
_reflns.pdbx_number_measured_all         ? 
_reflns.pdbx_diffrn_id                   1 
_reflns.pdbx_ordinal                     1 
_reflns.pdbx_CC_half                     ? 
_reflns.pdbx_R_split                     ? 
# 
_reflns_shell.d_res_high                  1.50 
_reflns_shell.d_res_low                   1.53 
_reflns_shell.meanI_over_sigI_all         ? 
_reflns_shell.meanI_over_sigI_obs         1.84 
_reflns_shell.number_measured_all         ? 
_reflns_shell.number_measured_obs         ? 
_reflns_shell.number_possible             ? 
_reflns_shell.number_unique_all           ? 
_reflns_shell.number_unique_obs           744 
_reflns_shell.percent_possible_all        99.9 
_reflns_shell.percent_possible_obs        ? 
_reflns_shell.Rmerge_F_all                ? 
_reflns_shell.Rmerge_F_obs                ? 
_reflns_shell.Rmerge_I_all                ? 
_reflns_shell.Rmerge_I_obs                0.575 
_reflns_shell.meanI_over_sigI_gt          ? 
_reflns_shell.meanI_over_uI_all           ? 
_reflns_shell.meanI_over_uI_gt            ? 
_reflns_shell.number_measured_gt          ? 
_reflns_shell.number_unique_gt            ? 
_reflns_shell.percent_possible_gt         ? 
_reflns_shell.Rmerge_F_gt                 ? 
_reflns_shell.Rmerge_I_gt                 ? 
_reflns_shell.pdbx_redundancy             5.6 
_reflns_shell.pdbx_Rsym_value             0.500 
_reflns_shell.pdbx_chi_squared            0.506 
_reflns_shell.pdbx_netI_over_sigmaI_all   ? 
_reflns_shell.pdbx_netI_over_sigmaI_obs   ? 
_reflns_shell.pdbx_Rrim_I_all             ? 
_reflns_shell.pdbx_Rpim_I_all             ? 
_reflns_shell.pdbx_rejects                ? 
_reflns_shell.pdbx_ordinal                1 
_reflns_shell.pdbx_diffrn_id              1 
_reflns_shell.pdbx_CC_half                0.804 
_reflns_shell.pdbx_R_split                ? 
# 
_refine.aniso_B[1][1]                            0.01 
_refine.aniso_B[1][2]                            0.00 
_refine.aniso_B[1][3]                            0.00 
_refine.aniso_B[2][2]                            0.01 
_refine.aniso_B[2][3]                            0.00 
_refine.aniso_B[3][3]                            -0.03 
_refine.B_iso_max                                ? 
_refine.B_iso_mean                               36.469 
_refine.B_iso_min                                ? 
_refine.correlation_coeff_Fo_to_Fc               0.948 
_refine.correlation_coeff_Fo_to_Fc_free          0.938 
_refine.details                                  'HYDROGENS HAVE BEEN ADDED IN THE RIDING POSITIONS' 
_refine.diff_density_max                         ? 
_refine.diff_density_max_esd                     ? 
_refine.diff_density_min                         ? 
_refine.diff_density_min_esd                     ? 
_refine.diff_density_rms                         ? 
_refine.diff_density_rms_esd                     ? 
_refine.entry_id                                 5V0J 
_refine.pdbx_refine_id                           'X-RAY DIFFRACTION' 
_refine.ls_abs_structure_details                 ? 
_refine.ls_abs_structure_Flack                   ? 
_refine.ls_abs_structure_Flack_esd               ? 
_refine.ls_abs_structure_Rogers                  ? 
_refine.ls_abs_structure_Rogers_esd              ? 
_refine.ls_d_res_high                            1.50 
_refine.ls_d_res_low                             84.62 
_refine.ls_extinction_coef                       ? 
_refine.ls_extinction_coef_esd                   ? 
_refine.ls_extinction_expression                 ? 
_refine.ls_extinction_method                     ? 
_refine.ls_goodness_of_fit_all                   ? 
_refine.ls_goodness_of_fit_all_esd               ? 
_refine.ls_goodness_of_fit_obs                   ? 
_refine.ls_goodness_of_fit_obs_esd               ? 
_refine.ls_hydrogen_treatment                    ? 
_refine.ls_matrix_type                           ? 
_refine.ls_number_constraints                    ? 
_refine.ls_number_parameters                     ? 
_refine.ls_number_reflns_all                     ? 
_refine.ls_number_reflns_obs                     14527 
_refine.ls_number_reflns_R_free                  763 
_refine.ls_number_reflns_R_work                  ? 
_refine.ls_number_restraints                     ? 
_refine.ls_percent_reflns_obs                    99.29 
_refine.ls_percent_reflns_R_free                 5.0 
_refine.ls_R_factor_all                          ? 
_refine.ls_R_factor_obs                          0.23892 
_refine.ls_R_factor_R_free                       0.27019 
_refine.ls_R_factor_R_free_error                 ? 
_refine.ls_R_factor_R_free_error_details         ? 
_refine.ls_R_factor_R_work                       0.23739 
_refine.ls_R_Fsqd_factor_obs                     ? 
_refine.ls_R_I_factor_obs                        ? 
_refine.ls_redundancy_reflns_all                 ? 
_refine.ls_redundancy_reflns_obs                 ? 
_refine.ls_restrained_S_all                      ? 
_refine.ls_restrained_S_obs                      ? 
_refine.ls_shift_over_esd_max                    ? 
_refine.ls_shift_over_esd_mean                   ? 
_refine.ls_structure_factor_coef                 ? 
_refine.ls_weighting_details                     ? 
_refine.ls_weighting_scheme                      ? 
_refine.ls_wR_factor_all                         ? 
_refine.ls_wR_factor_obs                         ? 
_refine.ls_wR_factor_R_free                      ? 
_refine.ls_wR_factor_R_work                      ? 
_refine.occupancy_max                            ? 
_refine.occupancy_min                            ? 
_refine.solvent_model_details                    ? 
_refine.solvent_model_param_bsol                 ? 
_refine.solvent_model_param_ksol                 ? 
_refine.ls_R_factor_gt                           ? 
_refine.ls_goodness_of_fit_gt                    ? 
_refine.ls_goodness_of_fit_ref                   ? 
_refine.ls_shift_over_su_max                     ? 
_refine.ls_shift_over_su_max_lt                  ? 
_refine.ls_shift_over_su_mean                    ? 
_refine.ls_shift_over_su_mean_lt                 ? 
_refine.pdbx_ls_sigma_I                          ? 
_refine.pdbx_ls_sigma_F                          ? 
_refine.pdbx_ls_sigma_Fsqd                       ? 
_refine.pdbx_data_cutoff_high_absF               ? 
_refine.pdbx_data_cutoff_high_rms_absF           ? 
_refine.pdbx_data_cutoff_low_absF                ? 
_refine.pdbx_isotropic_thermal_model             ? 
_refine.pdbx_ls_cross_valid_method               THROUGHOUT 
_refine.pdbx_method_to_determine_struct          'MOLECULAR REPLACEMENT' 
_refine.pdbx_starting_model                      5HBX 
_refine.pdbx_stereochemistry_target_values       ? 
_refine.pdbx_R_Free_selection_details            RANDOM 
_refine.pdbx_stereochem_target_val_spec_case     ? 
_refine.pdbx_overall_ESU_R                       0.093 
_refine.pdbx_overall_ESU_R_Free                  0.095 
_refine.pdbx_solvent_vdw_probe_radii             1.20 
_refine.pdbx_solvent_ion_probe_radii             0.80 
_refine.pdbx_solvent_shrinkage_radii             0.80 
_refine.pdbx_real_space_R                        ? 
_refine.pdbx_density_correlation                 ? 
_refine.pdbx_pd_number_of_powder_patterns        ? 
_refine.pdbx_pd_number_of_points                 ? 
_refine.pdbx_pd_meas_number_of_points            ? 
_refine.pdbx_pd_proc_ls_prof_R_factor            ? 
_refine.pdbx_pd_proc_ls_prof_wR_factor           ? 
_refine.pdbx_pd_Marquardt_correlation_coeff      ? 
_refine.pdbx_pd_Fsqrd_R_factor                   ? 
_refine.pdbx_pd_ls_matrix_band_width             ? 
_refine.pdbx_overall_phase_error                 ? 
_refine.pdbx_overall_SU_R_free_Cruickshank_DPI   ? 
_refine.pdbx_overall_SU_R_free_Blow_DPI          ? 
_refine.pdbx_overall_SU_R_Blow_DPI               ? 
_refine.pdbx_TLS_residual_ADP_flag               ? 
_refine.pdbx_diffrn_id                           1 
_refine.overall_SU_B                             1.737 
_refine.overall_SU_ML                            0.063 
_refine.overall_SU_R_Cruickshank_DPI             ? 
_refine.overall_SU_R_free                        ? 
_refine.overall_FOM_free_R_set                   ? 
_refine.overall_FOM_work_R_set                   ? 
_refine.pdbx_average_fsc_overall                 ? 
_refine.pdbx_average_fsc_work                    ? 
_refine.pdbx_average_fsc_free                    ? 
# 
_refine_hist.pdbx_refine_id                   'X-RAY DIFFRACTION' 
_refine_hist.cycle_id                         1 
_refine_hist.pdbx_number_atoms_protein        0 
_refine_hist.pdbx_number_atoms_nucleic_acid   594 
_refine_hist.pdbx_number_atoms_ligand         117 
_refine_hist.number_atoms_solvent             50 
_refine_hist.number_atoms_total               761 
_refine_hist.d_res_high                       1.50 
_refine_hist.d_res_low                        84.62 
# 
loop_
_refine_ls_restr.pdbx_refine_id 
_refine_ls_restr.criterion 
_refine_ls_restr.dev_ideal 
_refine_ls_restr.dev_ideal_target 
_refine_ls_restr.number 
_refine_ls_restr.rejects 
_refine_ls_restr.type 
_refine_ls_restr.weight 
_refine_ls_restr.pdbx_restraint_function 
'X-RAY DIFFRACTION' ? 0.027  0.017  788  ? r_bond_refined_d             ? ? 
'X-RAY DIFFRACTION' ? 0.055  0.024  354  ? r_bond_other_d               ? ? 
'X-RAY DIFFRACTION' ? 2.963  2.030  1216 ? r_angle_refined_deg          ? ? 
'X-RAY DIFFRACTION' ? 4.153  3.269  850  ? r_angle_other_deg            ? ? 
'X-RAY DIFFRACTION' ? ?      ?      ?    ? r_dihedral_angle_1_deg       ? ? 
'X-RAY DIFFRACTION' ? ?      ?      ?    ? r_dihedral_angle_2_deg       ? ? 
'X-RAY DIFFRACTION' ? ?      ?      ?    ? r_dihedral_angle_3_deg       ? ? 
'X-RAY DIFFRACTION' ? ?      ?      ?    ? r_dihedral_angle_4_deg       ? ? 
'X-RAY DIFFRACTION' ? 0.119  0.200  136  ? r_chiral_restr               ? ? 
'X-RAY DIFFRACTION' ? 0.022  0.021  408  ? r_gen_planes_refined         ? ? 
'X-RAY DIFFRACTION' ? 0.003  0.022  148  ? r_gen_planes_other           ? ? 
'X-RAY DIFFRACTION' ? ?      ?      ?    ? r_nbd_refined                ? ? 
'X-RAY DIFFRACTION' ? ?      ?      ?    ? r_nbd_other                  ? ? 
'X-RAY DIFFRACTION' ? ?      ?      ?    ? r_nbtor_refined              ? ? 
'X-RAY DIFFRACTION' ? ?      ?      ?    ? r_nbtor_other                ? ? 
'X-RAY DIFFRACTION' ? ?      ?      ?    ? r_xyhbond_nbd_refined        ? ? 
'X-RAY DIFFRACTION' ? ?      ?      ?    ? r_xyhbond_nbd_other          ? ? 
'X-RAY DIFFRACTION' ? ?      ?      ?    ? r_metal_ion_refined          ? ? 
'X-RAY DIFFRACTION' ? ?      ?      ?    ? r_metal_ion_other            ? ? 
'X-RAY DIFFRACTION' ? ?      ?      ?    ? r_symmetry_vdw_refined       ? ? 
'X-RAY DIFFRACTION' ? ?      ?      ?    ? r_symmetry_vdw_other         ? ? 
'X-RAY DIFFRACTION' ? ?      ?      ?    ? r_symmetry_hbond_refined     ? ? 
'X-RAY DIFFRACTION' ? ?      ?      ?    ? r_symmetry_hbond_other       ? ? 
'X-RAY DIFFRACTION' ? ?      ?      ?    ? r_symmetry_metal_ion_refined ? ? 
'X-RAY DIFFRACTION' ? ?      ?      ?    ? r_symmetry_metal_ion_other   ? ? 
'X-RAY DIFFRACTION' ? ?      ?      ?    ? r_mcbond_it                  ? ? 
'X-RAY DIFFRACTION' ? ?      ?      ?    ? r_mcbond_other               ? ? 
'X-RAY DIFFRACTION' ? ?      ?      ?    ? r_mcangle_it                 ? ? 
'X-RAY DIFFRACTION' ? ?      ?      ?    ? r_mcangle_other              ? ? 
'X-RAY DIFFRACTION' ? 4.482  3.742  786  ? r_scbond_it                  ? ? 
'X-RAY DIFFRACTION' ? 4.480  3.754  787  ? r_scbond_other               ? ? 
'X-RAY DIFFRACTION' ? ?      ?      ?    ? r_scangle_it                 ? ? 
'X-RAY DIFFRACTION' ? 7.061  5.634  1217 ? r_scangle_other              ? ? 
'X-RAY DIFFRACTION' ? 12.894 35.633 1123 ? r_long_range_B_refined       ? ? 
'X-RAY DIFFRACTION' ? 12.893 35.721 1124 ? r_long_range_B_other         ? ? 
'X-RAY DIFFRACTION' ? ?      ?      ?    ? r_rigid_bond_restr           ? ? 
'X-RAY DIFFRACTION' ? ?      ?      ?    ? r_sphericity_free            ? ? 
'X-RAY DIFFRACTION' ? ?      ?      ?    ? r_sphericity_bonded          ? ? 
# 
_refine_ls_shell.pdbx_refine_id                   'X-RAY DIFFRACTION' 
_refine_ls_shell.d_res_high                       1.500 
_refine_ls_shell.d_res_low                        1.539 
_refine_ls_shell.number_reflns_all                ? 
_refine_ls_shell.number_reflns_obs                ? 
_refine_ls_shell.number_reflns_R_free             57 
_refine_ls_shell.number_reflns_R_work             1033 
_refine_ls_shell.percent_reflns_obs               98.73 
_refine_ls_shell.percent_reflns_R_free            ? 
_refine_ls_shell.R_factor_all                     ? 
_refine_ls_shell.R_factor_obs                     ? 
_refine_ls_shell.R_factor_R_free                  0.356 
_refine_ls_shell.R_factor_R_free_error            ? 
_refine_ls_shell.R_factor_R_work                  0.319 
_refine_ls_shell.redundancy_reflns_all            ? 
_refine_ls_shell.redundancy_reflns_obs            ? 
_refine_ls_shell.wR_factor_all                    ? 
_refine_ls_shell.wR_factor_obs                    ? 
_refine_ls_shell.wR_factor_R_free                 ? 
_refine_ls_shell.wR_factor_R_work                 ? 
_refine_ls_shell.pdbx_total_number_of_bins_used   20 
_refine_ls_shell.pdbx_phase_error                 ? 
_refine_ls_shell.pdbx_fsc_work                    ? 
_refine_ls_shell.pdbx_fsc_free                    ? 
# 
_struct.entry_id                     5V0J 
_struct.title                        'RNA duplex with 2-MeImpG analogue bound-2 binding sites' 
_struct.pdbx_model_details           ? 
_struct.pdbx_formula_weight          ? 
_struct.pdbx_formula_weight_method   ? 
_struct.pdbx_model_type_details      ? 
_struct.pdbx_CASP_flag               N 
# 
_struct_keywords.entry_id        5V0J 
_struct_keywords.text            RNA 
_struct_keywords.pdbx_keywords   RNA 
# 
loop_
_struct_asym.id 
_struct_asym.pdbx_blank_PDB_chainid_flag 
_struct_asym.pdbx_modified 
_struct_asym.entity_id 
_struct_asym.details 
A N N 1 ? 
B N N 1 ? 
C N N 2 ? 
D N N 2 ? 
E N N 3 ? 
F N N 2 ? 
G N N 2 ? 
H N N 4 ? 
I N N 4 ? 
# 
loop_
_struct_conn.id 
_struct_conn.conn_type_id 
_struct_conn.pdbx_leaving_atom_flag 
_struct_conn.pdbx_PDB_id 
_struct_conn.ptnr1_label_asym_id 
_struct_conn.ptnr1_label_comp_id 
_struct_conn.ptnr1_label_seq_id 
_struct_conn.ptnr1_label_atom_id 
_struct_conn.pdbx_ptnr1_label_alt_id 
_struct_conn.pdbx_ptnr1_PDB_ins_code 
_struct_conn.pdbx_ptnr1_standard_comp_id 
_struct_conn.ptnr1_symmetry 
_struct_conn.ptnr2_label_asym_id 
_struct_conn.ptnr2_label_comp_id 
_struct_conn.ptnr2_label_seq_id 
_struct_conn.ptnr2_label_atom_id 
_struct_conn.pdbx_ptnr2_label_alt_id 
_struct_conn.pdbx_ptnr2_PDB_ins_code 
_struct_conn.ptnr1_auth_asym_id 
_struct_conn.ptnr1_auth_comp_id 
_struct_conn.ptnr1_auth_seq_id 
_struct_conn.ptnr2_auth_asym_id 
_struct_conn.ptnr2_auth_comp_id 
_struct_conn.ptnr2_auth_seq_id 
_struct_conn.ptnr2_symmetry 
_struct_conn.pdbx_ptnr3_label_atom_id 
_struct_conn.pdbx_ptnr3_label_seq_id 
_struct_conn.pdbx_ptnr3_label_comp_id 
_struct_conn.pdbx_ptnr3_label_asym_id 
_struct_conn.pdbx_ptnr3_label_alt_id 
_struct_conn.pdbx_ptnr3_PDB_ins_code 
_struct_conn.details 
_struct_conn.pdbx_dist_value 
_struct_conn.pdbx_value_order 
_struct_conn.pdbx_role 
covale1  covale both ? A LCC 1  "O3'" ? ? ? 1_555 A LCC 2  P  ? ? A LCC 1   A LCC 2   1_555 ? ? ? ? ? ? ?            1.675 ? ? 
covale2  covale both ? A LCC 2  "O3'" ? ? ? 1_555 A LCA 3  P  ? ? A LCC 2   A LCA 3   1_555 ? ? ? ? ? ? ?            1.558 ? ? 
covale3  covale one  ? A LCA 3  "O3'" ? ? ? 1_555 A LCG 4  P  ? ? A LCA 3   A LCG 4   1_555 ? ? ? ? ? ? ?            1.705 ? ? 
covale4  covale both ? A LCG 4  "O3'" ? ? ? 1_555 A A   5  P  ? ? A LCG 4   A A   5   1_555 ? ? ? ? ? ? ?            1.601 ? ? 
covale5  covale both ? B LCC 1  "O3'" ? ? ? 1_555 B LCC 2  P  ? ? B LCC 1   B LCC 2   1_555 ? ? ? ? ? ? ?            1.671 ? ? 
covale6  covale both ? B LCC 2  "O3'" ? ? ? 1_555 B LCA 3  P  ? ? B LCC 2   B LCA 3   1_555 ? ? ? ? ? ? ?            1.702 ? ? 
covale7  covale one  ? B LCA 3  "O3'" ? ? ? 1_555 B LCG 4  P  ? ? B LCA 3   B LCG 4   1_555 ? ? ? ? ? ? ?            1.627 ? ? 
covale8  covale both ? B LCG 4  "O3'" ? ? ? 1_555 B A   5  P  ? ? B LCG 4   B A   5   1_555 ? ? ? ? ? ? ?            1.627 ? ? 
metalc1  metalc ?    ? C 8OS .  O3    ? ? ? 1_555 E MG  .  MG ? ? A 8OS 101 B MG  101 1_555 ? ? ? ? ? ? ?            2.736 ? ? 
metalc2  metalc ?    ? C 8OS .  O4    ? ? ? 1_555 E MG  .  MG ? ? A 8OS 101 B MG  101 1_555 ? ? ? ? ? ? ?            2.370 ? ? 
metalc3  metalc ?    ? C 8OS .  O3    ? ? ? 1_555 E MG  .  MG ? ? A 8OS 101 B MG  101 2_445 ? ? ? ? ? ? ?            2.729 ? ? 
metalc4  metalc ?    ? C 8OS .  O4    ? ? ? 1_555 E MG  .  MG ? ? A 8OS 101 B MG  101 2_445 ? ? ? ? ? ? ?            2.441 ? ? 
hydrog1  hydrog ?    ? A LCA 3  N1    ? ? ? 1_555 B U   14 N3 ? ? A LCA 3   B U   14  1_555 ? ? ? ? ? ? WATSON-CRICK ?     ? ? 
hydrog2  hydrog ?    ? A LCA 3  N6    ? ? ? 1_555 B U   14 O4 ? ? A LCA 3   B U   14  1_555 ? ? ? ? ? ? WATSON-CRICK ?     ? ? 
hydrog3  hydrog ?    ? A LCG 4  N1    ? ? ? 1_555 B C   13 N3 ? ? A LCG 4   B C   13  1_555 ? ? ? ? ? ? WATSON-CRICK ?     ? ? 
hydrog4  hydrog ?    ? A LCG 4  N2    ? ? ? 1_555 B C   13 O2 ? ? A LCG 4   B C   13  1_555 ? ? ? ? ? ? WATSON-CRICK ?     ? ? 
hydrog5  hydrog ?    ? A LCG 4  O6    ? ? ? 1_555 B C   13 N4 ? ? A LCG 4   B C   13  1_555 ? ? ? ? ? ? WATSON-CRICK ?     ? ? 
hydrog6  hydrog ?    ? A A   5  N1    ? ? ? 1_555 B U   12 N3 ? ? A A   5   B U   12  1_555 ? ? ? ? ? ? WATSON-CRICK ?     ? ? 
hydrog7  hydrog ?    ? A A   5  N6    ? ? ? 1_555 B U   12 O4 ? ? A A   5   B U   12  1_555 ? ? ? ? ? ? WATSON-CRICK ?     ? ? 
hydrog8  hydrog ?    ? A C   6  N3    ? ? ? 1_555 B G   11 N1 ? ? A C   6   B G   11  1_555 ? ? ? ? ? ? WATSON-CRICK ?     ? ? 
hydrog9  hydrog ?    ? A C   6  N4    ? ? ? 1_555 B G   11 O6 ? ? A C   6   B G   11  1_555 ? ? ? ? ? ? WATSON-CRICK ?     ? ? 
hydrog10 hydrog ?    ? A C   6  O2    ? ? ? 1_555 B G   11 N2 ? ? A C   6   B G   11  1_555 ? ? ? ? ? ? WATSON-CRICK ?     ? ? 
hydrog11 hydrog ?    ? A U   7  N3    ? ? ? 1_555 B A   10 N1 ? ? A U   7   B A   10  1_555 ? ? ? ? ? ? WATSON-CRICK ?     ? ? 
hydrog12 hydrog ?    ? A U   7  O4    ? ? ? 1_555 B A   10 N6 ? ? A U   7   B A   10  1_555 ? ? ? ? ? ? WATSON-CRICK ?     ? ? 
hydrog13 hydrog ?    ? A U   8  N3    ? ? ? 1_555 B A   9  N1 ? ? A U   8   B A   9   1_555 ? ? ? ? ? ? WATSON-CRICK ?     ? ? 
hydrog14 hydrog ?    ? A U   8  O4    ? ? ? 1_555 B A   9  N6 ? ? A U   8   B A   9   1_555 ? ? ? ? ? ? WATSON-CRICK ?     ? ? 
hydrog15 hydrog ?    ? A A   9  N1    ? ? ? 1_555 B U   8  N3 ? ? A A   9   B U   8   1_555 ? ? ? ? ? ? WATSON-CRICK ?     ? ? 
hydrog16 hydrog ?    ? A A   9  N6    ? ? ? 1_555 B U   8  O4 ? ? A A   9   B U   8   1_555 ? ? ? ? ? ? WATSON-CRICK ?     ? ? 
hydrog17 hydrog ?    ? A A   10 N1    ? ? ? 1_555 B U   7  N3 ? ? A A   10  B U   7   1_555 ? ? ? ? ? ? WATSON-CRICK ?     ? ? 
hydrog18 hydrog ?    ? A A   10 N6    ? ? ? 1_555 B U   7  O4 ? ? A A   10  B U   7   1_555 ? ? ? ? ? ? WATSON-CRICK ?     ? ? 
hydrog19 hydrog ?    ? A G   11 N1    ? ? ? 1_555 B C   6  N3 ? ? A G   11  B C   6   1_555 ? ? ? ? ? ? WATSON-CRICK ?     ? ? 
hydrog20 hydrog ?    ? A G   11 N2    ? ? ? 1_555 B C   6  O2 ? ? A G   11  B C   6   1_555 ? ? ? ? ? ? WATSON-CRICK ?     ? ? 
hydrog21 hydrog ?    ? A G   11 O6    ? ? ? 1_555 B C   6  N4 ? ? A G   11  B C   6   1_555 ? ? ? ? ? ? WATSON-CRICK ?     ? ? 
hydrog22 hydrog ?    ? A U   12 N3    ? ? ? 1_555 B A   5  N1 ? ? A U   12  B A   5   1_555 ? ? ? ? ? ? WATSON-CRICK ?     ? ? 
hydrog23 hydrog ?    ? A U   12 O4    ? ? ? 1_555 B A   5  N6 ? ? A U   12  B A   5   1_555 ? ? ? ? ? ? WATSON-CRICK ?     ? ? 
hydrog24 hydrog ?    ? A C   13 N3    ? ? ? 1_555 B LCG 4  N1 ? ? A C   13  B LCG 4   1_555 ? ? ? ? ? ? WATSON-CRICK ?     ? ? 
hydrog25 hydrog ?    ? A C   13 N4    ? ? ? 1_555 B LCG 4  O6 ? ? A C   13  B LCG 4   1_555 ? ? ? ? ? ? WATSON-CRICK ?     ? ? 
hydrog26 hydrog ?    ? A C   13 O2    ? ? ? 1_555 B LCG 4  N2 ? ? A C   13  B LCG 4   1_555 ? ? ? ? ? ? WATSON-CRICK ?     ? ? 
hydrog27 hydrog ?    ? A U   14 N3    ? ? ? 1_555 B LCA 3  N1 ? ? A U   14  B LCA 3   1_555 ? ? ? ? ? ? WATSON-CRICK ?     ? ? 
hydrog28 hydrog ?    ? A U   14 O4    ? ? ? 1_555 B LCA 3  N6 ? ? A U   14  B LCA 3   1_555 ? ? ? ? ? ? WATSON-CRICK ?     ? ? 
# 
loop_
_struct_conn_type.id 
_struct_conn_type.criteria 
_struct_conn_type.reference 
covale ? ? 
metalc ? ? 
hydrog ? ? 
# 
loop_
_struct_site.id 
_struct_site.pdbx_evidence_code 
_struct_site.pdbx_auth_asym_id 
_struct_site.pdbx_auth_comp_id 
_struct_site.pdbx_auth_seq_id 
_struct_site.pdbx_auth_ins_code 
_struct_site.pdbx_num_residues 
_struct_site.details 
AC1 Software A 8OS 101 ? 9 'binding site for residue 8OS A 101' 
AC2 Software A 8OS 102 ? 6 'binding site for residue 8OS A 102' 
AC3 Software B MG  101 ? 3 'binding site for residue MG B 101'  
AC4 Software B 8OS 102 ? 6 'binding site for residue 8OS B 102' 
AC5 Software B 8OS 103 ? 6 'binding site for residue 8OS B 103' 
# 
loop_
_struct_site_gen.id 
_struct_site_gen.site_id 
_struct_site_gen.pdbx_num_res 
_struct_site_gen.label_comp_id 
_struct_site_gen.label_asym_id 
_struct_site_gen.label_seq_id 
_struct_site_gen.pdbx_auth_ins_code 
_struct_site_gen.auth_comp_id 
_struct_site_gen.auth_asym_id 
_struct_site_gen.auth_seq_id 
_struct_site_gen.label_atom_id 
_struct_site_gen.label_alt_id 
_struct_site_gen.symmetry 
_struct_site_gen.details 
1  AC1 9 LCC A 2  ? LCC A 2   . ? 1_555  ? 
2  AC1 9 LCA A 3  ? LCA A 3   . ? 1_555  ? 
3  AC1 9 8OS D .  ? 8OS A 102 . ? 1_555  ? 
4  AC1 9 8OS D .  ? 8OS A 102 . ? 3_545  ? 
5  AC1 9 U   B 14 ? U   B 14  . ? 1_555  ? 
6  AC1 9 U   B 14 ? U   B 14  . ? 2_445  ? 
7  AC1 9 MG  E .  ? MG  B 101 . ? 3_545  ? 
8  AC1 9 MG  E .  ? MG  B 101 . ? 2_445  ? 
9  AC1 9 MG  E .  ? MG  B 101 . ? 1_555  ? 
10 AC2 6 LCC A 1  ? LCC A 1   . ? 1_555  ? 
11 AC2 6 LCC A 1  ? LCC A 1   . ? 4_555  ? 
12 AC2 6 LCC A 2  ? LCC A 2   . ? 1_555  ? 
13 AC2 6 8OS C .  ? 8OS A 101 . ? 2_445  ? 
14 AC2 6 8OS C .  ? 8OS A 101 . ? 1_555  ? 
15 AC2 6 U   B 14 ? U   B 14  . ? 2_445  ? 
16 AC3 3 8OS C .  ? 8OS A 101 . ? 1_555  ? 
17 AC3 3 8OS C .  ? 8OS A 101 . ? 2_445  ? 
18 AC3 3 8OS C .  ? 8OS A 101 . ? 3_545  ? 
19 AC4 6 U   A 14 ? U   A 14  . ? 3_545  ? 
20 AC4 6 U   A 14 ? U   A 14  . ? 1_555  ? 
21 AC4 6 LCC B 2  ? LCC B 2   . ? 1_555  ? 
22 AC4 6 LCA B 3  ? LCA B 3   . ? 1_555  ? 
23 AC4 6 8OS G .  ? 8OS B 103 . ? 2_445  ? 
24 AC4 6 8OS G .  ? 8OS B 103 . ? 1_555  ? 
25 AC5 6 U   A 14 ? U   A 14  . ? 3_545  ? 
26 AC5 6 LCC B 1  ? LCC B 1   . ? 11_445 ? 
27 AC5 6 LCC B 1  ? LCC B 1   . ? 1_555  ? 
28 AC5 6 LCC B 2  ? LCC B 2   . ? 1_555  ? 
29 AC5 6 8OS F .  ? 8OS B 102 . ? 3_545  ? 
30 AC5 6 8OS F .  ? 8OS B 102 . ? 1_555  ? 
# 
_atom_sites.entry_id                    5V0J 
_atom_sites.fract_transf_matrix[1][1]   0.01206687 
_atom_sites.fract_transf_matrix[1][2]   0.00092547 
_atom_sites.fract_transf_matrix[1][3]   -0.02370276 
_atom_sites.fract_transf_matrix[2][1]   0.00199456 
_atom_sites.fract_transf_matrix[2][2]   0.02312327 
_atom_sites.fract_transf_matrix[2][3]   -0.01302259 
_atom_sites.fract_transf_matrix[3][1]   0.00344232 
_atom_sites.fract_transf_matrix[3][2]   0.00070554 
_atom_sites.fract_transf_matrix[3][3]   0.00178000 
_atom_sites.fract_transf_vector[1]      -0.444312 
_atom_sites.fract_transf_vector[2]      -0.483212 
_atom_sites.fract_transf_vector[3]      0.082769 
# 
loop_
_atom_type.symbol 
C  
MG 
N  
O  
P  
# 
loop_
_atom_site.group_PDB 
_atom_site.id 
_atom_site.type_symbol 
_atom_site.label_atom_id 
_atom_site.label_alt_id 
_atom_site.label_comp_id 
_atom_site.label_asym_id 
_atom_site.label_entity_id 
_atom_site.label_seq_id 
_atom_site.pdbx_PDB_ins_code 
_atom_site.Cartn_x 
_atom_site.Cartn_y 
_atom_site.Cartn_z 
_atom_site.occupancy 
_atom_site.B_iso_or_equiv 
_atom_site.pdbx_formal_charge 
_atom_site.auth_seq_id 
_atom_site.auth_comp_id 
_atom_site.auth_asym_id 
_atom_site.auth_atom_id 
_atom_site.pdbx_PDB_model_num 
HETATM 1   O  "O5'" . LCC A 1 1  ? -21.694 -5.336  2.979   1.00 52.17  ? 1   LCC A "O5'" 1 
HETATM 2   C  "C5'" . LCC A 1 1  ? -21.823 -6.459  3.887   1.00 54.18  ? 1   LCC A "C5'" 1 
HETATM 3   C  "C4'" . LCC A 1 1  ? -21.299 -7.637  3.056   1.00 53.11  ? 1   LCC A "C4'" 1 
HETATM 4   O  "O4'" . LCC A 1 1  ? -21.825 -7.663  1.712   1.00 47.62  ? 1   LCC A "O4'" 1 
HETATM 5   C  "C1'" . LCC A 1 1  ? -20.852 -8.424  0.933   1.00 49.21  ? 1   LCC A "C1'" 1 
HETATM 6   N  N1    . LCC A 1 1  ? -20.404 -7.539  -0.204  1.00 42.30  ? 1   LCC A N1    1 
HETATM 7   C  C6    . LCC A 1 1  ? -20.566 -6.132  -0.126  1.00 42.27  ? 1   LCC A C6    1 
HETATM 8   C  C5    . LCC A 1 1  ? -20.185 -5.307  -1.159  1.00 37.76  ? 1   LCC A C5    1 
HETATM 9   C  C5M   . LCC A 1 1  ? -20.295 -3.897  -1.085  1.00 39.41  ? 1   LCC A C5M   1 
HETATM 10  C  C4    . LCC A 1 1  ? -19.635 -5.946  -2.254  1.00 37.89  ? 1   LCC A C4    1 
HETATM 11  N  N4    . LCC A 1 1  ? -19.317 -5.098  -3.210  1.00 40.90  ? 1   LCC A N4    1 
HETATM 12  N  N3    . LCC A 1 1  ? -19.510 -7.314  -2.372  1.00 42.26  ? 1   LCC A N3    1 
HETATM 13  C  C2    . LCC A 1 1  ? -19.872 -8.097  -1.325  1.00 43.23  ? 1   LCC A C2    1 
HETATM 14  O  O2    . LCC A 1 1  ? -19.743 -9.333  -1.364  1.00 51.17  ? 1   LCC A O2    1 
HETATM 15  C  "C3'" . LCC A 1 1  ? -19.812 -7.600  2.828   1.00 51.45  ? 1   LCC A "C3'" 1 
HETATM 16  C  "C2'" . LCC A 1 1  ? -19.813 -8.791  2.013   1.00 46.78  ? 1   LCC A "C2'" 1 
HETATM 17  O  "O2'" . LCC A 1 1  ? -20.434 -9.748  2.947   1.00 50.64  ? 1   LCC A "O2'" 1 
HETATM 18  O  "O3'" . LCC A 1 1  ? -18.947 -7.719  4.065   1.00 43.90  ? 1   LCC A "O3'" 1 
HETATM 19  C  "C6'" . LCC A 1 1  ? -21.536 -9.036  3.674   1.00 54.37  ? 1   LCC A "C6'" 1 
HETATM 20  O  "O5'" . LCC A 1 2  ? -16.724 -7.765  2.952   1.00 36.42  ? 2   LCC A "O5'" 1 
HETATM 21  C  "C5'" . LCC A 1 2  ? -16.332 -9.071  3.401   1.00 39.07  ? 2   LCC A "C5'" 1 
HETATM 22  C  "C4'" . LCC A 1 2  ? -15.965 -9.804  2.103   1.00 39.40  ? 2   LCC A "C4'" 1 
HETATM 23  O  "O4'" . LCC A 1 2  ? -16.934 -9.552  1.047   1.00 38.44  ? 2   LCC A "O4'" 1 
HETATM 24  C  "C1'" . LCC A 1 2  ? -16.222 -9.787  -0.217  1.00 33.12  ? 2   LCC A "C1'" 1 
HETATM 25  N  N1    . LCC A 1 2  ? -16.139 -8.583  -1.004  1.00 32.19  ? 2   LCC A N1    1 
HETATM 26  C  C6    . LCC A 1 2  ? -16.454 -7.302  -0.422  1.00 34.44  ? 2   LCC A C6    1 
HETATM 27  C  C5    . LCC A 1 2  ? -16.355 -6.136  -1.178  1.00 31.67  ? 2   LCC A C5    1 
HETATM 28  C  C5M   . LCC A 1 2  ? -16.693 -4.890  -0.549  1.00 36.99  ? 2   LCC A C5M   1 
HETATM 29  C  C4    . LCC A 1 2  ? -15.996 -6.330  -2.512  1.00 29.82  ? 2   LCC A C4    1 
HETATM 30  N  N4    . LCC A 1 2  ? -15.849 -5.278  -3.311  1.00 32.79  ? 2   LCC A N4    1 
HETATM 31  N  N3    . LCC A 1 2  ? -15.657 -7.546  -3.030  1.00 33.26  ? 2   LCC A N3    1 
HETATM 32  C  C2    . LCC A 1 2  ? -15.729 -8.672  -2.283  1.00 32.21  ? 2   LCC A C2    1 
HETATM 33  O  O2    . LCC A 1 2  ? -15.387 -9.740  -2.763  1.00 32.03  ? 2   LCC A O2    1 
HETATM 34  C  "C3'" . LCC A 1 2  ? -14.750 -9.284  1.439   1.00 33.98  ? 2   LCC A "C3'" 1 
HETATM 35  C  "C2'" . LCC A 1 2  ? -14.863 -10.241 0.276   1.00 32.87  ? 2   LCC A "C2'" 1 
HETATM 36  O  "O2'" . LCC A 1 2  ? -14.927 -11.525 0.932   1.00 34.69  ? 2   LCC A "O2'" 1 
HETATM 37  O  "O3'" . LCC A 1 2  ? -13.612 -9.538  2.285   1.00 35.66  ? 2   LCC A "O3'" 1 
HETATM 38  C  "C6'" . LCC A 1 2  ? -15.777 -11.300 2.238   1.00 38.38  ? 2   LCC A "C6'" 1 
HETATM 39  P  P     . LCC A 1 2  ? -17.568 -6.767  4.080   1.00 45.06  ? 2   LCC A P     1 
HETATM 40  O  O1P   . LCC A 1 2  ? -17.254 -7.246  5.444   1.00 44.21  ? 2   LCC A O1P   1 
HETATM 41  O  O2P   . LCC A 1 2  ? -17.185 -5.375  3.482   1.00 42.66  ? 2   LCC A O2P   1 
HETATM 42  P  P     . LCA A 1 3  ? -12.230 -8.828  2.381   1.00 34.80  ? 3   LCA A P     1 
HETATM 43  O  O1P   . LCA A 1 3  ? -11.319 -9.421  3.420   1.00 38.92  ? 3   LCA A O1P   1 
HETATM 44  O  "O5'" . LCA A 1 3  ? -11.718 -9.533  0.983   1.00 34.83  ? 3   LCA A "O5'" 1 
HETATM 45  C  "C5'" . LCA A 1 3  ? -11.340 -10.877 0.858   1.00 30.60  ? 3   LCA A "C5'" 1 
HETATM 46  C  "C3'" . LCA A 1 3  ? -9.903  -10.255 -1.173  1.00 30.89  ? 3   LCA A "C3'" 1 
HETATM 47  C  "C6'" . LCA A 1 3  ? -10.507 -12.564 -1.001  1.00 30.47  ? 3   LCA A "C6'" 1 
HETATM 48  N  N9    . LCA A 1 3  ? -11.638 -9.108  -3.147  1.00 29.40  ? 3   LCA A N9    1 
HETATM 49  C  C8    . LCA A 1 3  ? -12.183 -8.113  -2.382  1.00 27.38  ? 3   LCA A C8    1 
HETATM 50  C  C4    . LCA A 1 3  ? -11.459 -8.557  -4.359  1.00 28.05  ? 3   LCA A C4    1 
HETATM 51  N  N7    . LCA A 1 3  ? -12.328 -7.019  -3.071  1.00 28.87  ? 3   LCA A N7    1 
HETATM 52  C  C5    . LCA A 1 3  ? -11.879 -7.246  -4.325  1.00 26.36  ? 3   LCA A C5    1 
HETATM 53  C  C6    . LCA A 1 3  ? -11.821 -6.486  -5.488  1.00 23.99  ? 3   LCA A C6    1 
HETATM 54  C  "C2'" . LCA A 1 3  ? -9.937  -10.843 -2.565  1.00 29.88  ? 3   LCA A "C2'" 1 
HETATM 55  N  N6    . LCA A 1 3  ? -12.215 -5.250  -5.514  1.00 26.69  ? 3   LCA A N6    1 
HETATM 56  C  "C4'" . LCA A 1 3  ? -10.964 -11.151 -0.644  1.00 28.63  ? 3   LCA A "C4'" 1 
HETATM 57  C  "C1'" . LCA A 1 3  ? -11.380 -10.479 -2.825  1.00 27.10  ? 3   LCA A "C1'" 1 
HETATM 58  C  C2    . LCA A 1 3  ? -10.887 -8.314  -6.606  1.00 26.38  ? 3   LCA A C2    1 
HETATM 59  N  N1    . LCA A 1 3  ? -11.322 -6.992  -6.613  1.00 26.12  ? 3   LCA A N1    1 
HETATM 60  O  "O4'" . LCA A 1 3  ? -12.025 -10.743 -1.505  1.00 30.31  ? 3   LCA A "O4'" 1 
HETATM 61  O  O2P   . LCA A 1 3  ? -12.365 -7.407  2.073   1.00 38.88  ? 3   LCA A O2P   1 
HETATM 62  N  N3    . LCA A 1 3  ? -10.922 -9.105  -5.476  1.00 29.69  ? 3   LCA A N3    1 
HETATM 63  O  "O3'" . LCA A 1 3  ? -8.708  -10.606 -0.555  1.00 31.79  ? 3   LCA A "O3'" 1 
HETATM 64  O  "O2'" . LCA A 1 3  ? -9.850  -12.256 -2.311  1.00 30.70  ? 3   LCA A "O2'" 1 
HETATM 65  P  P     . LCG A 1 4  ? -7.399  -9.557  -0.249  1.00 30.89  ? 4   LCG A P     1 
HETATM 66  O  OP1   . LCG A 1 4  ? -6.414  -10.285 0.600   1.00 29.61  ? 4   LCG A OP1   1 
HETATM 67  O  "O5'" . LCG A 1 4  ? -6.922  -9.323  -1.717  1.00 28.58  ? 4   LCG A "O5'" 1 
HETATM 68  C  "C5'" . LCG A 1 4  ? -6.357  -10.371 -2.419  1.00 29.77  ? 4   LCG A "C5'" 1 
HETATM 69  C  "C3'" . LCG A 1 4  ? -5.299  -8.496  -3.971  1.00 30.18  ? 4   LCG A "C3'" 1 
HETATM 70  C  "C6'" . LCG A 1 4  ? -5.426  -10.825 -4.773  1.00 29.31  ? 4   LCG A "C6'" 1 
HETATM 71  N  N9    . LCG A 1 4  ? -7.691  -7.326  -5.271  1.00 27.19  ? 4   LCG A N9    1 
HETATM 72  C  C8    . LCG A 1 4  ? -8.281  -6.903  -4.180  1.00 25.21  ? 4   LCG A C8    1 
HETATM 73  C  C4    . LCG A 1 4  ? -7.859  -6.365  -6.178  1.00 27.03  ? 4   LCG A C4    1 
HETATM 74  N  N7    . LCG A 1 4  ? -8.856  -5.697  -4.326  1.00 27.99  ? 4   LCG A N7    1 
HETATM 75  C  C5    . LCG A 1 4  ? -8.525  -5.347  -5.608  1.00 26.38  ? 4   LCG A C5    1 
HETATM 76  C  C6    . LCG A 1 4  ? -8.859  -4.252  -6.351  1.00 27.76  ? 4   LCG A C6    1 
HETATM 77  C  "C2'" . LCG A 1 4  ? -5.397  -8.529  -5.417  1.00 26.91  ? 4   LCG A "C2'" 1 
HETATM 78  O  O6    . LCG A 1 4  ? -9.540  -3.308  -5.906  1.00 28.84  ? 4   LCG A O6    1 
HETATM 79  C  "C4'" . LCG A 1 4  ? -6.146  -9.822  -3.832  1.00 28.65  ? 4   LCG A "C4'" 1 
HETATM 80  C  "C1'" . LCG A 1 4  ? -6.978  -8.582  -5.551  1.00 28.00  ? 4   LCG A "C1'" 1 
HETATM 81  C  C2    . LCG A 1 4  ? -7.687  -5.214  -8.206  1.00 25.52  ? 4   LCG A C2    1 
HETATM 82  N  N1    . LCG A 1 4  ? -8.387  -4.173  -7.623  1.00 26.33  ? 4   LCG A N1    1 
HETATM 83  O  "O4'" . LCG A 1 4  ? -7.371  -9.488  -4.489  1.00 30.60  ? 4   LCG A "O4'" 1 
HETATM 84  O  OP2   . LCG A 1 4  ? -7.949  -8.211  0.150   1.00 31.66  ? 4   LCG A OP2   1 
HETATM 85  N  N2    . LCG A 1 4  ? -7.288  -5.046  -9.414  1.00 28.71  ? 4   LCG A N2    1 
HETATM 86  N  N3    . LCG A 1 4  ? -7.397  -6.341  -7.430  1.00 28.79  ? 4   LCG A N3    1 
HETATM 87  O  "O2'" . LCG A 1 4  ? -5.013  -9.843  -5.890  1.00 30.38  ? 4   LCG A "O2'" 1 
HETATM 88  O  "O3'" . LCG A 1 4  ? -3.997  -8.761  -3.472  1.00 31.30  ? 4   LCG A "O3'" 1 
ATOM   89  P  P     . A   A 1 5  ? -2.988  -7.593  -3.051  1.00 30.63  ? 5   A   A P     1 
ATOM   90  O  OP1   . A   A 1 5  ? -1.727  -8.226  -2.486  1.00 34.46  ? 5   A   A OP1   1 
ATOM   91  O  OP2   . A   A 1 5  ? -3.607  -6.531  -2.326  1.00 29.56  ? 5   A   A OP2   1 
ATOM   92  O  "O5'" . A   A 1 5  ? -2.659  -6.964  -4.471  1.00 28.19  ? 5   A   A "O5'" 1 
ATOM   93  C  "C5'" . A   A 1 5  ? -1.898  -7.663  -5.430  1.00 28.75  ? 5   A   A "C5'" 1 
ATOM   94  C  "C4'" . A   A 1 5  ? -1.702  -6.849  -6.694  1.00 28.61  ? 5   A   A "C4'" 1 
ATOM   95  O  "O4'" . A   A 1 5  ? -2.997  -6.648  -7.327  1.00 26.99  ? 5   A   A "O4'" 1 
ATOM   96  C  "C3'" . A   A 1 5  ? -1.152  -5.446  -6.515  1.00 27.71  ? 5   A   A "C3'" 1 
ATOM   97  O  "O3'" . A   A 1 5  ? 0.267   -5.486  -6.424  1.00 29.90  ? 5   A   A "O3'" 1 
ATOM   98  C  "C2'" . A   A 1 5  ? -1.643  -4.765  -7.781  1.00 25.08  ? 5   A   A "C2'" 1 
ATOM   99  O  "O2'" . A   A 1 5  ? -0.894  -5.226  -8.895  1.00 27.39  ? 5   A   A "O2'" 1 
ATOM   100 C  "C1'" . A   A 1 5  ? -3.075  -5.312  -7.835  1.00 28.75  ? 5   A   A "C1'" 1 
ATOM   101 N  N9    . A   A 1 5  ? -4.040  -4.548  -7.037  1.00 24.44  ? 5   A   A N9    1 
ATOM   102 C  C8    . A   A 1 5  ? -4.500  -4.787  -5.771  1.00 23.99  ? 5   A   A C8    1 
ATOM   103 N  N7    . A   A 1 5  ? -5.305  -3.866  -5.313  1.00 26.23  ? 5   A   A N7    1 
ATOM   104 C  C5    . A   A 1 5  ? -5.429  -2.976  -6.374  1.00 24.86  ? 5   A   A C5    1 
ATOM   105 C  C6    . A   A 1 5  ? -6.210  -1.828  -6.550  1.00 24.55  ? 5   A   A C6    1 
ATOM   106 N  N6    . A   A 1 5  ? -7.011  -1.333  -5.617  1.00 26.83  ? 5   A   A N6    1 
ATOM   107 N  N1    . A   A 1 5  ? -6.094  -1.162  -7.723  1.00 26.63  ? 5   A   A N1    1 
ATOM   108 C  C2    . A   A 1 5  ? -5.260  -1.647  -8.653  1.00 28.63  ? 5   A   A C2    1 
ATOM   109 N  N3    . A   A 1 5  ? -4.523  -2.756  -8.627  1.00 26.17  ? 5   A   A N3    1 
ATOM   110 C  C4    . A   A 1 5  ? -4.682  -3.402  -7.457  1.00 28.37  ? 5   A   A C4    1 
ATOM   111 P  P     . C   A 1 6  ? 1.046   -4.385  -5.541  1.00 29.42  ? 6   C   A P     1 
ATOM   112 O  OP1   . C   A 1 6  ? 2.524   -4.828  -5.405  1.00 32.42  ? 6   C   A OP1   1 
ATOM   113 O  OP2   . C   A 1 6  ? 0.225   -4.087  -4.287  1.00 28.24  ? 6   C   A OP2   1 
ATOM   114 O  "O5'" . C   A 1 6  ? 0.997   -3.103  -6.447  1.00 27.27  ? 6   C   A "O5'" 1 
ATOM   115 C  "C5'" . C   A 1 6  ? 1.514   -3.017  -7.763  1.00 27.80  ? 6   C   A "C5'" 1 
ATOM   116 C  "C4'" . C   A 1 6  ? 0.945   -1.812  -8.439  1.00 27.45  ? 6   C   A "C4'" 1 
ATOM   117 O  "O4'" . C   A 1 6  ? -0.498  -1.924  -8.502  1.00 26.92  ? 6   C   A "O4'" 1 
ATOM   118 C  "C3'" . C   A 1 6  ? 1.141   -0.470  -7.776  1.00 28.43  ? 6   C   A "C3'" 1 
ATOM   119 O  "O3'" . C   A 1 6  ? 2.451   0.043   -8.037  1.00 28.24  ? 6   C   A "O3'" 1 
ATOM   120 C  "C2'" . C   A 1 6  ? 0.108   0.332   -8.501  1.00 26.30  ? 6   C   A "C2'" 1 
ATOM   121 O  "O2'" . C   A 1 6  ? 0.518   0.566   -9.838  1.00 28.94  ? 6   C   A "O2'" 1 
ATOM   122 C  "C1'" . C   A 1 6  ? -1.081  -0.624  -8.454  1.00 26.39  ? 6   C   A "C1'" 1 
ATOM   123 N  N1    . C   A 1 6  ? -1.912  -0.518  -7.230  1.00 25.14  ? 6   C   A N1    1 
ATOM   124 C  C2    . C   A 1 6  ? -2.908  0.470   -7.173  1.00 23.88  ? 6   C   A C2    1 
ATOM   125 O  O2    . C   A 1 6  ? -3.050  1.261   -8.131  1.00 27.94  ? 6   C   A O2    1 
ATOM   126 N  N3    . C   A 1 6  ? -3.706  0.539   -6.072  1.00 24.86  ? 6   C   A N3    1 
ATOM   127 C  C4    . C   A 1 6  ? -3.522  -0.304  -5.061  1.00 24.66  ? 6   C   A C4    1 
ATOM   128 N  N4    . C   A 1 6  ? -4.364  -0.227  -4.038  1.00 25.46  ? 6   C   A N4    1 
ATOM   129 C  C5    . C   A 1 6  ? -2.516  -1.310  -5.092  1.00 24.09  ? 6   C   A C5    1 
ATOM   130 C  C6    . C   A 1 6  ? -1.738  -1.375  -6.182  1.00 23.48  ? 6   C   A C6    1 
ATOM   131 P  P     . U   A 1 7  ? 3.174   1.046   -7.020  1.00 30.03  ? 7   U   A P     1 
ATOM   132 O  OP1   . U   A 1 7  ? 4.630   1.187   -7.479  1.00 32.94  ? 7   U   A OP1   1 
ATOM   133 O  OP2   . U   A 1 7  ? 2.950   0.579   -5.646  1.00 31.59  ? 7   U   A OP2   1 
ATOM   134 O  "O5'" . U   A 1 7  ? 2.478   2.453   -7.271  1.00 31.83  ? 7   U   A "O5'" 1 
ATOM   135 C  "C5'" . U   A 1 7  ? 2.426   3.137   -8.527  1.00 32.38  ? 7   U   A "C5'" 1 
ATOM   136 C  "C4'" . U   A 1 7  ? 1.471   4.304   -8.482  1.00 29.50  ? 7   U   A "C4'" 1 
ATOM   137 O  "O4'" . U   A 1 7  ? 0.099   3.865   -8.368  1.00 28.30  ? 7   U   A "O4'" 1 
ATOM   138 C  "C3'" . U   A 1 7  ? 1.644   5.260   -7.306  1.00 29.10  ? 7   U   A "C3'" 1 
ATOM   139 O  "O3'" . U   A 1 7  ? 2.774   6.076   -7.496  1.00 30.64  ? 7   U   A "O3'" 1 
ATOM   140 C  "C2'" . U   A 1 7  ? 0.330   5.967   -7.345  1.00 28.91  ? 7   U   A "C2'" 1 
ATOM   141 O  "O2'" . U   A 1 7  ? 0.158   6.872   -8.420  1.00 31.98  ? 7   U   A "O2'" 1 
ATOM   142 C  "C1'" . U   A 1 7  ? -0.607  4.781   -7.552  1.00 28.37  ? 7   U   A "C1'" 1 
ATOM   143 N  N1    . U   A 1 7  ? -1.084  4.079   -6.346  1.00 26.54  ? 7   U   A N1    1 
ATOM   144 C  C2    . U   A 1 7  ? -2.141  4.678   -5.683  1.00 25.43  ? 7   U   A C2    1 
ATOM   145 O  O2    . U   A 1 7  ? -2.646  5.725   -6.057  1.00 26.05  ? 7   U   A O2    1 
ATOM   146 N  N3    . U   A 1 7  ? -2.618  3.964   -4.604  1.00 24.68  ? 7   U   A N3    1 
ATOM   147 C  C4    . U   A 1 7  ? -2.138  2.766   -4.113  1.00 24.20  ? 7   U   A C4    1 
ATOM   148 O  O4    . U   A 1 7  ? -2.694  2.225   -3.155  1.00 25.31  ? 7   U   A O4    1 
ATOM   149 C  C5    . U   A 1 7  ? -0.998  2.256   -4.813  1.00 24.89  ? 7   U   A C5    1 
ATOM   150 C  C6    . U   A 1 7  ? -0.502  2.939   -5.856  1.00 24.70  ? 7   U   A C6    1 
ATOM   151 P  P     . U   A 1 8  ? 3.533   6.712   -6.307  1.00 31.96  ? 8   U   A P     1 
ATOM   152 O  OP1   . U   A 1 8  ? 4.603   7.656   -6.913  1.00 30.11  ? 8   U   A OP1   1 
ATOM   153 O  OP2   . U   A 1 8  ? 3.922   5.696   -5.345  1.00 29.41  ? 8   U   A OP2   1 
ATOM   154 O  "O5'" . U   A 1 8  ? 2.454   7.645   -5.590  1.00 29.06  ? 8   U   A "O5'" 1 
ATOM   155 C  "C5'" . U   A 1 8  ? 1.975   8.820   -6.196  1.00 30.82  ? 8   U   A "C5'" 1 
ATOM   156 C  "C4'" . U   A 1 8  ? 0.854   9.392   -5.385  1.00 28.68  ? 8   U   A "C4'" 1 
ATOM   157 O  "O4'" . U   A 1 8  ? -0.261  8.464   -5.328  1.00 29.49  ? 8   U   A "O4'" 1 
ATOM   158 C  "C3'" . U   A 1 8  ? 1.154   9.655   -3.922  1.00 29.78  ? 8   U   A "C3'" 1 
ATOM   159 O  "O3'" . U   A 1 8  ? 1.935   10.842  -3.805  1.00 29.87  ? 8   U   A "O3'" 1 
ATOM   160 C  "C2'" . U   A 1 8  ? -0.276  9.798   -3.405  1.00 25.93  ? 8   U   A "C2'" 1 
ATOM   161 O  "O2'" . U   A 1 8  ? -0.942  10.994  -3.761  1.00 29.03  ? 8   U   A "O2'" 1 
ATOM   162 C  "C1'" . U   A 1 8  ? -0.929  8.589   -4.083  1.00 26.01  ? 8   U   A "C1'" 1 
ATOM   163 N  N1    . U   A 1 8  ? -0.828  7.312   -3.351  1.00 23.60  ? 8   U   A N1    1 
ATOM   164 C  C2    . U   A 1 8  ? -1.775  7.113   -2.353  1.00 22.63  ? 8   U   A C2    1 
ATOM   165 O  O2    . U   A 1 8  ? -2.603  7.953   -2.068  1.00 24.73  ? 8   U   A O2    1 
ATOM   166 N  N3    . U   A 1 8  ? -1.641  5.930   -1.666  1.00 21.94  ? 8   U   A N3    1 
ATOM   167 C  C4    . U   A 1 8  ? -0.737  4.915   -1.882  1.00 22.54  ? 8   U   A C4    1 
ATOM   168 O  O4    . U   A 1 8  ? -0.766  3.901   -1.181  1.00 24.91  ? 8   U   A O4    1 
ATOM   169 C  C5    . U   A 1 8  ? 0.234   5.203   -2.883  1.00 23.36  ? 8   U   A C5    1 
ATOM   170 C  C6    . U   A 1 8  ? 0.158   6.355   -3.572  1.00 23.85  ? 8   U   A C6    1 
ATOM   171 P  P     . A   A 1 9  ? 2.921   10.992  -2.641  1.00 29.74  ? 9   A   A P     1 
ATOM   172 O  OP1   . A   A 1 9  ? 3.692   12.317  -2.910  1.00 33.13  ? 9   A   A OP1   1 
ATOM   173 O  OP2   . A   A 1 9  ? 3.708   9.796   -2.453  1.00 30.78  ? 9   A   A OP2   1 
ATOM   174 O  "O5'" . A   A 1 9  ? 2.013   11.142  -1.358  1.00 26.57  ? 9   A   A "O5'" 1 
ATOM   175 C  "C5'" . A   A 1 9  ? 1.281   12.325  -1.126  1.00 28.52  ? 9   A   A "C5'" 1 
ATOM   176 C  "C4'" . A   A 1 9  ? 0.508   12.223  0.167   1.00 28.03  ? 9   A   A "C4'" 1 
ATOM   177 O  "O4'" . A   A 1 9  ? -0.545  11.241  0.007   1.00 27.13  ? 9   A   A "O4'" 1 
ATOM   178 C  "C3'" . A   A 1 9  ? 1.258   11.730  1.391   1.00 29.85  ? 9   A   A "C3'" 1 
ATOM   179 O  "O3'" . A   A 1 9  ? 2.019   12.781  1.975   1.00 31.13  ? 9   A   A "O3'" 1 
ATOM   180 C  "C2'" . A   A 1 9  ? 0.095   11.310  2.268   1.00 27.05  ? 9   A   A "C2'" 1 
ATOM   181 O  "O2'" . A   A 1 9  ? -0.499  12.499  2.779   1.00 29.94  ? 9   A   A "O2'" 1 
ATOM   182 C  "C1'" . A   A 1 9  ? -0.819  10.636  1.242   1.00 25.82  ? 9   A   A "C1'" 1 
ATOM   183 N  N9    . A   A 1 9  ? -0.520  9.214   1.124   1.00 25.91  ? 9   A   A N9    1 
ATOM   184 C  C8    . A   A 1 9  ? 0.333   8.560   0.267   1.00 25.00  ? 9   A   A C8    1 
ATOM   185 N  N7    . A   A 1 9  ? 0.397   7.261   0.468   1.00 28.65  ? 9   A   A N7    1 
ATOM   186 C  C5    . A   A 1 9  ? -0.431  7.060   1.569   1.00 24.22  ? 9   A   A C5    1 
ATOM   187 C  C6    . A   A 1 9  ? -0.815  5.903   2.269   1.00 23.43  ? 9   A   A C6    1 
ATOM   188 N  N6    . A   A 1 9  ? -0.396  4.679   1.983   1.00 23.42  ? 9   A   A N6    1 
ATOM   189 N  N1    . A   A 1 9  ? -1.625  6.065   3.341   1.00 24.67  ? 9   A   A N1    1 
ATOM   190 C  C2    . A   A 1 9  ? -2.087  7.287   3.625   1.00 27.80  ? 9   A   A C2    1 
ATOM   191 N  N3    . A   A 1 9  ? -1.839  8.449   3.015   1.00 27.78  ? 9   A   A N3    1 
ATOM   192 C  C4    . A   A 1 9  ? -0.986  8.260   1.989   1.00 24.48  ? 9   A   A C4    1 
ATOM   193 P  P     . A   A 1 10 ? 3.331   12.524  2.738   1.00 32.94  ? 10  A   A P     1 
ATOM   194 O  OP1   . A   A 1 10 ? 3.862   13.893  3.090   1.00 35.38  ? 10  A   A OP1   1 
ATOM   195 O  OP2   . A   A 1 10 ? 4.150   11.467  2.224   1.00 30.25  ? 10  A   A OP2   1 
ATOM   196 O  "O5'" . A   A 1 10 ? 2.876   11.840  4.112   1.00 28.59  ? 10  A   A "O5'" 1 
ATOM   197 C  "C5'" . A   A 1 10 ? 2.162   12.616  5.061   1.00 29.95  ? 10  A   A "C5'" 1 
ATOM   198 C  "C4'" . A   A 1 10 ? 1.541   11.730  6.122   1.00 27.03  ? 10  A   A "C4'" 1 
ATOM   199 O  "O4'" . A   A 1 10 ? 0.644   10.808  5.482   1.00 26.63  ? 10  A   A "O4'" 1 
ATOM   200 C  "C3'" . A   A 1 10 ? 2.494   10.846  6.906   1.00 29.69  ? 10  A   A "C3'" 1 
ATOM   201 O  "O3'" . A   A 1 10 ? 3.140   11.546  7.971   1.00 28.66  ? 10  A   A "O3'" 1 
ATOM   202 C  "C2'" . A   A 1 10 ? 1.541   9.775   7.429   1.00 24.71  ? 10  A   A "C2'" 1 
ATOM   203 O  "O2'" . A   A 1 10 ? 0.742   10.379  8.433   1.00 28.73  ? 10  A   A "O2'" 1 
ATOM   204 C  "C1'" . A   A 1 10 ? 0.649   9.570   6.211   1.00 26.49  ? 10  A   A "C1'" 1 
ATOM   205 N  N9    . A   A 1 10 ? 1.158   8.504   5.349   1.00 26.02  ? 10  A   A N9    1 
ATOM   206 C  C8    . A   A 1 10 ? 1.942   8.544   4.226   1.00 27.32  ? 10  A   A C8    1 
ATOM   207 N  N7    . A   A 1 10 ? 2.240   7.356   3.742   1.00 28.34  ? 10  A   A N7    1 
ATOM   208 C  C5    . A   A 1 10 ? 1.590   6.479   4.595   1.00 24.89  ? 10  A   A C5    1 
ATOM   209 C  C6    . A   A 1 10 ? 1.511   5.062   4.634   1.00 25.97  ? 10  A   A C6    1 
ATOM   210 N  N6    . A   A 1 10 ? 2.093   4.272   3.748   1.00 29.21  ? 10  A   A N6    1 
ATOM   211 N  N1    . A   A 1 10 ? 0.859   4.499   5.678   1.00 24.50  ? 10  A   A N1    1 
ATOM   212 C  C2    . A   A 1 10 ? 0.277   5.297   6.575   1.00 26.47  ? 10  A   A C2    1 
ATOM   213 N  N3    . A   A 1 10 ? 0.293   6.642   6.655   1.00 25.28  ? 10  A   A N3    1 
ATOM   214 C  C4    . A   A 1 10 ? 0.969   7.168   5.623   1.00 25.32  ? 10  A   A C4    1 
ATOM   215 P  P     . G   A 1 11 ? 4.548   11.112  8.468   1.00 30.36  ? 11  G   A P     1 
ATOM   216 O  OP1   . G   A 1 11 ? 4.955   12.134  9.439   1.00 28.82  ? 11  G   A OP1   1 
ATOM   217 O  OP2   . G   A 1 11 ? 5.422   10.707  7.369   1.00 28.91  ? 11  G   A OP2   1 
ATOM   218 O  "O5'" . G   A 1 11 ? 4.368   9.696   9.228   1.00 30.38  ? 11  G   A "O5'" 1 
ATOM   219 C  "C5'" . G   A 1 11 ? 3.772   9.663   10.503  1.00 31.47  ? 11  G   A "C5'" 1 
ATOM   220 C  "C4'" . G   A 1 11 ? 3.405   8.252   10.894  1.00 30.02  ? 11  G   A "C4'" 1 
ATOM   221 O  "O4'" . G   A 1 11 ? 2.545   7.615   9.900   1.00 28.03  ? 11  G   A "O4'" 1 
ATOM   222 C  "C3'" . G   A 1 11 ? 4.527   7.247   11.042  1.00 30.27  ? 11  G   A "C3'" 1 
ATOM   223 O  "O3'" . G   A 1 11 ? 5.204   7.507   12.243  1.00 27.56  ? 11  G   A "O3'" 1 
ATOM   224 C  "C2'" . G   A 1 11 ? 3.709   5.965   11.116  1.00 26.13  ? 11  G   A "C2'" 1 
ATOM   225 O  "O2'" . G   A 1 11 ? 2.890   5.914   12.263  1.00 28.05  ? 11  G   A "O2'" 1 
ATOM   226 C  "C1'" . G   A 1 11 ? 2.754   6.192   9.943   1.00 28.58  ? 11  G   A "C1'" 1 
ATOM   227 N  N9    . G   A 1 11 ? 3.306   5.732   8.669   1.00 28.03  ? 11  G   A N9    1 
ATOM   228 C  C8    . G   A 1 11 ? 3.867   6.461   7.646   1.00 26.80  ? 11  G   A C8    1 
ATOM   229 N  N7    . G   A 1 11 ? 4.280   5.719   6.655   1.00 28.98  ? 11  G   A N7    1 
ATOM   230 C  C5    . G   A 1 11 ? 3.971   4.425   7.051   1.00 23.09  ? 11  G   A C5    1 
ATOM   231 C  C6    . G   A 1 11 ? 4.081   3.185   6.341   1.00 24.11  ? 11  G   A C6    1 
ATOM   232 O  O6    . G   A 1 11 ? 4.565   2.966   5.238   1.00 26.29  ? 11  G   A O6    1 
ATOM   233 N  N1    . G   A 1 11 ? 3.650   2.122   7.118   1.00 24.14  ? 11  G   A N1    1 
ATOM   234 C  C2    . G   A 1 11 ? 3.171   2.217   8.387   1.00 24.55  ? 11  G   A C2    1 
ATOM   235 N  N2    . G   A 1 11 ? 2.787   1.064   8.951   1.00 24.68  ? 11  G   A N2    1 
ATOM   236 N  N3    . G   A 1 11 ? 2.950   3.364   9.016   1.00 24.15  ? 11  G   A N3    1 
ATOM   237 C  C4    . G   A 1 11 ? 3.387   4.419   8.296   1.00 26.04  ? 11  G   A C4    1 
ATOM   238 P  P     . U   A 1 12 ? 6.731   6.943   12.529  1.00 29.73  ? 12  U   A P     1 
ATOM   239 O  OP1   . U   A 1 12 ? 7.192   7.622   13.767  1.00 32.91  ? 12  U   A OP1   1 
ATOM   240 O  OP2   . U   A 1 12 ? 7.534   7.045   11.295  1.00 33.45  ? 12  U   A OP2   1 
ATOM   241 O  "O5'" . U   A 1 12 ? 6.575   5.393   12.768  1.00 30.74  ? 12  U   A "O5'" 1 
ATOM   242 C  "C5'" . U   A 1 12 ? 5.800   4.837   13.862  1.00 27.80  ? 12  U   A "C5'" 1 
ATOM   243 C  "C4'" . U   A 1 12 ? 5.757   3.339   13.702  1.00 28.16  ? 12  U   A "C4'" 1 
ATOM   244 O  "O4'" . U   A 1 12 ? 5.015   3.015   12.506  1.00 27.70  ? 12  U   A "O4'" 1 
ATOM   245 C  "C3'" . U   A 1 12 ? 7.081   2.647   13.459  1.00 28.25  ? 12  U   A "C3'" 1 
ATOM   246 O  "O3'" . U   A 1 12 ? 7.815   2.432   14.664  1.00 31.77  ? 12  U   A "O3'" 1 
ATOM   247 C  "C2'" . U   A 1 12 ? 6.599   1.318   12.918  1.00 27.34  ? 12  U   A "C2'" 1 
ATOM   248 O  "O2'" . U   A 1 12 ? 5.990   0.453   13.872  1.00 31.54  ? 12  U   A "O2'" 1 
ATOM   249 C  "C1'" . U   A 1 12 ? 5.548   1.816   11.926  1.00 26.54  ? 12  U   A "C1'" 1 
ATOM   250 N  N1    . U   A 1 12 ? 6.075   2.118   10.589  1.00 27.13  ? 12  U   A N1    1 
ATOM   251 C  C2    . U   A 1 12 ? 6.220   1.033   9.747   1.00 26.58  ? 12  U   A C2    1 
ATOM   252 O  O2    . U   A 1 12 ? 5.994   -0.112  10.103  1.00 29.12  ? 12  U   A O2    1 
ATOM   253 N  N3    . U   A 1 12 ? 6.666   1.330   8.490   1.00 26.42  ? 12  U   A N3    1 
ATOM   254 C  C4    . U   A 1 12 ? 6.936   2.570   7.963   1.00 26.90  ? 12  U   A C4    1 
ATOM   255 O  O4    . U   A 1 12 ? 7.253   2.667   6.779   1.00 30.08  ? 12  U   A O4    1 
ATOM   256 C  C5    . U   A 1 12 ? 6.793   3.659   8.900   1.00 25.18  ? 12  U   A C5    1 
ATOM   257 C  C6    . U   A 1 12 ? 6.356   3.403   10.143  1.00 27.25  ? 12  U   A C6    1 
ATOM   258 P  P     . C   A 1 13 ? 9.405   2.465   14.683  1.00 31.88  ? 13  C   A P     1 
ATOM   259 O  OP1   . C   A 1 13 ? 9.848   2.537   16.127  1.00 37.80  ? 13  C   A OP1   1 
ATOM   260 O  OP2   . C   A 1 13 ? 9.938   3.437   13.709  1.00 33.21  ? 13  C   A OP2   1 
ATOM   261 O  "O5'" . C   A 1 13 ? 9.838   1.017   14.152  1.00 30.89  ? 13  C   A "O5'" 1 
ATOM   262 C  "C5'" . C   A 1 13 ? 9.383   -0.183  14.772  1.00 28.69  ? 13  C   A "C5'" 1 
ATOM   263 C  "C4'" . C   A 1 13 ? 9.475   -1.371  13.859  1.00 30.39  ? 13  C   A "C4'" 1 
ATOM   264 O  "O4'" . C   A 1 13 ? 8.584   -1.168  12.724  1.00 26.66  ? 13  C   A "O4'" 1 
ATOM   265 C  "C3'" . C   A 1 13 ? 10.817  -1.723  13.226  1.00 34.14  ? 13  C   A "C3'" 1 
ATOM   266 O  "O3'" . C   A 1 13 ? 11.622  -2.493  14.122  1.00 33.54  ? 13  C   A "O3'" 1 
ATOM   267 C  "C2'" . C   A 1 13 ? 10.358  -2.618  12.083  1.00 27.79  ? 13  C   A "C2'" 1 
ATOM   268 O  "O2'" . C   A 1 13 ? 9.908   -3.870  12.503  1.00 31.20  ? 13  C   A "O2'" 1 
ATOM   269 C  "C1'" . C   A 1 13 ? 9.134   -1.824  11.579  1.00 26.24  ? 13  C   A "C1'" 1 
ATOM   270 N  N1    . C   A 1 13 ? 9.474   -0.795  10.571  1.00 24.38  ? 13  C   A N1    1 
ATOM   271 C  C2    . C   A 1 13 ? 9.656   -1.228  9.247   1.00 24.35  ? 13  C   A C2    1 
ATOM   272 O  O2    . C   A 1 13 ? 9.524   -2.439  8.993   1.00 26.92  ? 13  C   A O2    1 
ATOM   273 N  N3    . C   A 1 13 ? 9.923   -0.301  8.277   1.00 23.67  ? 13  C   A N3    1 
ATOM   274 C  C4    . C   A 1 13 ? 10.017  0.990   8.596   1.00 24.46  ? 13  C   A C4    1 
ATOM   275 N  N4    . C   A 1 13 ? 10.279  1.854   7.627   1.00 25.34  ? 13  C   A N4    1 
ATOM   276 C  C5    . C   A 1 13 ? 9.936   1.437   9.949   1.00 27.88  ? 13  C   A C5    1 
ATOM   277 C  C6    . C   A 1 13 ? 9.634   0.526   10.886  1.00 25.90  ? 13  C   A C6    1 
ATOM   278 P  P     . U   A 1 14 ? 13.204  -2.467  13.994  1.00 36.53  ? 14  U   A P     1 
ATOM   279 O  OP1   . U   A 1 14 ? 13.756  -3.312  15.089  1.00 48.95  ? 14  U   A OP1   1 
ATOM   280 O  OP2   . U   A 1 14 ? 13.669  -1.128  13.802  1.00 33.07  ? 14  U   A OP2   1 
ATOM   281 O  "O5'" . U   A 1 14 ? 13.562  -3.202  12.636  1.00 33.54  ? 14  U   A "O5'" 1 
ATOM   282 C  "C5'" . U   A 1 14 ? 13.442  -4.595  12.521  1.00 34.63  ? 14  U   A "C5'" 1 
ATOM   283 C  "C4'" . U   A 1 14 ? 13.843  -5.035  11.134  1.00 37.37  ? 14  U   A "C4'" 1 
ATOM   284 O  "O4'" . U   A 1 14 ? 12.989  -4.350  10.180  1.00 34.37  ? 14  U   A "O4'" 1 
ATOM   285 C  "C3'" . U   A 1 14 ? 15.232  -4.667  10.649  1.00 39.44  ? 14  U   A "C3'" 1 
ATOM   286 O  "O3'" . U   A 1 14 ? 16.241  -5.542  11.146  1.00 46.58  ? 14  U   A "O3'" 1 
ATOM   287 C  "C2'" . U   A 1 14 ? 15.060  -4.822  9.150   1.00 40.66  ? 14  U   A "C2'" 1 
ATOM   288 O  "O2'" . U   A 1 14 ? 15.060  -6.179  8.735   1.00 45.61  ? 14  U   A "O2'" 1 
ATOM   289 C  "C1'" . U   A 1 14 ? 13.663  -4.251  8.947   1.00 33.29  ? 14  U   A "C1'" 1 
ATOM   290 N  N1    . U   A 1 14 ? 13.576  -2.859  8.478   1.00 29.46  ? 14  U   A N1    1 
ATOM   291 C  C2    . U   A 1 14 ? 13.759  -2.645  7.118   1.00 29.76  ? 14  U   A C2    1 
ATOM   292 O  O2    . U   A 1 14 ? 14.070  -3.534  6.345   1.00 32.01  ? 14  U   A O2    1 
ATOM   293 N  N3    . U   A 1 14 ? 13.621  -1.346  6.715   1.00 27.70  ? 14  U   A N3    1 
ATOM   294 C  C4    . U   A 1 14 ? 13.323  -0.257  7.501   1.00 26.15  ? 14  U   A C4    1 
ATOM   295 O  O4    . U   A 1 14 ? 13.230  0.846   6.982   1.00 30.04  ? 14  U   A O4    1 
ATOM   296 C  C5    . U   A 1 14 ? 13.172  -0.550  8.899   1.00 28.76  ? 14  U   A C5    1 
ATOM   297 C  C6    . U   A 1 14 ? 13.285  -1.815  9.325   1.00 30.14  ? 14  U   A C6    1 
HETATM 298 O  "O5'" . LCC B 1 1  ? 18.841  11.030  -0.328  1.00 49.22  ? 1   LCC B "O5'" 1 
HETATM 299 C  "C5'" . LCC B 1 1  ? 19.507  10.975  -1.579  1.00 49.78  ? 1   LCC B "C5'" 1 
HETATM 300 C  "C4'" . LCC B 1 1  ? 20.106  9.577   -1.578  1.00 47.18  ? 1   LCC B "C4'" 1 
HETATM 301 O  "O4'" . LCC B 1 1  ? 20.698  9.131   -0.331  1.00 43.94  ? 1   LCC B "O4'" 1 
HETATM 302 C  "C1'" . LCC B 1 1  ? 20.932  7.691   -0.600  1.00 42.98  ? 1   LCC B "C1'" 1 
HETATM 303 N  N1    . LCC B 1 1  ? 20.463  7.119   0.640   1.00 36.91  ? 1   LCC B N1    1 
HETATM 304 C  C6    . LCC B 1 1  ? 19.720  7.903   1.542   1.00 35.81  ? 1   LCC B C6    1 
HETATM 305 C  C5    . LCC B 1 1  ? 19.313  7.379   2.733   1.00 38.43  ? 1   LCC B C5    1 
HETATM 306 C  C5M   . LCC B 1 1  ? 18.562  8.148   3.641   1.00 46.21  ? 1   LCC B C5M   1 
HETATM 307 C  C4    . LCC B 1 1  ? 19.677  6.034   2.938   1.00 31.41  ? 1   LCC B C4    1 
HETATM 308 N  N4    . LCC B 1 1  ? 19.320  5.562   4.098   1.00 36.21  ? 1   LCC B N4    1 
HETATM 309 N  N3    . LCC B 1 1  ? 20.370  5.303   2.052   1.00 34.48  ? 1   LCC B N3    1 
HETATM 310 C  C2    . LCC B 1 1  ? 20.778  5.823   0.912   1.00 32.92  ? 1   LCC B C2    1 
HETATM 311 O  O2    . LCC B 1 1  ? 21.417  5.176   0.076   1.00 45.35  ? 1   LCC B O2    1 
HETATM 312 C  "C3'" . LCC B 1 1  ? 19.128  8.487   -1.742  1.00 47.17  ? 1   LCC B "C3'" 1 
HETATM 313 C  "C2'" . LCC B 1 1  ? 20.159  7.439   -1.820  1.00 45.45  ? 1   LCC B "C2'" 1 
HETATM 314 O  "O2'" . LCC B 1 1  ? 20.930  7.951   -2.963  1.00 51.22  ? 1   LCC B "O2'" 1 
HETATM 315 O  "O3'" . LCC B 1 1  ? 18.303  8.580   -2.978  1.00 49.95  ? 1   LCC B "O3'" 1 
HETATM 316 C  "C6'" . LCC B 1 1  ? 21.070  9.391   -2.778  1.00 48.31  ? 1   LCC B "C6'" 1 
HETATM 317 O  "O5'" . LCC B 1 2  ? 17.321  6.403   -3.190  1.00 41.83  ? 2   LCC B "O5'" 1 
HETATM 318 C  "C5'" . LCC B 1 2  ? 17.928  5.708   -4.295  1.00 41.43  ? 2   LCC B "C5'" 1 
HETATM 319 C  "C4'" . LCC B 1 2  ? 18.337  4.399   -3.685  1.00 38.10  ? 2   LCC B "C4'" 1 
HETATM 320 O  "O4'" . LCC B 1 2  ? 18.975  4.392   -2.354  1.00 36.47  ? 2   LCC B "O4'" 1 
HETATM 321 C  "C1'" . LCC B 1 2  ? 18.859  3.093   -1.805  1.00 36.24  ? 2   LCC B "C1'" 1 
HETATM 322 N  N1    . LCC B 1 2  ? 18.203  3.190   -0.480  1.00 30.38  ? 2   LCC B N1    1 
HETATM 323 C  C6    . LCC B 1 2  ? 17.577  4.360   -0.180  1.00 30.64  ? 2   LCC B C6    1 
HETATM 324 C  C5    . LCC B 1 2  ? 17.008  4.516   1.096   1.00 33.78  ? 2   LCC B C5    1 
HETATM 325 C  C5M   . LCC B 1 2  ? 16.362  5.686   1.423   1.00 38.77  ? 2   LCC B C5M   1 
HETATM 326 C  C4    . LCC B 1 2  ? 17.086  3.421   1.945   1.00 29.85  ? 2   LCC B C4    1 
HETATM 327 N  N4    . LCC B 1 2  ? 16.486  3.509   3.180   1.00 37.76  ? 2   LCC B N4    1 
HETATM 328 N  N3    . LCC B 1 2  ? 17.674  2.290   1.594   1.00 32.53  ? 2   LCC B N3    1 
HETATM 329 C  C2    . LCC B 1 2  ? 18.240  2.179   0.348   1.00 27.06  ? 2   LCC B C2    1 
HETATM 330 O  O2    . LCC B 1 2  ? 18.766  1.061   0.167   1.00 31.03  ? 2   LCC B O2    1 
HETATM 331 C  "C3'" . LCC B 1 2  ? 17.181  3.530   -3.350  1.00 38.14  ? 2   LCC B "C3'" 1 
HETATM 332 C  "C2'" . LCC B 1 2  ? 17.984  2.422   -2.883  1.00 32.01  ? 2   LCC B "C2'" 1 
HETATM 333 O  "O2'" . LCC B 1 2  ? 18.802  2.148   -4.020  1.00 42.12  ? 2   LCC B "O2'" 1 
HETATM 334 O  "O3'" . LCC B 1 2  ? 16.491  3.167   -4.518  1.00 40.86  ? 2   LCC B "O3'" 1 
HETATM 335 C  "C6'" . LCC B 1 2  ? 19.201  3.486   -4.610  1.00 42.04  ? 2   LCC B "C6'" 1 
HETATM 336 P  P     . LCC B 1 2  ? 16.774  7.939   -3.188  1.00 43.20  ? 2   LCC B P     1 
HETATM 337 O  O1P   . LCC B 1 2  ? 15.995  7.914   -1.888  1.00 38.87  ? 2   LCC B O1P   1 
HETATM 338 O  O2P   . LCC B 1 2  ? 16.329  8.483   -4.493  1.00 41.85  ? 2   LCC B O2P   1 
HETATM 339 P  P     . LCA B 1 3  ? 14.818  2.912   -4.331  1.00 35.87  ? 3   LCA B P     1 
HETATM 340 O  O1P   . LCA B 1 3  ? 14.006  3.717   -3.399  1.00 33.35  ? 3   LCA B O1P   1 
HETATM 341 O  "O5'" . LCA B 1 3  ? 14.841  1.414   -3.623  1.00 33.14  ? 3   LCA B "O5'" 1 
HETATM 342 C  "C5'" . LCA B 1 3  ? 15.454  0.302   -4.236  1.00 30.34  ? 3   LCA B "C5'" 1 
HETATM 343 C  "C3'" . LCA B 1 3  ? 14.240  -1.210  -2.530  1.00 31.43  ? 3   LCA B "C3'" 1 
HETATM 344 C  "C6'" . LCA B 1 3  ? 16.057  -2.154  -3.728  1.00 28.85  ? 3   LCA B "C6'" 1 
HETATM 345 N  N9    . LCA B 1 3  ? 15.197  -0.268  0.087   1.00 28.43  ? 3   LCA B N9    1 
HETATM 346 C  C8    . LCA B 1 3  ? 14.894  1.018   0.050   1.00 27.45  ? 3   LCA B C8    1 
HETATM 347 C  C4    . LCA B 1 3  ? 14.903  -0.704  1.349   1.00 24.37  ? 3   LCA B C4    1 
HETATM 348 N  N7    . LCA B 1 3  ? 14.384  1.416   1.199   1.00 25.90  ? 3   LCA B N7    1 
HETATM 349 C  C5    . LCA B 1 3  ? 14.402  0.347   2.013   1.00 24.67  ? 3   LCA B C5    1 
HETATM 350 C  C6    . LCA B 1 3  ? 14.051  0.167   3.370   1.00 22.42  ? 3   LCA B C6    1 
HETATM 351 C  "C2'" . LCA B 1 3  ? 14.884  -2.160  -1.607  1.00 28.22  ? 3   LCA B "C2'" 1 
HETATM 352 N  N6    . LCA B 1 3  ? 13.549  1.172   4.040   1.00 26.02  ? 3   LCA B N6    1 
HETATM 353 C  "C4'" . LCA B 1 3  ? 15.510  -0.841  -3.207  1.00 31.08  ? 3   LCA B "C4'" 1 
HETATM 354 C  "C1'" . LCA B 1 3  ? 15.803  -1.154  -0.925  1.00 27.33  ? 3   LCA B "C1'" 1 
HETATM 355 C  C2    . LCA B 1 3  ? 14.629  -2.108  3.202   1.00 24.39  ? 3   LCA B C2    1 
HETATM 356 N  N1    . LCA B 1 3  ? 14.166  -1.046  3.944   1.00 25.51  ? 3   LCA B N1    1 
HETATM 357 O  "O4'" . LCA B 1 3  ? 16.298  -0.357  -2.037  1.00 29.23  ? 3   LCA B "O4'" 1 
HETATM 358 O  O2P   . LCA B 1 3  ? 14.445  2.673   -5.822  1.00 47.64  ? 3   LCA B O2P   1 
HETATM 359 N  N3    . LCA B 1 3  ? 15.022  -1.957  1.924   1.00 27.32  ? 3   LCA B N3    1 
HETATM 360 O  "O3'" . LCA B 1 3  ? 13.379  -1.868  -3.464  1.00 28.67  ? 3   LCA B "O3'" 1 
HETATM 361 O  "O2'" . LCA B 1 3  ? 15.635  -2.982  -2.496  1.00 28.63  ? 3   LCA B "O2'" 1 
HETATM 362 P  P     . LCG B 1 4  ? 11.761  -1.704  -3.475  1.00 29.86  ? 4   LCG B P     1 
HETATM 363 O  OP1   . LCG B 1 4  ? 11.362  -2.333  -4.804  1.00 28.90  ? 4   LCG B OP1   1 
HETATM 364 O  "O5'" . LCG B 1 4  ? 11.413  -2.630  -2.150  1.00 27.38  ? 4   LCG B "O5'" 1 
HETATM 365 C  "C5'" . LCG B 1 4  ? 11.762  -4.043  -2.136  1.00 27.25  ? 4   LCG B "C5'" 1 
HETATM 366 C  "C3'" . LCG B 1 4  ? 10.199  -4.249  -0.178  1.00 29.68  ? 4   LCG B "C3'" 1 
HETATM 367 C  "C6'" . LCG B 1 4  ? 11.765  -5.952  -0.464  1.00 26.81  ? 4   LCG B "C6'" 1 
HETATM 368 N  N9    . LCG B 1 4  ? 11.374  -2.699  2.036   1.00 25.60  ? 4   LCG B N9    1 
HETATM 369 C  C8    . LCG B 1 4  ? 11.357  -1.514  1.403   1.00 25.73  ? 4   LCG B C8    1 
HETATM 370 C  C4    . LCG B 1 4  ? 11.055  -2.398  3.348   1.00 23.55  ? 4   LCG B C4    1 
HETATM 371 N  N7    . LCG B 1 4  ? 11.025  -0.505  2.186   1.00 26.34  ? 4   LCG B N7    1 
HETATM 372 C  C5    . LCG B 1 4  ? 10.856  -1.088  3.457   1.00 23.31  ? 4   LCG B C5    1 
HETATM 373 C  C6    . LCG B 1 4  ? 10.574  -0.514  4.688   1.00 22.68  ? 4   LCG B C6    1 
HETATM 374 C  "C2'" . LCG B 1 4  ? 10.503  -4.886  1.131   1.00 24.09  ? 4   LCG B "C2'" 1 
HETATM 375 O  O6    . LCG B 1 4  ? 10.367  0.705   4.911   1.00 25.29  ? 4   LCG B O6    1 
HETATM 376 C  "C4'" . LCG B 1 4  ? 11.477  -4.510  -0.727  1.00 24.57  ? 4   LCG B "C4'" 1 
HETATM 377 C  "C1'" . LCG B 1 4  ? 11.732  -4.041  1.537   1.00 23.43  ? 4   LCG B "C1'" 1 
HETATM 378 C  C2    . LCG B 1 4  ? 10.654  -2.777  5.542   1.00 23.40  ? 4   LCG B C2    1 
HETATM 379 N  N1    . LCG B 1 4  ? 10.428  -1.416  5.686   1.00 23.98  ? 4   LCG B N1    1 
HETATM 380 O  "O4'" . LCG B 1 4  ? 12.291  -3.727  0.274   1.00 26.89  ? 4   LCG B "O4'" 1 
HETATM 381 O  OP2   . LCG B 1 4  ? 11.267  -0.356  -3.041  1.00 30.27  ? 4   LCG B OP2   1 
HETATM 382 N  N2    . LCG B 1 4  ? 10.519  -3.529  6.630   1.00 27.27  ? 4   LCG B N2    1 
HETATM 383 N  N3    . LCG B 1 4  ? 11.000  -3.307  4.356   1.00 22.48  ? 4   LCG B N3    1 
HETATM 384 O  "O2'" . LCG B 1 4  ? 11.022  -6.172  0.814   1.00 27.53  ? 4   LCG B "O2'" 1 
HETATM 385 O  "O3'" . LCG B 1 4  ? 9.247   -5.032  -0.949  1.00 28.95  ? 4   LCG B "O3'" 1 
ATOM   386 P  P     . A   B 1 5  ? 7.649   -4.724  -0.953  1.00 30.03  ? 5   A   B P     1 
ATOM   387 O  OP1   . A   B 1 5  ? 6.958   -5.568  -1.974  1.00 34.53  ? 5   A   B OP1   1 
ATOM   388 O  OP2   . A   B 1 5  ? 7.376   -3.380  -0.959  1.00 26.66  ? 5   A   B OP2   1 
ATOM   389 O  "O5'" . A   B 1 5  ? 7.098   -5.229  0.463   1.00 25.94  ? 5   A   B "O5'" 1 
ATOM   390 C  "C5'" . A   B 1 5  ? 7.177   -6.596  0.858   1.00 25.99  ? 5   A   B "C5'" 1 
ATOM   391 C  "C4'" . A   B 1 5  ? 6.825   -6.698  2.312   1.00 25.37  ? 5   A   B "C4'" 1 
ATOM   392 O  "O4'" . A   B 1 5  ? 7.834   -6.005  3.139   1.00 24.99  ? 5   A   B "O4'" 1 
ATOM   393 C  "C3'" . A   B 1 5  ? 5.539   -5.994  2.710   1.00 25.50  ? 5   A   B "C3'" 1 
ATOM   394 O  "O3'" . A   B 1 5  ? 4.434   -6.843  2.447   1.00 26.16  ? 5   A   B "O3'" 1 
ATOM   395 C  "C2'" . A   B 1 5  ? 5.754   -5.841  4.202   1.00 22.99  ? 5   A   B "C2'" 1 
ATOM   396 O  "O2'" . A   B 1 5  ? 5.689   -7.079  4.824   1.00 23.54  ? 5   A   B "O2'" 1 
ATOM   397 C  "C1'" . A   B 1 5  ? 7.186   -5.314  4.215   1.00 24.62  ? 5   A   B "C1'" 1 
ATOM   398 N  N9    . A   B 1 5  ? 7.288   -3.871  4.029   1.00 23.66  ? 5   A   B N9    1 
ATOM   399 C  C8    . A   B 1 5  ? 7.487   -3.125  2.896   1.00 23.84  ? 5   A   B C8    1 
ATOM   400 N  N7    . A   B 1 5  ? 7.434   -1.830  3.107   1.00 26.97  ? 5   A   B N7    1 
ATOM   401 C  C5    . A   B 1 5  ? 7.262   -1.721  4.471   1.00 25.22  ? 5   A   B C5    1 
ATOM   402 C  C6    . A   B 1 5  ? 7.164   -0.609  5.328   1.00 26.89  ? 5   A   B C6    1 
ATOM   403 N  N6    . A   B 1 5  ? 7.273   0.643   4.919   1.00 28.10  ? 5   A   B N6    1 
ATOM   404 N  N1    . A   B 1 5  ? 6.917   -0.843  6.632   1.00 25.72  ? 5   A   B N1    1 
ATOM   405 C  C2    . A   B 1 5  ? 6.814   -2.106  7.044   1.00 26.72  ? 5   A   B C2    1 
ATOM   406 N  N3    . A   B 1 5  ? 6.929   -3.231  6.345   1.00 25.72  ? 5   A   B N3    1 
ATOM   407 C  C4    . A   B 1 5  ? 7.098   -2.962  5.042   1.00 23.76  ? 5   A   B C4    1 
ATOM   408 P  P     . C   B 1 6  ? 2.982   -6.226  2.165   1.00 26.51  ? 6   C   B P     1 
ATOM   409 O  OP1   . C   B 1 6  ? 2.128   -7.378  1.620   1.00 29.62  ? 6   C   B OP1   1 
ATOM   410 O  OP2   . C   B 1 6  ? 3.064   -4.968  1.407   1.00 26.89  ? 6   C   B OP2   1 
ATOM   411 O  "O5'" . C   B 1 6  ? 2.396   -5.778  3.550   1.00 24.22  ? 6   C   B "O5'" 1 
ATOM   412 C  "C5'" . C   B 1 6  ? 2.207   -6.675  4.664   1.00 24.23  ? 6   C   B "C5'" 1 
ATOM   413 C  "C4'" . C   B 1 6  ? 2.165   -5.934  5.998   1.00 24.87  ? 6   C   B "C4'" 1 
ATOM   414 O  "O4'" . C   B 1 6  ? 3.345   -5.144  6.188   1.00 25.33  ? 6   C   B "O4'" 1 
ATOM   415 C  "C3'" . C   B 1 6  ? 1.066   -4.896  6.125   1.00 24.65  ? 6   C   B "C3'" 1 
ATOM   416 O  "O3'" . C   B 1 6  ? -0.120  -5.575  6.435   1.00 25.79  ? 6   C   B "O3'" 1 
ATOM   417 C  "C2'" . C   B 1 6  ? 1.562   -4.102  7.287   1.00 25.66  ? 6   C   B "C2'" 1 
ATOM   418 O  "O2'" . C   B 1 6  ? 1.425   -4.791  8.514   1.00 28.81  ? 6   C   B "O2'" 1 
ATOM   419 C  "C1'" . C   B 1 6  ? 3.034   -3.951  6.906   1.00 25.14  ? 6   C   B "C1'" 1 
ATOM   420 N  N1    . C   B 1 6  ? 3.321   -2.784  6.017   1.00 23.45  ? 6   C   B N1    1 
ATOM   421 C  C2    . C   B 1 6  ? 3.415   -1.521  6.612   1.00 24.15  ? 6   C   B C2    1 
ATOM   422 O  O2    . C   B 1 6  ? 3.274   -1.420  7.843   1.00 25.82  ? 6   C   B O2    1 
ATOM   423 N  N3    . C   B 1 6  ? 3.714   -0.447  5.834   1.00 22.90  ? 6   C   B N3    1 
ATOM   424 C  C4    . C   B 1 6  ? 3.889   -0.597  4.519   1.00 21.79  ? 6   C   B C4    1 
ATOM   425 N  N4    . C   B 1 6  ? 4.185   0.484   3.798   1.00 25.83  ? 6   C   B N4    1 
ATOM   426 C  C5    . C   B 1 6  ? 3.741   -1.855  3.879   1.00 22.83  ? 6   C   B C5    1 
ATOM   427 C  C6    . C   B 1 6  ? 3.450   -2.918  4.663   1.00 22.85  ? 6   C   B C6    1 
ATOM   428 P  P     . U   B 1 7  ? -1.540  -4.931  6.039   1.00 28.54  ? 7   U   B P     1 
ATOM   429 O  OP1   . U   B 1 7  ? -2.621  -5.912  6.519   1.00 33.22  ? 7   U   B OP1   1 
ATOM   430 O  OP2   . U   B 1 7  ? -1.555  -4.436  4.662   1.00 26.22  ? 7   U   B OP2   1 
ATOM   431 O  "O5'" . U   B 1 7  ? -1.684  -3.720  7.064   1.00 27.54  ? 7   U   B "O5'" 1 
ATOM   432 C  "C5'" . U   B 1 7  ? -1.822  -3.843  8.480   1.00 27.60  ? 7   U   B "C5'" 1 
ATOM   433 C  "C4'" . U   B 1 7  ? -1.759  -2.498  9.140   1.00 28.75  ? 7   U   B "C4'" 1 
ATOM   434 O  "O4'" . U   B 1 7  ? -0.516  -1.815  8.835   1.00 28.33  ? 7   U   B "O4'" 1 
ATOM   435 C  "C3'" . U   B 1 7  ? -2.789  -1.531  8.593   1.00 29.13  ? 7   U   B "C3'" 1 
ATOM   436 O  "O3'" . U   B 1 7  ? -4.047  -1.756  9.180   1.00 27.94  ? 7   U   B "O3'" 1 
ATOM   437 C  "C2'" . U   B 1 7  ? -2.231  -0.210  9.074   1.00 26.08  ? 7   U   B "C2'" 1 
ATOM   438 O  "O2'" . U   B 1 7  ? -2.369  -0.026  10.456  1.00 29.94  ? 7   U   B "O2'" 1 
ATOM   439 C  "C1'" . U   B 1 7  ? -0.764  -0.397  8.745   1.00 27.56  ? 7   U   B "C1'" 1 
ATOM   440 N  N1    . U   B 1 7  ? -0.331  0.054   7.411   1.00 24.42  ? 7   U   B N1    1 
ATOM   441 C  C2    . U   B 1 7  ? -0.044  1.403   7.277   1.00 23.42  ? 7   U   B C2    1 
ATOM   442 O  O2    . U   B 1 7  ? -0.349  2.213   8.123   1.00 28.17  ? 7   U   B O2    1 
ATOM   443 N  N3    . U   B 1 7  ? 0.422   1.766   6.044   1.00 25.16  ? 7   U   B N3    1 
ATOM   444 C  C4    . U   B 1 7  ? 0.692   0.948   4.976   1.00 23.39  ? 7   U   B C4    1 
ATOM   445 O  O4    . U   B 1 7  ? 1.134   1.417   3.950   1.00 26.56  ? 7   U   B O4    1 
ATOM   446 C  C5    . U   B 1 7  ? 0.370   -0.427  5.190   1.00 24.13  ? 7   U   B C5    1 
ATOM   447 C  C6    . U   B 1 7  ? -0.121  -0.814  6.368   1.00 23.46  ? 7   U   B C6    1 
ATOM   448 P  P     . U   B 1 8  ? -5.337  -1.661  8.320   1.00 28.74  ? 8   U   B P     1 
ATOM   449 O  OP1   . U   B 1 8  ? -6.501  -2.228  9.163   1.00 31.98  ? 8   U   B OP1   1 
ATOM   450 O  OP2   . U   B 1 8  ? -5.206  -2.056  6.974   1.00 28.84  ? 8   U   B OP2   1 
ATOM   451 O  "O5'" . U   B 1 8  ? -5.646  -0.097  8.133   1.00 28.73  ? 8   U   B "O5'" 1 
ATOM   452 C  "C5'" . U   B 1 8  ? -6.008  0.612   9.317   1.00 27.21  ? 8   U   B "C5'" 1 
ATOM   453 C  "C4'" . U   B 1 8  ? -5.967  2.077   9.038   1.00 25.70  ? 8   U   B "C4'" 1 
ATOM   454 O  "O4'" . U   B 1 8  ? -4.601  2.516   8.898   1.00 27.21  ? 8   U   B "O4'" 1 
ATOM   455 C  "C3'" . U   B 1 8  ? -6.672  2.546   7.786   1.00 25.34  ? 8   U   B "C3'" 1 
ATOM   456 O  "O3'" . U   B 1 8  ? -8.113  2.626   7.884   1.00 25.22  ? 8   U   B "O3'" 1 
ATOM   457 C  "C2'" . U   B 1 8  ? -6.054  3.932   7.655   1.00 25.44  ? 8   U   B "C2'" 1 
ATOM   458 O  "O2'" . U   B 1 8  ? -6.503  4.856   8.642   1.00 26.34  ? 8   U   B "O2'" 1 
ATOM   459 C  "C1'" . U   B 1 8  ? -4.591  3.629   7.995   1.00 25.96  ? 8   U   B "C1'" 1 
ATOM   460 N  N1    . U   B 1 8  ? -3.802  3.249   6.809   1.00 24.28  ? 8   U   B N1    1 
ATOM   461 C  C2    . U   B 1 8  ? -3.305  4.291   6.063   1.00 23.85  ? 8   U   B C2    1 
ATOM   462 O  O2    . U   B 1 8  ? -3.427  5.461   6.397   1.00 26.43  ? 8   U   B O2    1 
ATOM   463 N  N3    . U   B 1 8  ? -2.604  3.916   4.948   1.00 22.10  ? 8   U   B N3    1 
ATOM   464 C  C4    . U   B 1 8  ? -2.419  2.651   4.455   1.00 25.40  ? 8   U   B C4    1 
ATOM   465 O  O4    . U   B 1 8  ? -1.737  2.483   3.433   1.00 25.16  ? 8   U   B O4    1 
ATOM   466 C  C5    . U   B 1 8  ? -3.035  1.621   5.230   1.00 24.38  ? 8   U   B C5    1 
ATOM   467 C  C6    . U   B 1 8  ? -3.685  1.944   6.368   1.00 23.83  ? 8   U   B C6    1 
ATOM   468 P  P     . A   B 1 9  ? -9.000  2.390   6.655   1.00 26.52  ? 9   A   B P     1 
ATOM   469 O  OP1   . A   B 1 9  ? -10.479 2.351   7.113   1.00 27.51  ? 9   A   B OP1   1 
ATOM   470 O  OP2   . A   B 1 9  ? -8.509  1.253   5.823   1.00 28.74  ? 9   A   B OP2   1 
ATOM   471 O  "O5'" . A   B 1 9  ? -8.824  3.694   5.733   1.00 24.85  ? 9   A   B "O5'" 1 
ATOM   472 C  "C5'" . A   B 1 9  ? -9.260  4.970   6.273   1.00 25.40  ? 9   A   B "C5'" 1 
ATOM   473 C  "C4'" . A   B 1 9  ? -8.774  6.110   5.425   1.00 24.51  ? 9   A   B "C4'" 1 
ATOM   474 O  "O4'" . A   B 1 9  ? -7.327  6.082   5.409   1.00 24.57  ? 9   A   B "O4'" 1 
ATOM   475 C  "C3'" . A   B 1 9  ? -9.174  6.085   3.954   1.00 25.21  ? 9   A   B "C3'" 1 
ATOM   476 O  "O3'" . A   B 1 9  ? -10.488 6.540   3.719   1.00 23.69  ? 9   A   B "O3'" 1 
ATOM   477 C  "C2'" . A   B 1 9  ? -8.133  7.012   3.341   1.00 24.65  ? 9   A   B "C2'" 1 
ATOM   478 O  "O2'" . A   B 1 9  ? -8.420  8.362   3.712   1.00 25.22  ? 9   A   B "O2'" 1 
ATOM   479 C  "C1'" . A   B 1 9  ? -6.894  6.550   4.114   1.00 23.30  ? 9   A   B "C1'" 1 
ATOM   480 N  N9    . A   B 1 9  ? -6.107  5.479   3.490   1.00 23.33  ? 9   A   B N9    1 
ATOM   481 C  C8    . A   B 1 9  ? -6.067  4.131   3.753   1.00 24.15  ? 9   A   B C8    1 
ATOM   482 N  N7    . A   B 1 9  ? -5.242  3.463   2.976   1.00 23.90  ? 9   A   B N7    1 
ATOM   483 C  C5    . A   B 1 9  ? -4.707  4.442   2.151   1.00 22.63  ? 9   A   B C5    1 
ATOM   484 C  C6    . A   B 1 9  ? -3.771  4.389   1.102   1.00 21.60  ? 9   A   B C6    1 
ATOM   485 N  N6    . A   B 1 9  ? -3.152  3.283   0.712   1.00 23.91  ? 9   A   B N6    1 
ATOM   486 N  N1    . A   B 1 9  ? -3.478  5.545   0.480   1.00 21.10  ? 9   A   B N1    1 
ATOM   487 C  C2    . A   B 1 9  ? -4.094  6.658   0.846   1.00 22.51  ? 9   A   B C2    1 
ATOM   488 N  N3    . A   B 1 9  ? -4.993  6.837   1.815   1.00 23.31  ? 9   A   B N3    1 
ATOM   489 C  C4    . A   B 1 9  ? -5.226  5.683   2.456   1.00 23.38  ? 9   A   B C4    1 
ATOM   490 P  P     . A   B 1 10 ? -11.361 6.050   2.501   1.00 26.60  ? 10  A   B P     1 
ATOM   491 O  OP1   . A   B 1 10 ? -12.708 6.610   2.744   1.00 29.53  ? 10  A   B OP1   1 
ATOM   492 O  OP2   . A   B 1 10 ? -11.094 4.610   2.257   1.00 26.37  ? 10  A   B OP2   1 
ATOM   493 O  "O5'" . A   B 1 10 ? -10.691 6.742   1.230   1.00 24.35  ? 10  A   B "O5'" 1 
ATOM   494 C  "C5'" . A   B 1 10 ? -11.024 8.124   0.978   1.00 25.60  ? 10  A   B "C5'" 1 
ATOM   495 C  "C4'" . A   B 1 10 ? -10.150 8.716   -0.081  1.00 22.90  ? 10  A   B "C4'" 1 
ATOM   496 O  "O4'" . A   B 1 10 ? -8.752  8.539   0.215   1.00 23.77  ? 10  A   B "O4'" 1 
ATOM   497 C  "C3'" . A   B 1 10 ? -10.314 8.049   -1.433  1.00 22.62  ? 10  A   B "C3'" 1 
ATOM   498 O  "O3'" . A   B 1 10 ? -11.500 8.471   -2.016  1.00 25.86  ? 10  A   B "O3'" 1 
ATOM   499 C  "C2'" . A   B 1 10 ? -9.071  8.571   -2.145  1.00 24.37  ? 10  A   B "C2'" 1 
ATOM   500 O  "O2'" . A   B 1 10 ? -9.213  9.978   -2.344  1.00 26.21  ? 10  A   B "O2'" 1 
ATOM   501 C  "C1'" . A   B 1 10 ? -8.056  8.323   -1.051  1.00 23.30  ? 10  A   B "C1'" 1 
ATOM   502 N  N9    . A   B 1 10 ? -7.530  6.956   -1.035  1.00 22.56  ? 10  A   B N9    1 
ATOM   503 C  C8    . A   B 1 10 ? -7.892  5.897   -0.234  1.00 24.97  ? 10  A   B C8    1 
ATOM   504 N  N7    . A   B 1 10 ? -7.152  4.828   -0.403  1.00 24.25  ? 10  A   B N7    1 
ATOM   505 C  C5    . A   B 1 10 ? -6.322  5.164   -1.465  1.00 20.49  ? 10  A   B C5    1 
ATOM   506 C  C6    . A   B 1 10 ? -5.320  4.446   -2.139  1.00 22.54  ? 10  A   B C6    1 
ATOM   507 N  N6    . A   B 1 10 ? -4.997  3.184   -1.855  1.00 23.16  ? 10  A   B N6    1 
ATOM   508 N  N1    . A   B 1 10 ? -4.653  5.081   -3.128  1.00 22.46  ? 10  A   B N1    1 
ATOM   509 C  C2    . A   B 1 10 ? -4.957  6.354   -3.392  1.00 23.32  ? 10  A   B C2    1 
ATOM   510 N  N3    . A   B 1 10 ? -5.903  7.137   -2.845  1.00 23.05  ? 10  A   B N3    1 
ATOM   511 C  C4    . A   B 1 10 ? -6.522  6.484   -1.844  1.00 20.53  ? 10  A   B C4    1 
ATOM   512 P  P     . G   B 1 11 ? -12.277 7.531   -3.080  1.00 30.32  ? 11  G   B P     1 
ATOM   513 O  OP1   . G   B 1 11 ? -13.492 8.241   -3.443  1.00 31.46  ? 11  G   B OP1   1 
ATOM   514 O  OP2   . G   B 1 11 ? -12.258 6.127   -2.631  1.00 30.91  ? 11  G   B OP2   1 
ATOM   515 O  "O5'" . G   B 1 11 ? -11.312 7.516   -4.328  1.00 29.10  ? 11  G   B "O5'" 1 
ATOM   516 C  "C5'" . G   B 1 11 ? -11.014 8.704   -5.049  1.00 28.85  ? 11  G   B "C5'" 1 
ATOM   517 C  "C4'" . G   B 1 11 ? -9.938  8.441   -6.091  1.00 29.41  ? 11  G   B "C4'" 1 
ATOM   518 O  "O4'" . G   B 1 11 ? -8.678  8.119   -5.461  1.00 29.09  ? 11  G   B "O4'" 1 
ATOM   519 C  "C3'" . G   B 1 11 ? -10.181 7.329   -7.100  1.00 27.66  ? 11  G   B "C3'" 1 
ATOM   520 O  "O3'" . G   B 1 11 ? -11.115 7.701   -8.129  1.00 31.45  ? 11  G   B "O3'" 1 
ATOM   521 C  "C2'" . G   B 1 11 ? -8.758  7.081   -7.576  1.00 28.83  ? 11  G   B "C2'" 1 
ATOM   522 O  "O2'" . G   B 1 11 ? -8.188  8.083   -8.389  1.00 31.65  ? 11  G   B "O2'" 1 
ATOM   523 C  "C1'" . G   B 1 11 ? -8.011  7.118   -6.237  1.00 28.95  ? 11  G   B "C1'" 1 
ATOM   524 N  N9    . G   B 1 11 ? -7.960  5.847   -5.501  1.00 26.10  ? 11  G   B N9    1 
ATOM   525 C  C8    . G   B 1 11 ? -8.739  5.379   -4.464  1.00 27.49  ? 11  G   B C8    1 
ATOM   526 N  N7    . G   B 1 11 ? -8.368  4.199   -4.043  1.00 26.45  ? 11  G   B N7    1 
ATOM   527 C  C5    . G   B 1 11 ? -7.322  3.846   -4.887  1.00 25.60  ? 11  G   B C5    1 
ATOM   528 C  C6    . G   B 1 11 ? -6.509  2.667   -4.930  1.00 23.72  ? 11  G   B C6    1 
ATOM   529 O  O6    . G   B 1 11 ? -6.572  1.654   -4.226  1.00 26.40  ? 11  G   B O6    1 
ATOM   530 N  N1    . G   B 1 11 ? -5.578  2.724   -5.979  1.00 26.00  ? 11  G   B N1    1 
ATOM   531 C  C2    . G   B 1 11 ? -5.409  3.794   -6.817  1.00 25.23  ? 11  G   B C2    1 
ATOM   532 N  N2    . G   B 1 11 ? -4.472  3.675   -7.780  1.00 26.23  ? 11  G   B N2    1 
ATOM   533 N  N3    . G   B 1 11 ? -6.162  4.881   -6.789  1.00 24.56  ? 11  G   B N3    1 
ATOM   534 C  C4    . G   B 1 11 ? -7.073  4.849   -5.796  1.00 25.09  ? 11  G   B C4    1 
ATOM   535 P  P     . U   B 1 12 ? -11.936 6.559   -8.904  1.00 33.34  ? 12  U   B P     1 
ATOM   536 O  OP1   . U   B 1 12 ? -12.908 7.223   -9.836  1.00 37.63  ? 12  U   B OP1   1 
ATOM   537 O  OP2   . U   B 1 12 ? -12.461 5.560   -7.984  1.00 35.90  ? 12  U   B OP2   1 
ATOM   538 O  "O5'" . U   B 1 12 ? -10.849 5.818   -9.772  1.00 33.37  ? 12  U   B "O5'" 1 
ATOM   539 C  "C5'" . U   B 1 12 ? -10.142 6.493   -10.805 1.00 33.65  ? 12  U   B "C5'" 1 
ATOM   540 C  "C4'" . U   B 1 12 ? -9.101  5.592   -11.412 1.00 32.80  ? 12  U   B "C4'" 1 
ATOM   541 O  "O4'" . U   B 1 12 ? -8.061  5.281   -10.430 1.00 31.23  ? 12  U   B "O4'" 1 
ATOM   542 C  "C3'" . U   B 1 12 ? -9.575  4.226   -11.899 1.00 32.91  ? 12  U   B "C3'" 1 
ATOM   543 O  "O3'" . U   B 1 12 ? -10.235 4.251   -13.171 1.00 34.10  ? 12  U   B "O3'" 1 
ATOM   544 C  "C2'" . U   B 1 12 ? -8.259  3.481   -11.941 1.00 28.52  ? 12  U   B "C2'" 1 
ATOM   545 O  "O2'" . U   B 1 12 ? -7.455  3.843   -13.019 1.00 31.48  ? 12  U   B "O2'" 1 
ATOM   546 C  "C1'" . U   B 1 12 ? -7.612  3.951   -10.633 1.00 29.89  ? 12  U   B "C1'" 1 
ATOM   547 N  N1    . U   B 1 12 ? -8.001  3.140   -9.460  1.00 28.40  ? 12  U   B N1    1 
ATOM   548 C  C2    . U   B 1 12 ? -7.291  1.954   -9.273  1.00 25.74  ? 12  U   B C2    1 
ATOM   549 O  O2    . U   B 1 12 ? -6.416  1.579   -10.033 1.00 28.52  ? 12  U   B O2    1 
ATOM   550 N  N3    . U   B 1 12 ? -7.641  1.250   -8.153  1.00 28.64  ? 12  U   B N3    1 
ATOM   551 C  C4    . U   B 1 12 ? -8.624  1.566   -7.235  1.00 25.46  ? 12  U   B C4    1 
ATOM   552 O  O4    . U   B 1 12 ? -8.815  0.814   -6.277  1.00 29.20  ? 12  U   B O4    1 
ATOM   553 C  C5    . U   B 1 12 ? -9.358  2.766   -7.527  1.00 26.04  ? 12  U   B C5    1 
ATOM   554 C  C6    . U   B 1 12 ? -9.019  3.502   -8.596  1.00 25.28  ? 12  U   B C6    1 
ATOM   555 P  P     . C   B 1 13 ? -11.386 3.235   -13.491 1.00 34.87  ? 13  C   B P     1 
ATOM   556 O  OP1   . C   B 1 13 ? -12.001 3.663   -14.806 1.00 39.00  ? 13  C   B OP1   1 
ATOM   557 O  OP2   . C   B 1 13 ? -12.291 3.071   -12.370 1.00 33.68  ? 13  C   B OP2   1 
ATOM   558 O  "O5'" . C   B 1 13 ? -10.678 1.810   -13.716 1.00 33.74  ? 13  C   B "O5'" 1 
ATOM   559 C  "C5'" . C   B 1 13 ? -9.672  1.642   -14.707 1.00 31.68  ? 13  C   B "C5'" 1 
ATOM   560 C  "C4'" . C   B 1 13 ? -8.867  0.399   -14.448 1.00 31.49  ? 13  C   B "C4'" 1 
ATOM   561 O  "O4'" . C   B 1 13 ? -8.226  0.536   -13.149 1.00 31.49  ? 13  C   B "O4'" 1 
ATOM   562 C  "C3'" . C   B 1 13 ? -9.598  -0.931  -14.345 1.00 32.56  ? 13  C   B "C3'" 1 
ATOM   563 O  "O3'" . C   B 1 13 ? -9.970  -1.451  -15.625 1.00 31.88  ? 13  C   B "O3'" 1 
ATOM   564 C  "C2'" . C   B 1 13 ? -8.557  -1.750  -13.594 1.00 28.27  ? 13  C   B "C2'" 1 
ATOM   565 O  "O2'" . C   B 1 13 ? -7.471  -2.116  -14.404 1.00 30.87  ? 13  C   B "O2'" 1 
ATOM   566 C  "C1'" . C   B 1 13 ? -8.098  -0.740  -12.550 1.00 30.11  ? 13  C   B "C1'" 1 
ATOM   567 N  N1    . C   B 1 13 ? -8.843  -0.799  -11.270 1.00 29.12  ? 13  C   B N1    1 
ATOM   568 C  C2    . C   B 1 13 ? -8.493  -1.824  -10.381 1.00 27.18  ? 13  C   B C2    1 
ATOM   569 O  O2    . C   B 1 13 ? -7.594  -2.602  -10.702 1.00 28.61  ? 13  C   B O2    1 
ATOM   570 N  N3    . C   B 1 13 ? -9.134  -1.929  -9.201  1.00 24.46  ? 13  C   B N3    1 
ATOM   571 C  C4    . C   B 1 13 ? -10.072 -1.038  -8.869  1.00 27.42  ? 13  C   B C4    1 
ATOM   572 N  N4    . C   B 1 13 ? -10.675 -1.186  -7.700  1.00 28.67  ? 13  C   B N4    1 
ATOM   573 C  C5    . C   B 1 13 ? -10.472 0.010   -9.763  1.00 29.23  ? 13  C   B C5    1 
ATOM   574 C  C6    . C   B 1 13 ? -9.855  0.072   -10.954 1.00 29.92  ? 13  C   B C6    1 
ATOM   575 P  P     . U   B 1 14 ? -11.235 -2.389  -15.749 1.00 34.89  ? 14  U   B P     1 
ATOM   576 O  OP1   . U   B 1 14 ? -11.384 -2.764  -17.175 1.00 37.87  ? 14  U   B OP1   1 
ATOM   577 O  OP2   . U   B 1 14 ? -12.371 -1.824  -15.048 1.00 34.07  ? 14  U   B OP2   1 
ATOM   578 O  "O5'" . U   B 1 14 ? -10.872 -3.751  -14.984 1.00 34.76  ? 14  U   B "O5'" 1 
ATOM   579 C  "C5'" . U   B 1 14 ? -9.944  -4.714  -15.552 1.00 32.10  ? 14  U   B "C5'" 1 
ATOM   580 C  "C4'" . U   B 1 14 ? -9.682  -5.853  -14.612 1.00 32.67  ? 14  U   B "C4'" 1 
ATOM   581 O  "O4'" . U   B 1 14 ? -9.214  -5.347  -13.337 1.00 33.39  ? 14  U   B "O4'" 1 
ATOM   582 C  "C3'" . U   B 1 14 ? -10.870 -6.720  -14.207 1.00 37.89  ? 14  U   B "C3'" 1 
ATOM   583 O  "O3'" . U   B 1 14 ? -11.215 -7.696  -15.162 1.00 41.06  ? 14  U   B "O3'" 1 
ATOM   584 C  "C2'" . U   B 1 14 ? -10.317 -7.420  -12.983 1.00 35.47  ? 14  U   B "C2'" 1 
ATOM   585 O  "O2'" . U   B 1 14 ? -9.330  -8.400  -13.283 1.00 35.88  ? 14  U   B "O2'" 1 
ATOM   586 C  "C1'" . U   B 1 14 ? -9.574  -6.269  -12.319 1.00 34.44  ? 14  U   B "C1'" 1 
ATOM   587 N  N1    . U   B 1 14 ? -10.350 -5.600  -11.259 1.00 30.40  ? 14  U   B N1    1 
ATOM   588 C  C2    . U   B 1 14 ? -10.416 -6.271  -10.047 1.00 28.08  ? 14  U   B C2    1 
ATOM   589 O  O2    . U   B 1 14 ? -9.905  -7.359  -9.866  1.00 34.69  ? 14  U   B O2    1 
ATOM   590 N  N3    . U   B 1 14 ? -11.100 -5.620  -9.064  1.00 27.33  ? 14  U   B N3    1 
ATOM   591 C  C4    . U   B 1 14 ? -11.676 -4.381  -9.134  1.00 23.92  ? 14  U   B C4    1 
ATOM   592 O  O4    . U   B 1 14 ? -12.258 -3.937  -8.151  1.00 30.93  ? 14  U   B O4    1 
ATOM   593 C  C5    . U   B 1 14 ? -11.666 -3.797  -10.439 1.00 27.70  ? 14  U   B C5    1 
ATOM   594 C  C6    . U   B 1 14 ? -10.958 -4.376  -11.416 1.00 29.13  ? 14  U   B C6    1 
HETATM 595 O  O1    . 8OS C 2 .  ? -15.470 -5.837  -6.262  1.00 33.61  ? 101 8OS A O1    1 
HETATM 596 C  C1    . 8OS C 2 .  ? -14.995 -6.830  -6.714  1.00 28.34  ? 101 8OS A C1    1 
HETATM 597 N  N1    . 8OS C 2 .  ? -14.918 -7.859  -5.787  1.00 26.83  ? 101 8OS A N1    1 
HETATM 598 C  C2    . 8OS C 2 .  ? -14.399 -9.053  -6.227  1.00 29.43  ? 101 8OS A C2    1 
HETATM 599 N  N2    . 8OS C 2 .  ? -14.251 -10.045 -5.351  1.00 29.54  ? 101 8OS A N2    1 
HETATM 600 N  N3    . 8OS C 2 .  ? -14.030 -9.305  -7.463  1.00 31.34  ? 101 8OS A N3    1 
HETATM 601 C  C3    . 8OS C 2 .  ? -14.147 -8.270  -8.303  1.00 28.26  ? 101 8OS A C3    1 
HETATM 602 C  C4    . 8OS C 2 .  ? -14.637 -7.072  -7.953  1.00 26.85  ? 101 8OS A C4    1 
HETATM 603 N  N4    . 8OS C 2 .  ? -14.670 -6.274  -9.033  1.00 30.37  ? 101 8OS A N4    1 
HETATM 604 C  C5    . 8OS C 2 .  ? -14.181 -7.014  -9.986  1.00 30.34  ? 101 8OS A C5    1 
HETATM 605 N  N5    . 8OS C 2 .  ? -13.877 -8.254  -9.587  1.00 32.74  ? 101 8OS A N5    1 
HETATM 606 C  C6    . 8OS C 2 .  ? -13.321 -9.402  -10.426 1.00 37.95  ? 101 8OS A C6    1 
HETATM 607 O  O2    . 8OS C 2 .  ? -13.220 -8.709  -11.706 1.00 45.79  ? 101 8OS A O2    1 
HETATM 608 C  C7    . 8OS C 2 .  ? -14.263 -10.602 -10.602 1.00 45.44  ? 101 8OS A C7    1 
HETATM 609 O  O3    . 8OS C 2 .  ? -13.571 -11.928 -10.704 1.00 47.04  ? 101 8OS A O3    1 
HETATM 610 C  C8    . 8OS C 2 .  ? -14.920 -10.272 -11.947 1.00 44.35  ? 101 8OS A C8    1 
HETATM 611 O  O4    . 8OS C 2 .  ? -15.253 -11.465 -12.633 1.00 52.77  ? 101 8OS A O4    1 
HETATM 612 C  C9    . 8OS C 2 .  ? -13.741 -9.636  -12.675 1.00 53.77  ? 101 8OS A C9    1 
HETATM 613 C  C10   . 8OS C 2 .  ? -14.203 -8.953  -13.963 1.00 57.24  ? 101 8OS A C10   1 
HETATM 614 O  O5    . 8OS C 2 .  ? -14.722 -7.644  -13.693 1.00 71.15  ? 101 8OS A O5    1 
HETATM 615 P  P1    . 8OS C 2 .  ? -15.769 -6.968  -14.717 1.00 85.16  ? 101 8OS A P1    1 
HETATM 616 O  O6    . 8OS C 2 .  ? -16.845 -6.634  -13.632 1.00 61.75  ? 101 8OS A O6    1 
HETATM 617 O  O7    . 8OS C 2 .  ? -16.279 -8.023  -15.633 1.00 86.08  ? 101 8OS A O7    1 
HETATM 618 C  C11   . 8OS C 2 .  ? -15.177 -5.300  -15.535 1.00 94.37  ? 101 8OS A C11   1 
HETATM 619 N  N6    . 8OS C 2 .  ? -15.694 -4.086  -15.322 1.00 105.31 ? 101 8OS A N6    1 
HETATM 620 C  C12   . 8OS C 2 .  ? -15.030 -3.210  -16.090 1.00 104.46 ? 101 8OS A C12   1 
HETATM 621 N  N7    . 8OS C 2 .  ? -14.112 -3.877  -16.792 1.00 102.01 ? 101 8OS A N7    1 
HETATM 622 C  C13   . 8OS C 2 .  ? -14.216 -5.165  -16.449 1.00 99.58  ? 101 8OS A C13   1 
HETATM 623 C  C14   . 8OS C 2 .  ? -13.358 -6.309  -17.004 1.00 89.64  ? 101 8OS A C14   1 
HETATM 624 O  O1    . 8OS D 2 .  ? -17.042 -11.525 -8.407  1.00 57.84  ? 102 8OS A O1    1 
HETATM 625 C  C1    . 8OS D 2 .  ? -17.402 -10.663 -7.601  1.00 48.65  ? 102 8OS A C1    1 
HETATM 626 N  N1    . 8OS D 2 .  ? -17.553 -10.856 -6.191  1.00 51.28  ? 102 8OS A N1    1 
HETATM 627 C  C2    . 8OS D 2 .  ? -18.019 -9.792  -5.358  1.00 45.54  ? 102 8OS A C2    1 
HETATM 628 N  N2    . 8OS D 2 .  ? -18.200 -9.867  -4.024  1.00 45.90  ? 102 8OS A N2    1 
HETATM 629 N  N3    . 8OS D 2 .  ? -18.237 -8.618  -5.953  1.00 41.14  ? 102 8OS A N3    1 
HETATM 630 C  C3    . 8OS D 2 .  ? -18.039 -8.473  -7.293  1.00 42.76  ? 102 8OS A C3    1 
HETATM 631 C  C4    . 8OS D 2 .  ? -17.643 -9.485  -8.075  1.00 41.30  ? 102 8OS A C4    1 
HETATM 632 N  N4    . 8OS D 2 .  ? -17.546 -9.090  -9.329  1.00 48.11  ? 102 8OS A N4    1 
HETATM 633 C  C5    . 8OS D 2 .  ? -17.888 -7.796  -9.325  1.00 44.93  ? 102 8OS A C5    1 
HETATM 634 N  N5    . 8OS D 2 .  ? -18.182 -7.405  -8.089  1.00 50.04  ? 102 8OS A N5    1 
HETATM 635 C  C6    . 8OS D 2 .  ? -18.687 -5.931  -7.858  1.00 82.36  ? 102 8OS A C6    1 
HETATM 636 O  O2    . 8OS D 2 .  ? -18.473 -4.983  -9.024  1.00 93.30  ? 102 8OS A O2    1 
HETATM 637 C  C7    . 8OS D 2 .  ? -18.194 -5.192  -6.589  1.00 97.65  ? 102 8OS A C7    1 
HETATM 638 O  O3    . 8OS D 2 .  ? -19.281 -4.930  -5.703  1.00 120.90 ? 102 8OS A O3    1 
HETATM 639 C  C8    . 8OS D 2 .  ? -17.490 -3.850  -7.089  1.00 105.33 ? 102 8OS A C8    1 
HETATM 640 O  O4    . 8OS D 2 .  ? -17.904 -2.666  -6.364  1.00 103.76 ? 102 8OS A O4    1 
HETATM 641 C  C9    . 8OS D 2 .  ? -17.850 -3.690  -8.585  1.00 106.11 ? 102 8OS A C9    1 
HETATM 642 C  C10   . 8OS D 2 .  ? -16.666 -3.050  -9.395  1.00 113.33 ? 102 8OS A C10   1 
HETATM 643 O  O5    . 8OS D 2 .  ? -16.130 -3.938  -10.393 1.00 125.37 ? 102 8OS A O5    1 
HETATM 644 P  P1    . 8OS D 2 .  ? -16.378 -3.756  -12.004 1.00 135.52 ? 102 8OS A P1    1 
HETATM 645 O  O6    . 8OS D 2 .  ? -15.348 -4.846  -12.536 1.00 119.41 ? 102 8OS A O6    1 
HETATM 646 O  O7    . 8OS D 2 .  ? -15.882 -2.437  -12.463 1.00 142.11 ? 102 8OS A O7    1 
HETATM 647 C  C11   . 8OS D 2 .  ? -18.167 -4.199  -12.357 1.00 141.32 ? 102 8OS A C11   1 
HETATM 648 N  N6    . 8OS D 2 .  ? -18.823 -5.263  -11.875 1.00 139.94 ? 102 8OS A N6    1 
HETATM 649 C  C12   . 8OS D 2 .  ? -20.072 -5.218  -12.348 1.00 137.93 ? 102 8OS A C12   1 
HETATM 650 N  N7    . 8OS D 2 .  ? -20.188 -4.129  -13.121 1.00 140.70 ? 102 8OS A N7    1 
HETATM 651 C  C13   . 8OS D 2 .  ? -19.012 -3.500  -13.123 1.00 139.87 ? 102 8OS A C13   1 
HETATM 652 C  C14   . 8OS D 2 .  ? -18.699 -2.193  -13.888 1.00 128.23 ? 102 8OS A C14   1 
HETATM 653 MG MG    . MG  E 3 .  ? -14.437 -13.690 -12.609 0.33 32.00  ? 101 MG  B MG    1 
HETATM 654 O  O1    . 8OS F 2 .  ? 16.781  2.407   5.017   1.00 40.33  ? 102 8OS B O1    1 
HETATM 655 C  C1    . 8OS F 2 .  ? 17.035  1.187   4.946   1.00 29.89  ? 102 8OS B C1    1 
HETATM 656 N  N1    . 8OS F 2 .  ? 17.398  0.639   3.675   1.00 32.26  ? 102 8OS B N1    1 
HETATM 657 C  C2    . 8OS F 2 .  ? 17.738  -0.613  3.501   1.00 34.17  ? 102 8OS B C2    1 
HETATM 658 N  N2    . 8OS F 2 .  ? 18.105  -0.894  2.254   1.00 49.81  ? 102 8OS B N2    1 
HETATM 659 N  N3    . 8OS F 2 .  ? 17.681  -1.428  4.551   1.00 40.41  ? 102 8OS B N3    1 
HETATM 660 C  C3    . 8OS F 2 .  ? 17.308  -0.903  5.733   1.00 34.88  ? 102 8OS B C3    1 
HETATM 661 C  C4    . 8OS F 2 .  ? 16.983  0.402   5.926   1.00 35.65  ? 102 8OS B C4    1 
HETATM 662 N  N4    . 8OS F 2 .  ? 16.665  0.678   7.193   1.00 40.63  ? 102 8OS B N4    1 
HETATM 663 C  C5    . 8OS F 2 .  ? 16.760  -0.523  7.760   1.00 35.65  ? 102 8OS B C5    1 
HETATM 664 N  N5    . 8OS F 2 .  ? 17.137  -1.443  6.886   1.00 36.91  ? 102 8OS B N5    1 
HETATM 665 C  C6    . 8OS F 2 .  ? 17.373  -2.911  7.085   1.00 58.90  ? 102 8OS B C6    1 
HETATM 666 O  O2    . 8OS F 2 .  ? 17.253  -2.997  8.490   1.00 76.64  ? 102 8OS B O2    1 
HETATM 667 C  C7    . 8OS F 2 .  ? 18.717  -3.511  6.676   1.00 74.26  ? 102 8OS B C7    1 
HETATM 668 O  O3    . 8OS F 2 .  ? 18.532  -4.604  5.736   1.00 80.91  ? 102 8OS B O3    1 
HETATM 669 C  C8    . 8OS F 2 .  ? 19.355  -4.020  7.968   1.00 81.11  ? 102 8OS B C8    1 
HETATM 670 O  O4    . 8OS F 2 .  ? 19.637  -5.435  7.802   1.00 74.99  ? 102 8OS B O4    1 
HETATM 671 C  C9    . 8OS F 2 .  ? 18.294  -3.779  9.090   1.00 86.04  ? 102 8OS B C9    1 
HETATM 672 C  C10   . 8OS F 2 .  ? 18.754  -2.957  10.358  1.00 99.41  ? 102 8OS B C10   1 
HETATM 673 O  O5    . 8OS F 2 .  ? 17.863  -1.826  10.688  1.00 111.13 ? 102 8OS B O5    1 
HETATM 674 P  P1    . 8OS F 2 .  ? 17.747  -1.142  12.190  1.00 114.93 ? 102 8OS B P1    1 
HETATM 675 O  O6    . 8OS F 2 .  ? 19.030  -0.172  12.261  1.00 104.23 ? 102 8OS B O6    1 
HETATM 676 O  O7    . 8OS F 2 .  ? 17.900  -2.229  13.179  1.00 102.19 ? 102 8OS B O7    1 
HETATM 677 C  C11   . 8OS F 2 .  ? 16.285  0.092   12.350  1.00 124.35 ? 102 8OS B C11   1 
HETATM 678 N  N6    . 8OS F 2 .  ? 15.298  0.255   11.460  1.00 128.26 ? 102 8OS B N6    1 
HETATM 679 C  C12   . 8OS F 2 .  ? 14.474  1.210   11.917  1.00 119.27 ? 102 8OS B C12   1 
HETATM 680 N  N7    . 8OS F 2 .  ? 14.953  1.644   13.085  1.00 127.34 ? 102 8OS B N7    1 
HETATM 681 C  C13   . 8OS F 2 .  ? 16.071  0.959   13.353  1.00 127.59 ? 102 8OS B C13   1 
HETATM 682 C  C14   . 8OS F 2 .  ? 16.924  1.168   14.629  1.00 117.93 ? 102 8OS B C14   1 
HETATM 683 O  O1    . 8OS G 2 .  ? 19.605  3.172   6.205   1.00 45.26  ? 103 8OS B O1    1 
HETATM 684 C  C1    . 8OS G 2 .  ? 20.035  2.360   5.341   1.00 34.01  ? 103 8OS B C1    1 
HETATM 685 N  N1    . 8OS G 2 .  ? 20.310  2.736   4.026   1.00 31.90  ? 103 8OS B N1    1 
HETATM 686 C  C2    . 8OS G 2 .  ? 20.820  1.897   3.080   1.00 31.49  ? 103 8OS B C2    1 
HETATM 687 N  N2    . 8OS G 2 .  ? 21.043  2.444   1.835   1.00 33.46  ? 103 8OS B N2    1 
HETATM 688 N  N3    . 8OS G 2 .  ? 21.108  0.618   3.421   1.00 39.15  ? 103 8OS B N3    1 
HETATM 689 C  C3    . 8OS G 2 .  ? 20.879  0.270   4.732   1.00 41.92  ? 103 8OS B C3    1 
HETATM 690 C  C4    . 8OS G 2 .  ? 20.347  1.123   5.654   1.00 42.21  ? 103 8OS B C4    1 
HETATM 691 N  N4    . 8OS G 2 .  ? 20.240  0.553   6.845   1.00 37.22  ? 103 8OS B N4    1 
HETATM 692 C  C5    . 8OS G 2 .  ? 20.653  -0.684  6.627   1.00 46.98  ? 103 8OS B C5    1 
HETATM 693 N  N5    . 8OS G 2 .  ? 21.066  -0.870  5.361   1.00 52.23  ? 103 8OS B N5    1 
HETATM 694 C  C6    . 8OS G 2 .  ? 21.589  -2.144  4.765   1.00 84.48  ? 103 8OS B C6    1 
HETATM 695 O  O2    . 8OS G 2 .  ? 21.686  -3.299  5.713   1.00 104.47 ? 103 8OS B O2    1 
HETATM 696 C  C7    . 8OS G 2 .  ? 22.979  -1.956  4.238   1.00 104.39 ? 103 8OS B C7    1 
HETATM 697 O  O3    . 8OS G 2 .  ? 23.217  -2.852  3.192   1.00 116.85 ? 103 8OS B O3    1 
HETATM 698 C  C8    . 8OS G 2 .  ? 23.834  -2.288  5.443   1.00 122.49 ? 103 8OS B C8    1 
HETATM 699 O  O4    . 8OS G 2 .  ? 25.192  -2.611  5.027   1.00 129.93 ? 103 8OS B O4    1 
HETATM 700 C  C9    . 8OS G 2 .  ? 23.104  -3.512  6.045   1.00 125.66 ? 103 8OS B C9    1 
HETATM 701 C  C10   . 8OS G 2 .  ? 23.357  -3.680  7.573   1.00 140.81 ? 103 8OS B C10   1 
HETATM 702 O  O5    . 8OS G 2 .  ? 24.532  -2.970  8.033   1.00 156.70 ? 103 8OS B O5    1 
HETATM 703 P  P1    . 8OS G 2 .  ? 24.656  -1.931  9.305   1.00 165.81 ? 103 8OS B P1    1 
HETATM 704 O  O6    . 8OS G 2 .  ? 25.628  -2.468  10.276  1.00 161.23 ? 103 8OS B O6    1 
HETATM 705 O  O7    . 8OS G 2 .  ? 25.373  -0.693  8.612   1.00 154.74 ? 103 8OS B O7    1 
HETATM 706 C  C11   . 8OS G 2 .  ? 23.065  -1.278  9.918   1.00 159.13 ? 103 8OS B C11   1 
HETATM 707 N  N6    . 8OS G 2 .  ? 22.305  -0.418  9.248   1.00 152.60 ? 103 8OS B N6    1 
HETATM 708 C  C12   . 8OS G 2 .  ? 21.233  -0.150  9.990   1.00 150.67 ? 103 8OS B C12   1 
HETATM 709 N  N7    . 8OS G 2 .  ? 21.341  -0.839  11.128  1.00 155.01 ? 103 8OS B N7    1 
HETATM 710 C  C13   . 8OS G 2 .  ? 22.471  -1.532  11.082  1.00 155.69 ? 103 8OS B C13   1 
HETATM 711 C  C14   . 8OS G 2 .  ? 22.956  -2.449  12.219  1.00 153.09 ? 103 8OS B C14   1 
HETATM 712 O  O     . HOH H 4 .  ? 4.880   -2.238  10.786  1.00 40.70  ? 201 HOH A O     1 
HETATM 713 O  O     . HOH H 4 .  ? 3.962   12.752  11.837  0.33 22.90  ? 202 HOH A O     1 
HETATM 714 O  O     . HOH H 4 .  ? 8.281   4.833   5.578   1.00 43.58  ? 203 HOH A O     1 
HETATM 715 O  O     . HOH H 4 .  ? 0.015   13.043  -5.256  1.00 36.75  ? 204 HOH A O     1 
HETATM 716 O  O     . HOH H 4 .  ? 1.102   12.253  10.412  0.33 31.32  ? 205 HOH A O     1 
HETATM 717 O  O     . HOH H 4 .  ? 2.739   0.025   -11.407 1.00 40.61  ? 206 HOH A O     1 
HETATM 718 O  O     . HOH H 4 .  ? 2.514   5.709   -0.434  1.00 37.59  ? 207 HOH A O     1 
HETATM 719 O  O     . HOH H 4 .  ? -2.956  -2.644  -10.916 1.00 34.12  ? 208 HOH A O     1 
HETATM 720 O  O     . HOH H 4 .  ? -3.508  10.670  -4.805  1.00 39.25  ? 209 HOH A O     1 
HETATM 721 O  O     . HOH H 4 .  ? 9.535   5.097   11.271  1.00 39.96  ? 210 HOH A O     1 
HETATM 722 O  O     . HOH H 4 .  ? 5.836   6.651   4.529   1.00 38.85  ? 211 HOH A O     1 
HETATM 723 O  O     . HOH H 4 .  ? -9.790  -4.389  -2.040  1.00 39.40  ? 212 HOH A O     1 
HETATM 724 O  O     . HOH H 4 .  ? 7.284   -4.077  13.448  1.00 38.33  ? 213 HOH A O     1 
HETATM 725 O  O     . HOH H 4 .  ? -0.823  8.047   8.825   1.00 40.16  ? 214 HOH A O     1 
HETATM 726 O  O     . HOH H 4 .  ? 5.592   3.876   2.777   1.00 41.27  ? 215 HOH A O     1 
HETATM 727 O  O     . HOH H 4 .  ? -1.984  0.268   -1.254  1.00 36.52  ? 216 HOH A O     1 
HETATM 728 O  O     . HOH H 4 .  ? -4.195  -1.991  -1.839  1.00 43.16  ? 217 HOH A O     1 
HETATM 729 O  O     . HOH H 4 .  ? 3.051   7.034   14.874  1.00 32.23  ? 218 HOH A O     1 
HETATM 730 O  O     . HOH H 4 .  ? 3.818   6.936   -2.505  1.00 39.00  ? 219 HOH A O     1 
HETATM 731 O  O     . HOH H 4 .  ? -4.554  9.578   -0.728  1.00 32.82  ? 220 HOH A O     1 
HETATM 732 O  O     . HOH H 4 .  ? 4.389   7.223   1.761   1.00 28.86  ? 221 HOH A O     1 
HETATM 733 O  O     . HOH H 4 .  ? 2.670   3.247   -4.220  1.00 35.06  ? 222 HOH A O     1 
HETATM 734 O  O     . HOH H 4 .  ? 10.460  4.691   8.532   1.00 35.63  ? 223 HOH A O     1 
HETATM 735 O  O     . HOH H 4 .  ? -2.332  11.552  8.645   0.33 40.71  ? 224 HOH A O     1 
HETATM 736 O  O     . HOH H 4 .  ? -10.085 -4.254  0.189   1.00 36.75  ? 225 HOH A O     1 
HETATM 737 O  O     . HOH H 4 .  ? 0.006   -0.542  -0.197  1.00 30.23  ? 226 HOH A O     1 
HETATM 738 O  O     . HOH H 4 .  ? -11.382 -2.582  -1.422  1.00 34.09  ? 227 HOH A O     1 
HETATM 739 O  O     . HOH I 4 .  ? -6.310  7.374   8.588   1.00 38.08  ? 201 HOH B O     1 
HETATM 740 O  O     . HOH I 4 .  ? -5.787  7.287   -9.133  1.00 44.46  ? 202 HOH B O     1 
HETATM 741 O  O     . HOH I 4 .  ? -10.493 9.870   4.428   0.33 24.81  ? 203 HOH B O     1 
HETATM 742 O  O     . HOH I 4 .  ? -5.309  0.782   2.547   1.00 35.50  ? 204 HOH B O     1 
HETATM 743 O  O     . HOH I 4 .  ? 16.105  -4.295  1.024   1.00 44.15  ? 205 HOH B O     1 
HETATM 744 O  O     . HOH I 4 .  ? 4.669   -2.934  0.471   1.00 35.10  ? 206 HOH B O     1 
HETATM 745 O  O     . HOH I 4 .  ? 6.161   -5.121  8.204   1.00 33.23  ? 207 HOH B O     1 
HETATM 746 O  O     . HOH I 4 .  ? -11.316 1.761   9.687   1.00 34.48  ? 208 HOH B O     1 
HETATM 747 O  O     . HOH I 4 .  ? 10.395  2.059   1.245   1.00 36.11  ? 209 HOH B O     1 
HETATM 748 O  O     . HOH I 4 .  ? -6.136  9.360   2.350   1.00 28.55  ? 210 HOH B O     1 
HETATM 749 O  O     . HOH I 4 .  ? 0.469   -7.421  9.065   1.00 40.38  ? 211 HOH B O     1 
HETATM 750 O  O     . HOH I 4 .  ? -14.020 9.140   2.627   0.33 34.91  ? 212 HOH B O     1 
HETATM 751 O  O     . HOH I 4 .  ? 4.526   0.085   0.985   1.00 35.30  ? 213 HOH B O     1 
HETATM 752 O  O     . HOH I 4 .  ? -11.328 11.916  -2.651  1.00 37.19  ? 214 HOH B O     1 
HETATM 753 O  O     . HOH I 4 .  ? -3.174  -1.997  4.747   1.00 32.01  ? 215 HOH B O     1 
HETATM 754 O  O     . HOH I 4 .  ? -3.865  5.663   -9.923  1.00 43.51  ? 216 HOH B O     1 
HETATM 755 O  O     . HOH I 4 .  ? 4.282   -9.640  4.117   1.00 36.95  ? 217 HOH B O     1 
HETATM 756 O  O     . HOH I 4 .  ? -9.874  2.337   -1.794  1.00 43.41  ? 218 HOH B O     1 
HETATM 757 O  O     . HOH I 4 .  ? 10.612  3.451   -0.955  1.00 20.77  ? 219 HOH B O     1 
HETATM 758 O  O     . HOH I 4 .  ? -2.468  -7.597  1.900   1.00 29.91  ? 220 HOH B O     1 
HETATM 759 O  O     . HOH I 4 .  ? 9.144   0.939   -6.977  1.00 44.35  ? 221 HOH B O     1 
HETATM 760 O  O     . HOH I 4 .  ? -10.702 0.004   -2.223  1.00 38.04  ? 222 HOH B O     1 
HETATM 761 O  O     . HOH I 4 .  ? -12.300 -1.810  6.127   1.00 28.53  ? 223 HOH B O     1 
# 
loop_
_pdbx_poly_seq_scheme.asym_id 
_pdbx_poly_seq_scheme.entity_id 
_pdbx_poly_seq_scheme.seq_id 
_pdbx_poly_seq_scheme.mon_id 
_pdbx_poly_seq_scheme.ndb_seq_num 
_pdbx_poly_seq_scheme.pdb_seq_num 
_pdbx_poly_seq_scheme.auth_seq_num 
_pdbx_poly_seq_scheme.pdb_mon_id 
_pdbx_poly_seq_scheme.auth_mon_id 
_pdbx_poly_seq_scheme.pdb_strand_id 
_pdbx_poly_seq_scheme.pdb_ins_code 
_pdbx_poly_seq_scheme.hetero 
A 1 1  LCC 1  1  1  LCC LCC A . n 
A 1 2  LCC 2  2  2  LCC LCC A . n 
A 1 3  LCA 3  3  3  LCA LCA A . n 
A 1 4  LCG 4  4  4  LCG LCG A . n 
A 1 5  A   5  5  5  A   A   A . n 
A 1 6  C   6  6  6  C   C   A . n 
A 1 7  U   7  7  7  U   U   A . n 
A 1 8  U   8  8  8  U   U   A . n 
A 1 9  A   9  9  9  A   A   A . n 
A 1 10 A   10 10 10 A   A   A . n 
A 1 11 G   11 11 11 G   G   A . n 
A 1 12 U   12 12 12 U   U   A . n 
A 1 13 C   13 13 13 C   C   A . n 
A 1 14 U   14 14 14 U   U   A . n 
B 1 1  LCC 1  1  1  LCC LCC B . n 
B 1 2  LCC 2  2  2  LCC LCC B . n 
B 1 3  LCA 3  3  3  LCA LCA B . n 
B 1 4  LCG 4  4  4  LCG LCG B . n 
B 1 5  A   5  5  5  A   A   B . n 
B 1 6  C   6  6  6  C   C   B . n 
B 1 7  U   7  7  7  U   U   B . n 
B 1 8  U   8  8  8  U   U   B . n 
B 1 9  A   9  9  9  A   A   B . n 
B 1 10 A   10 10 10 A   A   B . n 
B 1 11 G   11 11 11 G   G   B . n 
B 1 12 U   12 12 12 U   U   B . n 
B 1 13 C   13 13 13 C   C   B . n 
B 1 14 U   14 14 14 U   U   B . n 
# 
loop_
_pdbx_nonpoly_scheme.asym_id 
_pdbx_nonpoly_scheme.entity_id 
_pdbx_nonpoly_scheme.mon_id 
_pdbx_nonpoly_scheme.ndb_seq_num 
_pdbx_nonpoly_scheme.pdb_seq_num 
_pdbx_nonpoly_scheme.auth_seq_num 
_pdbx_nonpoly_scheme.pdb_mon_id 
_pdbx_nonpoly_scheme.auth_mon_id 
_pdbx_nonpoly_scheme.pdb_strand_id 
_pdbx_nonpoly_scheme.pdb_ins_code 
C 2 8OS 1  101 3  8OS rG  A . 
D 2 8OS 1  102 4  8OS rG  A . 
E 3 MG  1  101 1  MG  MG  B . 
F 2 8OS 1  102 1  8OS rG  B . 
G 2 8OS 1  103 2  8OS rG  B . 
H 4 HOH 1  201 13 HOH HOH A . 
H 4 HOH 2  202 26 HOH HOH A . 
H 4 HOH 3  203 53 HOH HOH A . 
H 4 HOH 4  204 21 HOH HOH A . 
H 4 HOH 5  205 27 HOH HOH A . 
H 4 HOH 6  206 35 HOH HOH A . 
H 4 HOH 7  207 17 HOH HOH A . 
H 4 HOH 8  208 1  HOH HOH A . 
H 4 HOH 9  209 40 HOH HOH A . 
H 4 HOH 10 210 10 HOH HOH A . 
H 4 HOH 11 211 25 HOH HOH A . 
H 4 HOH 12 212 2  HOH HOH A . 
H 4 HOH 13 213 12 HOH HOH A . 
H 4 HOH 14 214 28 HOH HOH A . 
H 4 HOH 15 215 24 HOH HOH A . 
H 4 HOH 16 216 51 HOH HOH A . 
H 4 HOH 17 217 55 HOH HOH A . 
H 4 HOH 18 218 14 HOH HOH A . 
H 4 HOH 19 219 22 HOH HOH A . 
H 4 HOH 20 220 20 HOH HOH A . 
H 4 HOH 21 221 23 HOH HOH A . 
H 4 HOH 22 222 54 HOH HOH A . 
H 4 HOH 23 223 9  HOH HOH A . 
H 4 HOH 24 224 29 HOH HOH A . 
H 4 HOH 25 225 45 HOH HOH A . 
H 4 HOH 26 226 5  HOH HOH A . 
H 4 HOH 27 227 42 HOH HOH A . 
I 4 HOH 1  201 36 HOH HOH B . 
I 4 HOH 2  202 39 HOH HOH B . 
I 4 HOH 3  203 19 HOH HOH B . 
I 4 HOH 4  204 32 HOH HOH B . 
I 4 HOH 5  205 49 HOH HOH B . 
I 4 HOH 6  206 30 HOH HOH B . 
I 4 HOH 7  207 11 HOH HOH B . 
I 4 HOH 8  208 41 HOH HOH B . 
I 4 HOH 9  209 8  HOH HOH B . 
I 4 HOH 10 210 18 HOH HOH B . 
I 4 HOH 11 211 15 HOH HOH B . 
I 4 HOH 12 212 60 HOH HOH B . 
I 4 HOH 13 213 6  HOH HOH B . 
I 4 HOH 14 214 37 HOH HOH B . 
I 4 HOH 15 215 31 HOH HOH B . 
I 4 HOH 16 216 56 HOH HOH B . 
I 4 HOH 17 217 48 HOH HOH B . 
I 4 HOH 18 218 38 HOH HOH B . 
I 4 HOH 19 219 7  HOH HOH B . 
I 4 HOH 20 220 4  HOH HOH B . 
I 4 HOH 21 221 16 HOH HOH B . 
I 4 HOH 22 222 43 HOH HOH B . 
I 4 HOH 23 223 33 HOH HOH B . 
# 
_pdbx_struct_assembly.id                   1 
_pdbx_struct_assembly.details              author_and_software_defined_assembly 
_pdbx_struct_assembly.method_details       PISA 
_pdbx_struct_assembly.oligomeric_details   dimeric 
_pdbx_struct_assembly.oligomeric_count     2 
# 
_pdbx_struct_assembly_gen.assembly_id       1 
_pdbx_struct_assembly_gen.oper_expression   1 
_pdbx_struct_assembly_gen.asym_id_list      A,B,C,D,E,F,G,H,I 
# 
loop_
_pdbx_struct_assembly_prop.biol_id 
_pdbx_struct_assembly_prop.type 
_pdbx_struct_assembly_prop.value 
_pdbx_struct_assembly_prop.details 
1 'ABSA (A^2)' 2770 ? 
1 MORE         5    ? 
1 'SSA (A^2)'  5860 ? 
# 
_pdbx_struct_oper_list.id                   1 
_pdbx_struct_oper_list.type                 'identity operation' 
_pdbx_struct_oper_list.name                 1_555 
_pdbx_struct_oper_list.symmetry_operation   x,y,z 
_pdbx_struct_oper_list.matrix[1][1]         1.0000000000 
_pdbx_struct_oper_list.matrix[1][2]         0.0000000000 
_pdbx_struct_oper_list.matrix[1][3]         0.0000000000 
_pdbx_struct_oper_list.vector[1]            0.0000000000 
_pdbx_struct_oper_list.matrix[2][1]         0.0000000000 
_pdbx_struct_oper_list.matrix[2][2]         1.0000000000 
_pdbx_struct_oper_list.matrix[2][3]         0.0000000000 
_pdbx_struct_oper_list.vector[2]            0.0000000000 
_pdbx_struct_oper_list.matrix[3][1]         0.0000000000 
_pdbx_struct_oper_list.matrix[3][2]         0.0000000000 
_pdbx_struct_oper_list.matrix[3][3]         1.0000000000 
_pdbx_struct_oper_list.vector[3]            0.0000000000 
# 
loop_
_pdbx_struct_special_symmetry.id 
_pdbx_struct_special_symmetry.PDB_model_num 
_pdbx_struct_special_symmetry.auth_asym_id 
_pdbx_struct_special_symmetry.auth_comp_id 
_pdbx_struct_special_symmetry.auth_seq_id 
_pdbx_struct_special_symmetry.PDB_ins_code 
_pdbx_struct_special_symmetry.label_asym_id 
_pdbx_struct_special_symmetry.label_comp_id 
_pdbx_struct_special_symmetry.label_seq_id 
1 1 B MG  101 ? E MG  . 
2 1 A HOH 202 ? H HOH . 
3 1 A HOH 205 ? H HOH . 
4 1 A HOH 224 ? H HOH . 
5 1 B HOH 203 ? I HOH . 
6 1 B HOH 212 ? I HOH . 
# 
loop_
_pdbx_struct_conn_angle.id 
_pdbx_struct_conn_angle.ptnr1_label_atom_id 
_pdbx_struct_conn_angle.ptnr1_label_alt_id 
_pdbx_struct_conn_angle.ptnr1_label_asym_id 
_pdbx_struct_conn_angle.ptnr1_label_comp_id 
_pdbx_struct_conn_angle.ptnr1_label_seq_id 
_pdbx_struct_conn_angle.ptnr1_auth_atom_id 
_pdbx_struct_conn_angle.ptnr1_auth_asym_id 
_pdbx_struct_conn_angle.ptnr1_auth_comp_id 
_pdbx_struct_conn_angle.ptnr1_auth_seq_id 
_pdbx_struct_conn_angle.ptnr1_PDB_ins_code 
_pdbx_struct_conn_angle.ptnr1_symmetry 
_pdbx_struct_conn_angle.ptnr2_label_atom_id 
_pdbx_struct_conn_angle.ptnr2_label_alt_id 
_pdbx_struct_conn_angle.ptnr2_label_asym_id 
_pdbx_struct_conn_angle.ptnr2_label_comp_id 
_pdbx_struct_conn_angle.ptnr2_label_seq_id 
_pdbx_struct_conn_angle.ptnr2_auth_atom_id 
_pdbx_struct_conn_angle.ptnr2_auth_asym_id 
_pdbx_struct_conn_angle.ptnr2_auth_comp_id 
_pdbx_struct_conn_angle.ptnr2_auth_seq_id 
_pdbx_struct_conn_angle.ptnr2_PDB_ins_code 
_pdbx_struct_conn_angle.ptnr2_symmetry 
_pdbx_struct_conn_angle.ptnr3_label_atom_id 
_pdbx_struct_conn_angle.ptnr3_label_alt_id 
_pdbx_struct_conn_angle.ptnr3_label_asym_id 
_pdbx_struct_conn_angle.ptnr3_label_comp_id 
_pdbx_struct_conn_angle.ptnr3_label_seq_id 
_pdbx_struct_conn_angle.ptnr3_auth_atom_id 
_pdbx_struct_conn_angle.ptnr3_auth_asym_id 
_pdbx_struct_conn_angle.ptnr3_auth_comp_id 
_pdbx_struct_conn_angle.ptnr3_auth_seq_id 
_pdbx_struct_conn_angle.ptnr3_PDB_ins_code 
_pdbx_struct_conn_angle.ptnr3_symmetry 
_pdbx_struct_conn_angle.value 
_pdbx_struct_conn_angle.value_esd 
1 O3 ? C 8OS . ? A 8OS 101 ? 1_555 MG ? E MG . ? B MG 101 ? 1_555 O4 ? C 8OS . ? A 8OS 101 ? 1_555 60.8 ? 
2 O3 ? C 8OS . ? A 8OS 101 ? 1_555 MG ? E MG . ? B MG 101 ? 1_555 O3 ? C 8OS . ? A 8OS 101 ? 1_555 0.0  ? 
3 O4 ? C 8OS . ? A 8OS 101 ? 1_555 MG ? E MG . ? B MG 101 ? 1_555 O3 ? C 8OS . ? A 8OS 101 ? 1_555 60.8 ? 
4 O3 ? C 8OS . ? A 8OS 101 ? 1_555 MG ? E MG . ? B MG 101 ? 1_555 O4 ? C 8OS . ? A 8OS 101 ? 1_555 60.8 ? 
5 O4 ? C 8OS . ? A 8OS 101 ? 1_555 MG ? E MG . ? B MG 101 ? 1_555 O4 ? C 8OS . ? A 8OS 101 ? 1_555 0.0  ? 
6 O3 ? C 8OS . ? A 8OS 101 ? 1_555 MG ? E MG . ? B MG 101 ? 1_555 O4 ? C 8OS . ? A 8OS 101 ? 1_555 60.8 ? 
# 
loop_
_pdbx_audit_revision_history.ordinal 
_pdbx_audit_revision_history.data_content_type 
_pdbx_audit_revision_history.major_revision 
_pdbx_audit_revision_history.minor_revision 
_pdbx_audit_revision_history.revision_date 
1 'Structure model' 1 0 2017-03-08 
2 'Structure model' 1 1 2017-09-20 
3 'Structure model' 1 2 2018-02-21 
4 'Structure model' 1 3 2018-03-14 
5 'Structure model' 1 4 2019-11-27 
6 'Structure model' 1 5 2023-10-04 
# 
_pdbx_audit_revision_details.ordinal             1 
_pdbx_audit_revision_details.revision_ordinal    1 
_pdbx_audit_revision_details.data_content_type   'Structure model' 
_pdbx_audit_revision_details.provider            repository 
_pdbx_audit_revision_details.type                'Initial release' 
_pdbx_audit_revision_details.description         ? 
_pdbx_audit_revision_details.details             ? 
# 
loop_
_pdbx_audit_revision_group.ordinal 
_pdbx_audit_revision_group.revision_ordinal 
_pdbx_audit_revision_group.data_content_type 
_pdbx_audit_revision_group.group 
1 2 'Structure model' 'Author supporting evidence' 
2 3 'Structure model' 'Database references'        
3 4 'Structure model' 'Database references'        
4 5 'Structure model' 'Author supporting evidence' 
5 6 'Structure model' 'Data collection'            
6 6 'Structure model' 'Database references'        
7 6 'Structure model' 'Refinement description'     
# 
loop_
_pdbx_audit_revision_category.ordinal 
_pdbx_audit_revision_category.revision_ordinal 
_pdbx_audit_revision_category.data_content_type 
_pdbx_audit_revision_category.category 
1 2 'Structure model' pdbx_audit_support            
2 3 'Structure model' citation                      
3 3 'Structure model' citation_author               
4 4 'Structure model' citation                      
5 5 'Structure model' pdbx_audit_support            
6 6 'Structure model' chem_comp_atom                
7 6 'Structure model' chem_comp_bond                
8 6 'Structure model' database_2                    
9 6 'Structure model' pdbx_initial_refinement_model 
# 
loop_
_pdbx_audit_revision_item.ordinal 
_pdbx_audit_revision_item.revision_ordinal 
_pdbx_audit_revision_item.data_content_type 
_pdbx_audit_revision_item.item 
1  2 'Structure model' '_pdbx_audit_support.funding_organization' 
2  3 'Structure model' '_citation.country'                        
3  3 'Structure model' '_citation.journal_abbrev'                 
4  3 'Structure model' '_citation.journal_id_ASTM'                
5  3 'Structure model' '_citation.journal_id_CSD'                 
6  3 'Structure model' '_citation.journal_id_ISSN'                
7  3 'Structure model' '_citation.pdbx_database_id_DOI'           
8  3 'Structure model' '_citation.pdbx_database_id_PubMed'        
9  3 'Structure model' '_citation.title'                          
10 3 'Structure model' '_citation.year'                           
11 4 'Structure model' '_citation.journal_volume'                 
12 4 'Structure model' '_citation.page_first'                     
13 4 'Structure model' '_citation.page_last'                      
14 4 'Structure model' '_citation.title'                          
15 5 'Structure model' '_pdbx_audit_support.funding_organization' 
16 6 'Structure model' '_database_2.pdbx_DOI'                     
17 6 'Structure model' '_database_2.pdbx_database_accession'      
# 
loop_
_software.citation_id 
_software.classification 
_software.compiler_name 
_software.compiler_version 
_software.contact_author 
_software.contact_author_email 
_software.date 
_software.description 
_software.dependencies 
_software.hardware 
_software.language 
_software.location 
_software.mods 
_software.name 
_software.os 
_software.os_version 
_software.type 
_software.version 
_software.pdbx_ordinal 
? refinement       ? ? ? ? ? ? ? ? ? ? ? REFMAC   ? ? ? 5.8.0135 1 
? 'data reduction' ? ? ? ? ? ? ? ? ? ? ? HKL-2000 ? ? ? .        2 
? 'data scaling'   ? ? ? ? ? ? ? ? ? ? ? HKL-2000 ? ? ? .        3 
? phasing          ? ? ? ? ? ? ? ? ? ? ? PHASER   ? ? ? .        4 
# 
_pdbx_validate_close_contact.id               1 
_pdbx_validate_close_contact.PDB_model_num    1 
_pdbx_validate_close_contact.auth_atom_id_1   N4 
_pdbx_validate_close_contact.auth_asym_id_1   B 
_pdbx_validate_close_contact.auth_comp_id_1   LCC 
_pdbx_validate_close_contact.auth_seq_id_1    2 
_pdbx_validate_close_contact.PDB_ins_code_1   ? 
_pdbx_validate_close_contact.label_alt_id_1   ? 
_pdbx_validate_close_contact.auth_atom_id_2   O1 
_pdbx_validate_close_contact.auth_asym_id_2   B 
_pdbx_validate_close_contact.auth_comp_id_2   8OS 
_pdbx_validate_close_contact.auth_seq_id_2    102 
_pdbx_validate_close_contact.PDB_ins_code_2   ? 
_pdbx_validate_close_contact.label_alt_id_2   ? 
_pdbx_validate_close_contact.dist             2.16 
# 
_pdbx_validate_symm_contact.id                1 
_pdbx_validate_symm_contact.PDB_model_num     1 
_pdbx_validate_symm_contact.auth_atom_id_1    O3 
_pdbx_validate_symm_contact.auth_asym_id_1    A 
_pdbx_validate_symm_contact.auth_comp_id_1    8OS 
_pdbx_validate_symm_contact.auth_seq_id_1     102 
_pdbx_validate_symm_contact.PDB_ins_code_1    ? 
_pdbx_validate_symm_contact.label_alt_id_1    ? 
_pdbx_validate_symm_contact.site_symmetry_1   1_555 
_pdbx_validate_symm_contact.auth_atom_id_2    O3 
_pdbx_validate_symm_contact.auth_asym_id_2    A 
_pdbx_validate_symm_contact.auth_comp_id_2    8OS 
_pdbx_validate_symm_contact.auth_seq_id_2     102 
_pdbx_validate_symm_contact.PDB_ins_code_2    ? 
_pdbx_validate_symm_contact.label_alt_id_2    ? 
_pdbx_validate_symm_contact.site_symmetry_2   4_555 
_pdbx_validate_symm_contact.dist              1.80 
# 
loop_
_pdbx_validate_rmsd_bond.id 
_pdbx_validate_rmsd_bond.PDB_model_num 
_pdbx_validate_rmsd_bond.auth_atom_id_1 
_pdbx_validate_rmsd_bond.auth_asym_id_1 
_pdbx_validate_rmsd_bond.auth_comp_id_1 
_pdbx_validate_rmsd_bond.auth_seq_id_1 
_pdbx_validate_rmsd_bond.PDB_ins_code_1 
_pdbx_validate_rmsd_bond.label_alt_id_1 
_pdbx_validate_rmsd_bond.auth_atom_id_2 
_pdbx_validate_rmsd_bond.auth_asym_id_2 
_pdbx_validate_rmsd_bond.auth_comp_id_2 
_pdbx_validate_rmsd_bond.auth_seq_id_2 
_pdbx_validate_rmsd_bond.PDB_ins_code_2 
_pdbx_validate_rmsd_bond.label_alt_id_2 
_pdbx_validate_rmsd_bond.bond_value 
_pdbx_validate_rmsd_bond.bond_target_value 
_pdbx_validate_rmsd_bond.bond_deviation 
_pdbx_validate_rmsd_bond.bond_standard_deviation 
_pdbx_validate_rmsd_bond.linker_flag 
1 1 "O3'" A LCA 3 ? ? P   A LCG 4 ? ? 1.705 1.607 0.098  0.012 Y 
2 1 "O3'" A U   8 ? ? P   A A   9 ? ? 1.533 1.607 -0.074 0.012 Y 
3 1 "O3'" B LCC 2 ? ? P   B LCA 3 ? ? 1.702 1.607 0.095  0.012 Y 
4 1 P     B A   5 ? ? OP2 B A   5 ? ? 1.371 1.485 -0.114 0.017 N 
5 1 "O3'" B U   8 ? ? P   B A   9 ? ? 1.534 1.607 -0.073 0.012 Y 
# 
loop_
_pdbx_validate_rmsd_angle.id 
_pdbx_validate_rmsd_angle.PDB_model_num 
_pdbx_validate_rmsd_angle.auth_atom_id_1 
_pdbx_validate_rmsd_angle.auth_asym_id_1 
_pdbx_validate_rmsd_angle.auth_comp_id_1 
_pdbx_validate_rmsd_angle.auth_seq_id_1 
_pdbx_validate_rmsd_angle.PDB_ins_code_1 
_pdbx_validate_rmsd_angle.label_alt_id_1 
_pdbx_validate_rmsd_angle.auth_atom_id_2 
_pdbx_validate_rmsd_angle.auth_asym_id_2 
_pdbx_validate_rmsd_angle.auth_comp_id_2 
_pdbx_validate_rmsd_angle.auth_seq_id_2 
_pdbx_validate_rmsd_angle.PDB_ins_code_2 
_pdbx_validate_rmsd_angle.label_alt_id_2 
_pdbx_validate_rmsd_angle.auth_atom_id_3 
_pdbx_validate_rmsd_angle.auth_asym_id_3 
_pdbx_validate_rmsd_angle.auth_comp_id_3 
_pdbx_validate_rmsd_angle.auth_seq_id_3 
_pdbx_validate_rmsd_angle.PDB_ins_code_3 
_pdbx_validate_rmsd_angle.label_alt_id_3 
_pdbx_validate_rmsd_angle.angle_value 
_pdbx_validate_rmsd_angle.angle_target_value 
_pdbx_validate_rmsd_angle.angle_deviation 
_pdbx_validate_rmsd_angle.angle_standard_deviation 
_pdbx_validate_rmsd_angle.linker_flag 
1 1 "C3'" A LCC 2  ? ? "O3'" A LCC 2  ? ? P     A LCA 3  ? ? 131.05 119.70 11.35  1.20 Y 
2 1 "O3'" A LCC 2  ? ? P     A LCA 3  ? ? "O5'" A LCA 3  ? ? 91.63  104.00 -12.37 1.90 Y 
3 1 "O5'" A A   10 ? ? P     A A   10 ? ? OP2   A A   10 ? ? 98.89  105.70 -6.81  0.90 N 
4 1 "O5'" A G   11 ? ? P     A G   11 ? ? OP2   A G   11 ? ? 100.21 105.70 -5.49  0.90 N 
# 
loop_
_chem_comp_atom.comp_id 
_chem_comp_atom.atom_id 
_chem_comp_atom.type_symbol 
_chem_comp_atom.pdbx_aromatic_flag 
_chem_comp_atom.pdbx_stereo_config 
_chem_comp_atom.pdbx_ordinal 
8OS O1     O  N N 1   
8OS C1     C  N N 2   
8OS N1     N  N N 3   
8OS C2     C  N N 4   
8OS N2     N  N N 5   
8OS N3     N  N N 6   
8OS C3     C  Y N 7   
8OS C4     C  Y N 8   
8OS N4     N  Y N 9   
8OS C5     C  Y N 10  
8OS N5     N  Y N 11  
8OS C6     C  N R 12  
8OS O2     O  N N 13  
8OS C7     C  N R 14  
8OS O3     O  N N 15  
8OS C8     C  N S 16  
8OS O4     O  N N 17  
8OS C9     C  N R 18  
8OS C10    C  N N 19  
8OS O5     O  N N 20  
8OS P1     P  N N 21  
8OS O6     O  N N 22  
8OS O7     O  N N 23  
8OS C11    C  Y N 24  
8OS N6     N  Y N 25  
8OS C12    C  Y N 26  
8OS N7     N  Y N 27  
8OS C13    C  Y N 28  
8OS C14    C  N N 29  
8OS H1     H  N N 30  
8OS H2     H  N N 31  
8OS H3     H  N N 32  
8OS H4     H  N N 33  
8OS H5     H  N N 34  
8OS H6     H  N N 35  
8OS H7     H  N N 36  
8OS H8     H  N N 37  
8OS H9     H  N N 38  
8OS H10    H  N N 39  
8OS H11    H  N N 40  
8OS H12    H  N N 41  
8OS H13    H  N N 42  
8OS H14    H  N N 43  
8OS H15    H  N N 44  
8OS H17    H  N N 45  
8OS H18    H  N N 46  
8OS H19    H  N N 47  
A   OP3    O  N N 48  
A   P      P  N N 49  
A   OP1    O  N N 50  
A   OP2    O  N N 51  
A   "O5'"  O  N N 52  
A   "C5'"  C  N N 53  
A   "C4'"  C  N R 54  
A   "O4'"  O  N N 55  
A   "C3'"  C  N S 56  
A   "O3'"  O  N N 57  
A   "C2'"  C  N R 58  
A   "O2'"  O  N N 59  
A   "C1'"  C  N R 60  
A   N9     N  Y N 61  
A   C8     C  Y N 62  
A   N7     N  Y N 63  
A   C5     C  Y N 64  
A   C6     C  Y N 65  
A   N6     N  N N 66  
A   N1     N  Y N 67  
A   C2     C  Y N 68  
A   N3     N  Y N 69  
A   C4     C  Y N 70  
A   HOP3   H  N N 71  
A   HOP2   H  N N 72  
A   "H5'"  H  N N 73  
A   "H5''" H  N N 74  
A   "H4'"  H  N N 75  
A   "H3'"  H  N N 76  
A   "HO3'" H  N N 77  
A   "H2'"  H  N N 78  
A   "HO2'" H  N N 79  
A   "H1'"  H  N N 80  
A   H8     H  N N 81  
A   H61    H  N N 82  
A   H62    H  N N 83  
A   H2     H  N N 84  
C   OP3    O  N N 85  
C   P      P  N N 86  
C   OP1    O  N N 87  
C   OP2    O  N N 88  
C   "O5'"  O  N N 89  
C   "C5'"  C  N N 90  
C   "C4'"  C  N R 91  
C   "O4'"  O  N N 92  
C   "C3'"  C  N S 93  
C   "O3'"  O  N N 94  
C   "C2'"  C  N R 95  
C   "O2'"  O  N N 96  
C   "C1'"  C  N R 97  
C   N1     N  N N 98  
C   C2     C  N N 99  
C   O2     O  N N 100 
C   N3     N  N N 101 
C   C4     C  N N 102 
C   N4     N  N N 103 
C   C5     C  N N 104 
C   C6     C  N N 105 
C   HOP3   H  N N 106 
C   HOP2   H  N N 107 
C   "H5'"  H  N N 108 
C   "H5''" H  N N 109 
C   "H4'"  H  N N 110 
C   "H3'"  H  N N 111 
C   "HO3'" H  N N 112 
C   "H2'"  H  N N 113 
C   "HO2'" H  N N 114 
C   "H1'"  H  N N 115 
C   H41    H  N N 116 
C   H42    H  N N 117 
C   H5     H  N N 118 
C   H6     H  N N 119 
G   OP3    O  N N 120 
G   P      P  N N 121 
G   OP1    O  N N 122 
G   OP2    O  N N 123 
G   "O5'"  O  N N 124 
G   "C5'"  C  N N 125 
G   "C4'"  C  N R 126 
G   "O4'"  O  N N 127 
G   "C3'"  C  N S 128 
G   "O3'"  O  N N 129 
G   "C2'"  C  N R 130 
G   "O2'"  O  N N 131 
G   "C1'"  C  N R 132 
G   N9     N  Y N 133 
G   C8     C  Y N 134 
G   N7     N  Y N 135 
G   C5     C  Y N 136 
G   C6     C  N N 137 
G   O6     O  N N 138 
G   N1     N  N N 139 
G   C2     C  N N 140 
G   N2     N  N N 141 
G   N3     N  N N 142 
G   C4     C  Y N 143 
G   HOP3   H  N N 144 
G   HOP2   H  N N 145 
G   "H5'"  H  N N 146 
G   "H5''" H  N N 147 
G   "H4'"  H  N N 148 
G   "H3'"  H  N N 149 
G   "HO3'" H  N N 150 
G   "H2'"  H  N N 151 
G   "HO2'" H  N N 152 
G   "H1'"  H  N N 153 
G   H8     H  N N 154 
G   H1     H  N N 155 
G   H21    H  N N 156 
G   H22    H  N N 157 
HOH O      O  N N 158 
HOH H1     H  N N 159 
HOH H2     H  N N 160 
LCA P      P  N N 161 
LCA O1P    O  N N 162 
LCA "O5'"  O  N N 163 
LCA "C5'"  C  N N 164 
LCA "C3'"  C  N S 165 
LCA "C6'"  C  N N 166 
LCA N9     N  Y N 167 
LCA C8     C  Y N 168 
LCA C4     C  Y N 169 
LCA N7     N  Y N 170 
LCA C5     C  Y N 171 
LCA C6     C  Y N 172 
LCA "C2'"  C  N R 173 
LCA N6     N  N N 174 
LCA "C4'"  C  N R 175 
LCA "C1'"  C  N R 176 
LCA C2     C  Y N 177 
LCA N1     N  Y N 178 
LCA "O4'"  O  N N 179 
LCA O2P    O  N N 180 
LCA N3     N  Y N 181 
LCA "O3'"  O  N N 182 
LCA OXT    O  N N 183 
LCA "O2'"  O  N N 184 
LCA H1P    H  N N 185 
LCA "H5'1" H  N N 186 
LCA "H5'2" H  N N 187 
LCA "H3'"  H  N N 188 
LCA "H6'1" H  N N 189 
LCA "H6'2" H  N N 190 
LCA H8     H  N N 191 
LCA "H2'1" H  N N 192 
LCA H61    H  N N 193 
LCA H62    H  N N 194 
LCA "H1'"  H  N N 195 
LCA H2     H  N N 196 
LCA HB     H  N N 197 
LCA HA     H  N N 198 
LCC "O5'"  O  N N 199 
LCC "C5'"  C  N N 200 
LCC "C4'"  C  N R 201 
LCC "O4'"  O  N N 202 
LCC "C1'"  C  N R 203 
LCC N1     N  N N 204 
LCC C6     C  N N 205 
LCC C5     C  N N 206 
LCC C5M    C  N N 207 
LCC C4     C  N N 208 
LCC N4     N  N N 209 
LCC N3     N  N N 210 
LCC C2     C  N N 211 
LCC O2     O  N N 212 
LCC "C3'"  C  N S 213 
LCC "C2'"  C  N R 214 
LCC "O2'"  O  N N 215 
LCC "O3'"  O  N N 216 
LCC "C6'"  C  N N 217 
LCC P      P  N N 218 
LCC O1P    O  N N 219 
LCC O2P    O  N N 220 
LCC OXT    O  N N 221 
LCC "H5'1" H  N N 222 
LCC "H5'2" H  N N 223 
LCC "H1'"  H  N N 224 
LCC H6     H  N N 225 
LCC H5M1   H  N N 226 
LCC H5M2   H  N N 227 
LCC H5M3   H  N N 228 
LCC H41    H  N N 229 
LCC H42    H  N N 230 
LCC "H3'"  H  N N 231 
LCC "H2'1" H  N N 232 
LCC H3T    H  N N 233 
LCC "H6'1" H  N N 234 
LCC "H6'2" H  N N 235 
LCC H1P    H  N N 236 
LCC HXT    H  N N 237 
LCG P      P  N N 238 
LCG OP1    O  N N 239 
LCG "O5'"  O  N N 240 
LCG "C5'"  C  N N 241 
LCG "C3'"  C  N S 242 
LCG "C6'"  C  N N 243 
LCG N9     N  Y N 244 
LCG C8     C  Y N 245 
LCG C4     C  Y N 246 
LCG N7     N  Y N 247 
LCG C5     C  Y N 248 
LCG C6     C  N N 249 
LCG "C2'"  C  N R 250 
LCG O6     O  N N 251 
LCG "C4'"  C  N R 252 
LCG "C1'"  C  N R 253 
LCG C2     C  N N 254 
LCG N1     N  N N 255 
LCG "O4'"  O  N N 256 
LCG OP2    O  N N 257 
LCG N2     N  N N 258 
LCG N3     N  N N 259 
LCG "O2'"  O  N N 260 
LCG "O3'"  O  N N 261 
LCG OP3    O  N N 262 
LCG "H5'"  H  N N 263 
LCG "H5''" H  N N 264 
LCG "H3'"  H  N N 265 
LCG "H6'1" H  N N 266 
LCG "H6'2" H  N N 267 
LCG H8     H  N N 268 
LCG "H2'"  H  N N 269 
LCG "H1'"  H  N N 270 
LCG H1     H  N N 271 
LCG HOP2   H  N N 272 
LCG H21    H  N N 273 
LCG H22    H  N N 274 
LCG "HO3'" H  N N 275 
LCG HOP3   H  N N 276 
MG  MG     MG N N 277 
U   OP3    O  N N 278 
U   P      P  N N 279 
U   OP1    O  N N 280 
U   OP2    O  N N 281 
U   "O5'"  O  N N 282 
U   "C5'"  C  N N 283 
U   "C4'"  C  N R 284 
U   "O4'"  O  N N 285 
U   "C3'"  C  N S 286 
U   "O3'"  O  N N 287 
U   "C2'"  C  N R 288 
U   "O2'"  O  N N 289 
U   "C1'"  C  N R 290 
U   N1     N  N N 291 
U   C2     C  N N 292 
U   O2     O  N N 293 
U   N3     N  N N 294 
U   C4     C  N N 295 
U   O4     O  N N 296 
U   C5     C  N N 297 
U   C6     C  N N 298 
U   HOP3   H  N N 299 
U   HOP2   H  N N 300 
U   "H5'"  H  N N 301 
U   "H5''" H  N N 302 
U   "H4'"  H  N N 303 
U   "H3'"  H  N N 304 
U   "HO3'" H  N N 305 
U   "H2'"  H  N N 306 
U   "HO2'" H  N N 307 
U   "H1'"  H  N N 308 
U   H3     H  N N 309 
U   H5     H  N N 310 
U   H6     H  N N 311 
# 
loop_
_chem_comp_bond.comp_id 
_chem_comp_bond.atom_id_1 
_chem_comp_bond.atom_id_2 
_chem_comp_bond.value_order 
_chem_comp_bond.pdbx_aromatic_flag 
_chem_comp_bond.pdbx_stereo_config 
_chem_comp_bond.pdbx_ordinal 
8OS C14   C13    sing N N 1   
8OS O7    P1     doub N N 2   
8OS C13   N7     sing Y N 3   
8OS C13   C11    doub Y N 4   
8OS C10   C9     sing N N 5   
8OS C10   O5     sing N N 6   
8OS N7    C12    doub Y N 7   
8OS O4    C8     sing N N 8   
8OS P1    C11    sing N N 9   
8OS P1    O5     sing N N 10  
8OS P1    O6     sing N N 11  
8OS C11   N6     sing Y N 12  
8OS C9    C8     sing N N 13  
8OS C9    O2     sing N N 14  
8OS C8    C7     sing N N 15  
8OS C12   N6     sing Y N 16  
8OS O2    C6     sing N N 17  
8OS O3    C7     sing N N 18  
8OS C7    C6     sing N N 19  
8OS C6    N5     sing N N 20  
8OS C5    N5     sing Y N 21  
8OS C5    N4     doub Y N 22  
8OS N5    C3     sing Y N 23  
8OS N4    C4     sing Y N 24  
8OS C3    N3     sing N N 25  
8OS C3    C4     doub Y N 26  
8OS N3    C2     doub N N 27  
8OS C4    C1     sing N N 28  
8OS C2    N2     sing N N 29  
8OS C2    N1     sing N N 30  
8OS C1    N1     sing N N 31  
8OS C1    O1     doub N N 32  
8OS N1    H1     sing N N 33  
8OS N2    H2     sing N N 34  
8OS N2    H3     sing N N 35  
8OS C5    H4     sing N N 36  
8OS C6    H5     sing N N 37  
8OS C7    H6     sing N N 38  
8OS O3    H7     sing N N 39  
8OS C8    H8     sing N N 40  
8OS O4    H9     sing N N 41  
8OS C9    H10    sing N N 42  
8OS C10   H11    sing N N 43  
8OS C10   H12    sing N N 44  
8OS O6    H13    sing N N 45  
8OS N6    H14    sing N N 46  
8OS C12   H15    sing N N 47  
8OS C14   H17    sing N N 48  
8OS C14   H18    sing N N 49  
8OS C14   H19    sing N N 50  
A   OP3   P      sing N N 51  
A   OP3   HOP3   sing N N 52  
A   P     OP1    doub N N 53  
A   P     OP2    sing N N 54  
A   P     "O5'"  sing N N 55  
A   OP2   HOP2   sing N N 56  
A   "O5'" "C5'"  sing N N 57  
A   "C5'" "C4'"  sing N N 58  
A   "C5'" "H5'"  sing N N 59  
A   "C5'" "H5''" sing N N 60  
A   "C4'" "O4'"  sing N N 61  
A   "C4'" "C3'"  sing N N 62  
A   "C4'" "H4'"  sing N N 63  
A   "O4'" "C1'"  sing N N 64  
A   "C3'" "O3'"  sing N N 65  
A   "C3'" "C2'"  sing N N 66  
A   "C3'" "H3'"  sing N N 67  
A   "O3'" "HO3'" sing N N 68  
A   "C2'" "O2'"  sing N N 69  
A   "C2'" "C1'"  sing N N 70  
A   "C2'" "H2'"  sing N N 71  
A   "O2'" "HO2'" sing N N 72  
A   "C1'" N9     sing N N 73  
A   "C1'" "H1'"  sing N N 74  
A   N9    C8     sing Y N 75  
A   N9    C4     sing Y N 76  
A   C8    N7     doub Y N 77  
A   C8    H8     sing N N 78  
A   N7    C5     sing Y N 79  
A   C5    C6     sing Y N 80  
A   C5    C4     doub Y N 81  
A   C6    N6     sing N N 82  
A   C6    N1     doub Y N 83  
A   N6    H61    sing N N 84  
A   N6    H62    sing N N 85  
A   N1    C2     sing Y N 86  
A   C2    N3     doub Y N 87  
A   C2    H2     sing N N 88  
A   N3    C4     sing Y N 89  
C   OP3   P      sing N N 90  
C   OP3   HOP3   sing N N 91  
C   P     OP1    doub N N 92  
C   P     OP2    sing N N 93  
C   P     "O5'"  sing N N 94  
C   OP2   HOP2   sing N N 95  
C   "O5'" "C5'"  sing N N 96  
C   "C5'" "C4'"  sing N N 97  
C   "C5'" "H5'"  sing N N 98  
C   "C5'" "H5''" sing N N 99  
C   "C4'" "O4'"  sing N N 100 
C   "C4'" "C3'"  sing N N 101 
C   "C4'" "H4'"  sing N N 102 
C   "O4'" "C1'"  sing N N 103 
C   "C3'" "O3'"  sing N N 104 
C   "C3'" "C2'"  sing N N 105 
C   "C3'" "H3'"  sing N N 106 
C   "O3'" "HO3'" sing N N 107 
C   "C2'" "O2'"  sing N N 108 
C   "C2'" "C1'"  sing N N 109 
C   "C2'" "H2'"  sing N N 110 
C   "O2'" "HO2'" sing N N 111 
C   "C1'" N1     sing N N 112 
C   "C1'" "H1'"  sing N N 113 
C   N1    C2     sing N N 114 
C   N1    C6     sing N N 115 
C   C2    O2     doub N N 116 
C   C2    N3     sing N N 117 
C   N3    C4     doub N N 118 
C   C4    N4     sing N N 119 
C   C4    C5     sing N N 120 
C   N4    H41    sing N N 121 
C   N4    H42    sing N N 122 
C   C5    C6     doub N N 123 
C   C5    H5     sing N N 124 
C   C6    H6     sing N N 125 
G   OP3   P      sing N N 126 
G   OP3   HOP3   sing N N 127 
G   P     OP1    doub N N 128 
G   P     OP2    sing N N 129 
G   P     "O5'"  sing N N 130 
G   OP2   HOP2   sing N N 131 
G   "O5'" "C5'"  sing N N 132 
G   "C5'" "C4'"  sing N N 133 
G   "C5'" "H5'"  sing N N 134 
G   "C5'" "H5''" sing N N 135 
G   "C4'" "O4'"  sing N N 136 
G   "C4'" "C3'"  sing N N 137 
G   "C4'" "H4'"  sing N N 138 
G   "O4'" "C1'"  sing N N 139 
G   "C3'" "O3'"  sing N N 140 
G   "C3'" "C2'"  sing N N 141 
G   "C3'" "H3'"  sing N N 142 
G   "O3'" "HO3'" sing N N 143 
G   "C2'" "O2'"  sing N N 144 
G   "C2'" "C1'"  sing N N 145 
G   "C2'" "H2'"  sing N N 146 
G   "O2'" "HO2'" sing N N 147 
G   "C1'" N9     sing N N 148 
G   "C1'" "H1'"  sing N N 149 
G   N9    C8     sing Y N 150 
G   N9    C4     sing Y N 151 
G   C8    N7     doub Y N 152 
G   C8    H8     sing N N 153 
G   N7    C5     sing Y N 154 
G   C5    C6     sing N N 155 
G   C5    C4     doub Y N 156 
G   C6    O6     doub N N 157 
G   C6    N1     sing N N 158 
G   N1    C2     sing N N 159 
G   N1    H1     sing N N 160 
G   C2    N2     sing N N 161 
G   C2    N3     doub N N 162 
G   N2    H21    sing N N 163 
G   N2    H22    sing N N 164 
G   N3    C4     sing N N 165 
HOH O     H1     sing N N 166 
HOH O     H2     sing N N 167 
LCA P     O1P    sing N N 168 
LCA P     "O5'"  sing N N 169 
LCA P     O2P    doub N N 170 
LCA P     OXT    sing N N 171 
LCA O1P   H1P    sing N N 172 
LCA "O5'" "C5'"  sing N N 173 
LCA "C5'" "C4'"  sing N N 174 
LCA "C5'" "H5'1" sing N N 175 
LCA "C5'" "H5'2" sing N N 176 
LCA "C3'" "C2'"  sing N N 177 
LCA "C3'" "C4'"  sing N N 178 
LCA "C3'" "O3'"  sing N N 179 
LCA "C3'" "H3'"  sing N N 180 
LCA "C6'" "C4'"  sing N N 181 
LCA "C6'" "O2'"  sing N N 182 
LCA "C6'" "H6'1" sing N N 183 
LCA "C6'" "H6'2" sing N N 184 
LCA N9    C8     sing Y N 185 
LCA N9    C4     sing Y N 186 
LCA N9    "C1'"  sing N N 187 
LCA C8    N7     doub Y N 188 
LCA C8    H8     sing N N 189 
LCA C4    C5     doub Y N 190 
LCA C4    N3     sing Y N 191 
LCA N7    C5     sing Y N 192 
LCA C5    C6     sing Y N 193 
LCA C6    N6     sing N N 194 
LCA C6    N1     doub Y N 195 
LCA "C2'" "C1'"  sing N N 196 
LCA "C2'" "O2'"  sing N N 197 
LCA "C2'" "H2'1" sing N N 198 
LCA N6    H61    sing N N 199 
LCA N6    H62    sing N N 200 
LCA "C4'" "O4'"  sing N N 201 
LCA "C1'" "O4'"  sing N N 202 
LCA "C1'" "H1'"  sing N N 203 
LCA C2    N1     sing Y N 204 
LCA C2    N3     doub Y N 205 
LCA C2    H2     sing N N 206 
LCA "O3'" HB     sing N N 207 
LCA OXT   HA     sing N N 208 
LCC "O5'" "C5'"  sing N N 209 
LCC "O5'" P      sing N N 210 
LCC "C5'" "C4'"  sing N N 211 
LCC "C5'" "H5'1" sing N N 212 
LCC "C5'" "H5'2" sing N N 213 
LCC "C4'" "O4'"  sing N N 214 
LCC "C4'" "C3'"  sing N N 215 
LCC "C4'" "C6'"  sing N N 216 
LCC "O4'" "C1'"  sing N N 217 
LCC "C1'" N1     sing N N 218 
LCC "C1'" "C2'"  sing N N 219 
LCC "C1'" "H1'"  sing N N 220 
LCC N1    C6     sing N N 221 
LCC N1    C2     sing N N 222 
LCC C6    C5     doub N N 223 
LCC C6    H6     sing N N 224 
LCC C5    C5M    sing N N 225 
LCC C5    C4     sing N N 226 
LCC C5M   H5M1   sing N N 227 
LCC C5M   H5M2   sing N N 228 
LCC C5M   H5M3   sing N N 229 
LCC C4    N4     sing N N 230 
LCC C4    N3     doub N N 231 
LCC N4    H41    sing N N 232 
LCC N4    H42    sing N N 233 
LCC N3    C2     sing N N 234 
LCC C2    O2     doub N N 235 
LCC "C3'" "C2'"  sing N N 236 
LCC "C3'" "O3'"  sing N N 237 
LCC "C3'" "H3'"  sing N N 238 
LCC "C2'" "O2'"  sing N N 239 
LCC "C2'" "H2'1" sing N N 240 
LCC "O2'" "C6'"  sing N N 241 
LCC "O3'" H3T    sing N N 242 
LCC "C6'" "H6'1" sing N N 243 
LCC "C6'" "H6'2" sing N N 244 
LCC P     O1P    sing N N 245 
LCC P     O2P    doub N N 246 
LCC P     OXT    sing N N 247 
LCC O1P   H1P    sing N N 248 
LCC OXT   HXT    sing N N 249 
LCG P     OP1    doub N N 250 
LCG P     "O5'"  sing N N 251 
LCG P     OP2    sing N N 252 
LCG P     OP3    sing N N 253 
LCG "O5'" "C5'"  sing N N 254 
LCG "C5'" "C4'"  sing N N 255 
LCG "C5'" "H5'"  sing N N 256 
LCG "C5'" "H5''" sing N N 257 
LCG "C3'" "C2'"  sing N N 258 
LCG "C3'" "C4'"  sing N N 259 
LCG "C3'" "O3'"  sing N N 260 
LCG "C3'" "H3'"  sing N N 261 
LCG "C6'" "C4'"  sing N N 262 
LCG "C6'" "O2'"  sing N N 263 
LCG "C6'" "H6'1" sing N N 264 
LCG "C6'" "H6'2" sing N N 265 
LCG N9    C8     sing Y N 266 
LCG N9    C4     sing Y N 267 
LCG N9    "C1'"  sing N N 268 
LCG C8    N7     doub Y N 269 
LCG C8    H8     sing N N 270 
LCG C4    C5     doub Y N 271 
LCG C4    N3     sing N N 272 
LCG N7    C5     sing Y N 273 
LCG C5    C6     sing N N 274 
LCG C6    O6     doub N N 275 
LCG C6    N1     sing N N 276 
LCG "C2'" "C1'"  sing N N 277 
LCG "C2'" "O2'"  sing N N 278 
LCG "C2'" "H2'"  sing N N 279 
LCG "C4'" "O4'"  sing N N 280 
LCG "C1'" "O4'"  sing N N 281 
LCG "C1'" "H1'"  sing N N 282 
LCG C2    N1     sing N N 283 
LCG C2    N2     sing N N 284 
LCG C2    N3     doub N N 285 
LCG N1    H1     sing N N 286 
LCG OP2   HOP2   sing N N 287 
LCG N2    H21    sing N N 288 
LCG N2    H22    sing N N 289 
LCG "O3'" "HO3'" sing N N 290 
LCG OP3   HOP3   sing N N 291 
U   OP3   P      sing N N 292 
U   OP3   HOP3   sing N N 293 
U   P     OP1    doub N N 294 
U   P     OP2    sing N N 295 
U   P     "O5'"  sing N N 296 
U   OP2   HOP2   sing N N 297 
U   "O5'" "C5'"  sing N N 298 
U   "C5'" "C4'"  sing N N 299 
U   "C5'" "H5'"  sing N N 300 
U   "C5'" "H5''" sing N N 301 
U   "C4'" "O4'"  sing N N 302 
U   "C4'" "C3'"  sing N N 303 
U   "C4'" "H4'"  sing N N 304 
U   "O4'" "C1'"  sing N N 305 
U   "C3'" "O3'"  sing N N 306 
U   "C3'" "C2'"  sing N N 307 
U   "C3'" "H3'"  sing N N 308 
U   "O3'" "HO3'" sing N N 309 
U   "C2'" "O2'"  sing N N 310 
U   "C2'" "C1'"  sing N N 311 
U   "C2'" "H2'"  sing N N 312 
U   "O2'" "HO2'" sing N N 313 
U   "C1'" N1     sing N N 314 
U   "C1'" "H1'"  sing N N 315 
U   N1    C2     sing N N 316 
U   N1    C6     sing N N 317 
U   C2    O2     doub N N 318 
U   C2    N3     sing N N 319 
U   N3    C4     sing N N 320 
U   N3    H3     sing N N 321 
U   C4    O4     doub N N 322 
U   C4    C5     sing N N 323 
U   C5    C6     doub N N 324 
U   C5    H5     sing N N 325 
U   C6    H6     sing N N 326 
# 
_ndb_struct_conf_na.entry_id   5V0J 
_ndb_struct_conf_na.feature    'a-form double helix' 
# 
loop_
_ndb_struct_na_base_pair.model_number 
_ndb_struct_na_base_pair.i_label_asym_id 
_ndb_struct_na_base_pair.i_label_comp_id 
_ndb_struct_na_base_pair.i_label_seq_id 
_ndb_struct_na_base_pair.i_symmetry 
_ndb_struct_na_base_pair.j_label_asym_id 
_ndb_struct_na_base_pair.j_label_comp_id 
_ndb_struct_na_base_pair.j_label_seq_id 
_ndb_struct_na_base_pair.j_symmetry 
_ndb_struct_na_base_pair.shear 
_ndb_struct_na_base_pair.stretch 
_ndb_struct_na_base_pair.stagger 
_ndb_struct_na_base_pair.buckle 
_ndb_struct_na_base_pair.propeller 
_ndb_struct_na_base_pair.opening 
_ndb_struct_na_base_pair.pair_number 
_ndb_struct_na_base_pair.pair_name 
_ndb_struct_na_base_pair.i_auth_asym_id 
_ndb_struct_na_base_pair.i_auth_seq_id 
_ndb_struct_na_base_pair.i_PDB_ins_code 
_ndb_struct_na_base_pair.j_auth_asym_id 
_ndb_struct_na_base_pair.j_auth_seq_id 
_ndb_struct_na_base_pair.j_PDB_ins_code 
_ndb_struct_na_base_pair.hbond_type_28 
_ndb_struct_na_base_pair.hbond_type_12 
1 A LCA 3  1_555 B U   14 1_555 0.011  -0.113 -0.024 -2.296 -9.467  -0.650 1  A_LCA3:U14_B A 3  ? B 14 ? 20 1 
1 A LCG 4  1_555 B C   13 1_555 -0.332 -0.177 0.018  -4.354 -14.552 -0.294 2  A_LCG4:C13_B A 4  ? B 13 ? 19 1 
1 A A   5  1_555 B U   12 1_555 -0.047 -0.093 0.164  1.376  -11.859 -3.184 3  A_A5:U12_B   A 5  ? B 12 ? 20 1 
1 A C   6  1_555 B G   11 1_555 0.207  -0.142 0.065  6.707  -16.432 -0.300 4  A_C6:G11_B   A 6  ? B 11 ? 19 1 
1 A U   7  1_555 B A   10 1_555 -0.132 -0.194 -0.071 4.519  -11.699 -0.800 5  A_U7:A10_B   A 7  ? B 10 ? 20 1 
1 A U   8  1_555 B A   9  1_555 -0.086 -0.070 0.038  2.660  -17.297 4.337  6  A_U8:A9_B    A 8  ? B 9  ? 20 1 
1 A A   9  1_555 B U   8  1_555 0.043  -0.090 -0.003 -4.138 -13.935 1.331  7  A_A9:U8_B    A 9  ? B 8  ? 20 1 
1 A A   10 1_555 B U   7  1_555 0.062  -0.124 0.015  -3.431 -15.230 2.675  8  A_A10:U7_B   A 10 ? B 7  ? 20 1 
1 A G   11 1_555 B C   6  1_555 -0.219 -0.152 -0.012 -8.435 -14.267 0.186  9  A_G11:C6_B   A 11 ? B 6  ? 19 1 
1 A U   12 1_555 B A   5  1_555 -0.102 -0.125 0.142  -2.923 -9.135  -4.607 10 A_U12:A5_B   A 12 ? B 5  ? 20 1 
1 A C   13 1_555 B LCG 4  1_555 0.338  -0.174 -0.021 5.690  -14.747 0.203  11 A_C13:LCG4_B A 13 ? B 4  ? 19 1 
1 A U   14 1_555 B LCA 3  1_555 0.184  -0.132 0.000  6.924  -7.290  -1.710 12 A_U14:LCA3_B A 14 ? B 3  ? 20 1 
# 
loop_
_ndb_struct_na_base_pair_step.model_number 
_ndb_struct_na_base_pair_step.i_label_asym_id_1 
_ndb_struct_na_base_pair_step.i_label_comp_id_1 
_ndb_struct_na_base_pair_step.i_label_seq_id_1 
_ndb_struct_na_base_pair_step.i_symmetry_1 
_ndb_struct_na_base_pair_step.j_label_asym_id_1 
_ndb_struct_na_base_pair_step.j_label_comp_id_1 
_ndb_struct_na_base_pair_step.j_label_seq_id_1 
_ndb_struct_na_base_pair_step.j_symmetry_1 
_ndb_struct_na_base_pair_step.i_label_asym_id_2 
_ndb_struct_na_base_pair_step.i_label_comp_id_2 
_ndb_struct_na_base_pair_step.i_label_seq_id_2 
_ndb_struct_na_base_pair_step.i_symmetry_2 
_ndb_struct_na_base_pair_step.j_label_asym_id_2 
_ndb_struct_na_base_pair_step.j_label_comp_id_2 
_ndb_struct_na_base_pair_step.j_label_seq_id_2 
_ndb_struct_na_base_pair_step.j_symmetry_2 
_ndb_struct_na_base_pair_step.shift 
_ndb_struct_na_base_pair_step.slide 
_ndb_struct_na_base_pair_step.rise 
_ndb_struct_na_base_pair_step.tilt 
_ndb_struct_na_base_pair_step.roll 
_ndb_struct_na_base_pair_step.twist 
_ndb_struct_na_base_pair_step.x_displacement 
_ndb_struct_na_base_pair_step.y_displacement 
_ndb_struct_na_base_pair_step.helical_rise 
_ndb_struct_na_base_pair_step.inclination 
_ndb_struct_na_base_pair_step.tip 
_ndb_struct_na_base_pair_step.helical_twist 
_ndb_struct_na_base_pair_step.step_number 
_ndb_struct_na_base_pair_step.step_name 
_ndb_struct_na_base_pair_step.i_auth_asym_id_1 
_ndb_struct_na_base_pair_step.i_auth_seq_id_1 
_ndb_struct_na_base_pair_step.i_PDB_ins_code_1 
_ndb_struct_na_base_pair_step.j_auth_asym_id_1 
_ndb_struct_na_base_pair_step.j_auth_seq_id_1 
_ndb_struct_na_base_pair_step.j_PDB_ins_code_1 
_ndb_struct_na_base_pair_step.i_auth_asym_id_2 
_ndb_struct_na_base_pair_step.i_auth_seq_id_2 
_ndb_struct_na_base_pair_step.i_PDB_ins_code_2 
_ndb_struct_na_base_pair_step.j_auth_asym_id_2 
_ndb_struct_na_base_pair_step.j_auth_seq_id_2 
_ndb_struct_na_base_pair_step.j_PDB_ins_code_2 
1 A LCA 3  1_555 B U   14 1_555 A LCG 4  1_555 B C   13 1_555 0.293  -2.191 3.255 0.193  11.191 26.414 -6.613 -0.554 2.167 23.211 
-0.400 28.649 1  AA_LCA3LCG4:C13U14_BB A 3  ? B 14 ? A 4  ? B 13 ? 
1 A LCG 4  1_555 B C   13 1_555 A A   5  1_555 B U   12 1_555 -0.548 -1.397 3.089 -1.503 6.324  31.784 -3.512 0.741  2.789 11.399 
2.710  32.425 2  AA_LCG4A5:U12C13_BB   A 4  ? B 13 ? A 5  ? B 12 ? 
1 A A   5  1_555 B U   12 1_555 A C   6  1_555 B G   11 1_555 0.372  -1.320 3.151 2.103  5.013  32.624 -3.113 -0.321 2.938 8.847  
-3.712 33.062 3  AA_A5C6:G11U12_BB     A 5  ? B 12 ? A 6  ? B 11 ? 
1 A C   6  1_555 B G   11 1_555 A U   7  1_555 B A   10 1_555 -0.244 -1.464 3.259 -0.818 8.831  30.471 -4.203 0.306  2.743 16.372 
1.517  31.706 4  AA_C6U7:A10G11_BB     A 6  ? B 11 ? A 7  ? B 10 ? 
1 A U   7  1_555 B A   10 1_555 A U   8  1_555 B A   9  1_555 0.676  -1.295 3.245 -0.206 6.720  33.451 -3.226 -1.185 2.933 11.530 
0.353  34.101 5  AA_U7U8:A9A10_BB      A 7  ? B 10 ? A 8  ? B 9  ? 
1 A U   8  1_555 B A   9  1_555 A A   9  1_555 B U   8  1_555 -0.425 -1.499 3.242 -0.964 18.640 31.672 -4.632 0.559  2.082 31.016 
1.604  36.641 6  AA_U8A9:U8A9_BB       A 8  ? B 9  ? A 9  ? B 8  ? 
1 A A   9  1_555 B U   8  1_555 A A   10 1_555 B U   7  1_555 0.394  -1.255 3.239 1.668  11.093 30.849 -4.000 -0.431 2.659 20.041 
-3.013 32.778 7  AA_A9A10:U7U8_BB      A 9  ? B 8  ? A 10 ? B 7  ? 
1 A A   10 1_555 B U   7  1_555 A G   11 1_555 B C   6  1_555 0.113  -1.749 3.308 1.945  10.390 30.394 -4.886 0.119  2.588 19.106 
-3.577 32.139 8  AA_A10G11:C6U7_BB     A 10 ? B 7  ? A 11 ? B 6  ? 
1 A G   11 1_555 B C   6  1_555 A U   12 1_555 B A   5  1_555 -0.461 -1.537 3.147 -1.871 4.214  31.624 -3.508 0.521  2.945 7.682  
3.411  31.950 9  AA_G11U12:A5C6_BB     A 11 ? B 6  ? A 12 ? B 5  ? 
1 A U   12 1_555 B A   5  1_555 A C   13 1_555 B LCG 4  1_555 0.264  -1.229 3.075 1.307  4.484  32.169 -2.915 -0.263 2.890 8.039  
-2.343 32.497 10 AA_U12C13:LCG4A5_BB   A 12 ? B 5  ? A 13 ? B 4  ? 
1 A C   13 1_555 B LCG 4  1_555 A U   14 1_555 B LCA 3  1_555 -0.462 -2.174 3.175 -2.321 11.404 27.811 -6.169 0.486  2.166 22.518 
4.582  30.103 11 AA_C13U14:LCA3LCG4_BB A 13 ? B 4  ? A 14 ? B 3  ? 
# 
_pdbx_audit_support.funding_organization   'National Science Foundation (NSF, United States)' 
_pdbx_audit_support.country                'United States' 
_pdbx_audit_support.grant_number           ? 
_pdbx_audit_support.ordinal                1 
# 
loop_
_pdbx_entity_nonpoly.entity_id 
_pdbx_entity_nonpoly.name 
_pdbx_entity_nonpoly.comp_id 
2 "5'-O-[(S)-hydroxy(4-methyl-1H-imidazol-5-yl)phosphoryl]guanosine" 8OS 
3 'MAGNESIUM ION'                                                    MG  
4 water                                                              HOH 
# 
_pdbx_initial_refinement_model.id               1 
_pdbx_initial_refinement_model.entity_id_list   ? 
_pdbx_initial_refinement_model.type             'experimental model' 
_pdbx_initial_refinement_model.source_name      PDB 
_pdbx_initial_refinement_model.accession_code   5HBX 
_pdbx_initial_refinement_model.details          ? 
# 
_pdbx_struct_assembly_auth_evidence.id                     1 
_pdbx_struct_assembly_auth_evidence.assembly_id            1 
_pdbx_struct_assembly_auth_evidence.experimental_support   none 
_pdbx_struct_assembly_auth_evidence.details                ? 
# 
